data_5JRK
#
_entry.id   5JRK
#
_cell.length_a   111.105
_cell.length_b   133.501
_cell.length_c   169.070
_cell.angle_alpha   90.000
_cell.angle_beta   90.000
_cell.angle_gamma   90.000
#
_symmetry.space_group_name_H-M   'P 21 21 21'
#
loop_
_entity.id
_entity.type
_entity.pdbx_description
1 polymer 'Dipeptidyl aminopeptidases/acylaminoacyl-peptidases-like protein'
2 non-polymer beta-D-glucopyranose
#
_entity_poly.entity_id   1
_entity_poly.type   'polypeptide(L)'
_entity_poly.pdbx_seq_one_letter_code
;(MSE)GSSHHHHHHSSGLVPRGSH(MSE)KIALRSGLPAVALLAAAALSPAAQAGESKGRPWTLEDILTVPEVNEIALSD
NGRLAIYAAEIADLDAGKPRSHIRIVDVETGRTKELLTVDTIKSLRSVPGTQDWSALVDLGEGQQLYRIDTEGKLLPLIV
NPNPVPVGKAD(MSE)SFPLGGGIRPSHIGILDYDWSPDGKWLWYSQLRAKSDGPRVRFDEEVTALLGRRRSTIDVEVDF
FLRNPEGDTTRI(MSE)ARPSTDRVATRGGGRVLWRGNEVQFRIETSDGTLGGAFEFVAWNRVNRTVRTLAKQRDLLS
(MSE)SILVGPRGGQLSTSGLGSDRELIETSAEGRPHSYGRVAFDIGDSRSAGWKRSRDGKRVVIGTRGLGDARYGLALI
DKTGVRELRADASLTRCGFDG(MSE)LRSAICVEEG(MSE)SRPPRLVRVDLGTDKITDLGPISPRHEEIEPLQTIARTF
VSRDGYWSSGYVLLPRGHRAADRHPAVVVTHGTDADDRFAEPANQWNYPVQLLAERGYVVLLLNDPSPGQSKDL(MSE)D
A(MSE)HAWLRGKGPPDPETVQQKLWLTGVHSFEDAVTELAAEGLIDPARVGIAGYSRGSQ(MSE)VNVTVTNSK(MSE)
FRAASSGDGGFLEPAGYATGRSSYDAVYGGAPLSDNIERWRRFAPSLNADKVCAAVLQQVASASPSQIELFEALRAAGVA
TQISYYPGATAASDETHVFYLTTNRLRA(MSE)RENIAWFDYWLLDKRDADAPFPDHVVKWDRLKKNLPDRCAAAPSAWS
HPQFEK
;
_entity_poly.pdbx_strand_id   A,B
#
loop_
_chem_comp.id
_chem_comp.type
_chem_comp.name
_chem_comp.formula
BGC D-saccharide, beta linking beta-D-glucopyranose 'C6 H12 O6'
#
# COMPACT_ATOMS: atom_id res chain seq x y z
N LYS A 50 32.12 39.29 17.13
CA LYS A 50 32.49 38.74 15.83
C LYS A 50 31.45 37.75 15.32
N GLY A 51 30.95 36.90 16.21
CA GLY A 51 29.95 35.91 15.88
C GLY A 51 30.53 34.50 15.83
N ARG A 52 29.62 33.54 15.81
CA ARG A 52 29.96 32.13 15.80
C ARG A 52 29.51 31.48 14.49
N PRO A 53 30.16 30.40 14.06
CA PRO A 53 29.75 29.74 12.82
C PRO A 53 28.40 29.05 12.94
N TRP A 54 28.00 28.35 11.88
CA TRP A 54 26.71 27.68 11.83
C TRP A 54 26.89 26.24 12.30
N THR A 55 26.31 25.93 13.45
CA THR A 55 26.15 24.53 13.85
C THR A 55 24.94 23.94 13.14
N LEU A 56 24.97 22.62 12.96
CA LEU A 56 23.84 21.95 12.32
C LEU A 56 22.56 22.12 13.13
N GLU A 57 22.67 22.23 14.45
CA GLU A 57 21.49 22.40 15.30
C GLU A 57 20.83 23.75 15.06
N ASP A 58 21.61 24.77 14.68
CA ASP A 58 21.03 26.07 14.39
C ASP A 58 20.13 26.01 13.17
N ILE A 59 20.44 25.16 12.21
CA ILE A 59 19.55 24.97 11.07
C ILE A 59 18.28 24.25 11.50
N LEU A 60 18.38 23.38 12.50
CA LEU A 60 17.22 22.63 12.96
C LEU A 60 16.30 23.48 13.82
N THR A 61 16.87 24.37 14.61
CA THR A 61 16.14 25.15 15.60
C THR A 61 15.60 26.46 15.06
N VAL A 62 15.73 26.71 13.76
CA VAL A 62 15.21 27.97 13.21
C VAL A 62 13.70 28.01 13.39
N PRO A 63 13.14 29.08 13.97
CA PRO A 63 11.69 29.12 14.20
C PRO A 63 10.91 29.45 12.95
N GLU A 64 9.64 29.05 12.96
CA GLU A 64 8.69 29.38 11.92
C GLU A 64 7.47 30.00 12.57
N VAL A 65 7.09 31.19 12.11
CA VAL A 65 5.89 31.86 12.61
C VAL A 65 4.86 31.84 11.47
N ASN A 66 3.89 30.94 11.59
CA ASN A 66 2.73 30.93 10.69
C ASN A 66 1.49 31.52 11.32
N GLU A 67 1.54 31.90 12.60
CA GLU A 67 0.37 32.36 13.33
C GLU A 67 0.72 33.63 14.08
N ILE A 68 0.06 34.73 13.73
CA ILE A 68 0.23 36.00 14.42
C ILE A 68 -1.09 36.74 14.39
N ALA A 69 -1.43 37.40 15.50
CA ALA A 69 -2.71 38.07 15.64
C ALA A 69 -2.52 39.36 16.43
N LEU A 70 -3.41 40.32 16.19
CA LEU A 70 -3.32 41.63 16.80
C LEU A 70 -4.67 41.98 17.43
N SER A 71 -4.62 42.65 18.58
CA SER A 71 -5.86 43.06 19.24
C SER A 71 -6.58 44.10 18.39
N ASP A 72 -7.90 44.19 18.58
CA ASP A 72 -8.69 45.10 17.78
C ASP A 72 -8.28 46.55 17.99
N ASN A 73 -7.70 46.86 19.15
CA ASN A 73 -7.16 48.18 19.42
C ASN A 73 -5.66 48.29 19.13
N GLY A 74 -5.02 47.19 18.73
CA GLY A 74 -3.61 47.21 18.43
C GLY A 74 -2.70 47.36 19.62
N ARG A 75 -3.25 47.36 20.84
CA ARG A 75 -2.42 47.52 22.03
C ARG A 75 -1.54 46.30 22.27
N LEU A 76 -2.13 45.11 22.21
CA LEU A 76 -1.41 43.87 22.44
C LEU A 76 -1.52 42.96 21.23
N ALA A 77 -0.61 42.00 21.16
CA ALA A 77 -0.63 40.99 20.10
C ALA A 77 -0.24 39.65 20.70
N ILE A 78 -0.30 38.61 19.86
CA ILE A 78 0.10 37.27 20.27
C ILE A 78 0.54 36.52 19.03
N TYR A 79 1.52 35.64 19.19
CA TYR A 79 1.99 34.81 18.09
C TYR A 79 2.59 33.53 18.67
N ALA A 80 3.03 32.65 17.78
CA ALA A 80 3.59 31.37 18.16
C ALA A 80 4.74 31.03 17.25
N ALA A 81 5.85 30.60 17.85
CA ALA A 81 7.06 30.24 17.11
C ALA A 81 7.26 28.74 17.18
N GLU A 82 7.14 28.07 16.04
CA GLU A 82 7.37 26.63 15.97
C GLU A 82 8.87 26.36 15.93
N ILE A 83 9.36 25.66 16.95
CA ILE A 83 10.79 25.38 17.10
C ILE A 83 10.97 23.89 17.29
N ALA A 84 11.96 23.32 16.60
CA ALA A 84 12.25 21.90 16.73
C ALA A 84 12.85 21.61 18.10
N ASP A 85 12.24 20.67 18.82
CA ASP A 85 12.68 20.31 20.16
C ASP A 85 13.44 18.99 20.09
N LEU A 86 14.64 18.98 20.67
CA LEU A 86 15.46 17.76 20.66
C LEU A 86 14.94 16.73 21.64
N ASP A 87 14.56 17.15 22.85
CA ASP A 87 14.08 16.22 23.84
C ASP A 87 12.76 15.59 23.42
N ALA A 88 11.83 16.40 22.95
CA ALA A 88 10.56 15.87 22.45
C ALA A 88 10.71 15.16 21.11
N GLY A 89 11.78 15.45 20.36
CA GLY A 89 12.01 14.83 19.08
C GLY A 89 11.20 15.40 17.94
N LYS A 90 10.24 16.28 18.21
CA LYS A 90 9.39 16.88 17.20
C LYS A 90 9.20 18.34 17.55
N PRO A 91 8.77 19.17 16.59
CA PRO A 91 8.63 20.60 16.88
C PRO A 91 7.51 20.88 17.86
N ARG A 92 7.73 21.90 18.68
CA ARG A 92 6.72 22.42 19.58
C ARG A 92 6.56 23.91 19.33
N SER A 93 5.36 24.41 19.61
CA SER A 93 5.02 25.82 19.35
C SER A 93 5.05 26.59 20.66
N HIS A 94 5.95 27.56 20.74
CA HIS A 94 6.10 28.41 21.92
C HIS A 94 5.22 29.65 21.73
N ILE A 95 4.19 29.78 22.55
CA ILE A 95 3.24 30.88 22.44
C ILE A 95 3.76 32.06 23.25
N ARG A 96 3.75 33.24 22.65
CA ARG A 96 4.27 34.45 23.28
C ARG A 96 3.28 35.58 23.10
N ILE A 97 3.24 36.48 24.09
CA ILE A 97 2.43 37.68 24.04
C ILE A 97 3.35 38.88 24.01
N VAL A 98 2.96 39.90 23.25
CA VAL A 98 3.78 41.08 23.04
C VAL A 98 2.94 42.32 23.28
N ASP A 99 3.51 43.29 23.99
CA ASP A 99 2.92 44.61 24.11
C ASP A 99 3.50 45.47 22.99
N VAL A 100 2.66 45.83 22.02
CA VAL A 100 3.14 46.52 20.82
C VAL A 100 3.64 47.91 21.17
N GLU A 101 2.98 48.57 22.13
CA GLU A 101 3.41 49.90 22.55
C GLU A 101 4.77 49.85 23.24
N THR A 102 4.92 48.96 24.23
CA THR A 102 6.16 48.89 24.98
C THR A 102 7.24 48.13 24.24
N GLY A 103 6.88 47.02 23.58
CA GLY A 103 7.84 46.18 22.90
C GLY A 103 8.29 44.98 23.70
N ARG A 104 8.01 44.93 25.00
CA ARG A 104 8.41 43.81 25.82
C ARG A 104 7.50 42.62 25.57
N THR A 105 8.08 41.43 25.61
CA THR A 105 7.36 40.20 25.34
C THR A 105 7.43 39.27 26.54
N LYS A 106 6.40 38.44 26.69
CA LYS A 106 6.33 37.44 27.74
C LYS A 106 5.94 36.11 27.12
N GLU A 107 6.66 35.06 27.48
CA GLU A 107 6.35 33.71 27.01
C GLU A 107 5.34 33.04 27.92
N LEU A 108 4.33 32.41 27.32
CA LEU A 108 3.20 31.85 28.05
C LEU A 108 3.33 30.34 28.23
N LEU A 109 3.26 29.59 27.13
CA LEU A 109 3.23 28.14 27.20
C LEU A 109 3.89 27.58 25.94
N THR A 110 4.01 26.26 25.88
CA THR A 110 4.47 25.54 24.69
C THR A 110 3.50 24.41 24.41
N VAL A 111 2.80 24.49 23.28
CA VAL A 111 1.88 23.43 22.90
C VAL A 111 2.50 22.60 21.79
N ASP A 112 1.80 21.56 21.36
CA ASP A 112 2.28 20.76 20.24
C ASP A 112 1.98 21.45 18.91
N THR A 113 0.75 21.89 18.71
CA THR A 113 0.34 22.60 17.51
C THR A 113 -0.61 23.72 17.89
N ILE A 114 -0.57 24.81 17.12
CA ILE A 114 -1.52 25.90 17.26
C ILE A 114 -1.87 26.40 15.87
N LYS A 115 -3.17 26.56 15.60
CA LYS A 115 -3.65 26.93 14.28
C LYS A 115 -4.85 27.85 14.43
N SER A 116 -5.08 28.65 13.39
CA SER A 116 -6.23 29.55 13.31
C SER A 116 -6.31 30.47 14.53
N LEU A 117 -5.28 31.30 14.66
CA LEU A 117 -5.19 32.25 15.77
C LEU A 117 -5.86 33.55 15.37
N ARG A 118 -6.92 33.92 16.09
CA ARG A 118 -7.70 35.12 15.78
C ARG A 118 -8.04 35.84 17.07
N SER A 119 -8.45 37.09 16.94
CA SER A 119 -8.95 37.87 18.06
C SER A 119 -10.47 37.74 18.11
N VAL A 120 -10.99 37.48 19.31
CA VAL A 120 -12.42 37.25 19.49
C VAL A 120 -13.14 38.59 19.40
N PRO A 121 -14.05 38.76 18.44
CA PRO A 121 -14.78 40.03 18.35
C PRO A 121 -15.71 40.23 19.53
N GLY A 122 -15.87 41.50 19.92
CA GLY A 122 -16.61 41.84 21.09
C GLY A 122 -15.84 41.74 22.38
N THR A 123 -14.64 41.16 22.36
CA THR A 123 -13.80 41.03 23.54
C THR A 123 -12.38 41.44 23.19
N GLN A 124 -11.51 41.43 24.19
CA GLN A 124 -10.07 41.59 24.00
C GLN A 124 -9.33 40.28 23.97
N ASP A 125 -10.04 39.15 24.06
CA ASP A 125 -9.42 37.84 24.15
C ASP A 125 -9.03 37.34 22.76
N TRP A 126 -8.44 36.14 22.73
CA TRP A 126 -8.05 35.48 21.49
C TRP A 126 -8.62 34.07 21.47
N SER A 127 -8.72 33.52 20.26
CA SER A 127 -9.17 32.16 20.06
C SER A 127 -8.20 31.46 19.11
N ALA A 128 -7.99 30.17 19.35
CA ALA A 128 -7.07 29.40 18.53
C ALA A 128 -7.42 27.93 18.64
N LEU A 129 -6.93 27.15 17.68
CA LEU A 129 -7.01 25.69 17.73
C LEU A 129 -5.64 25.17 18.16
N VAL A 130 -5.56 24.69 19.38
CA VAL A 130 -4.29 24.24 19.94
C VAL A 130 -4.40 22.77 20.33
N ASP A 131 -3.27 22.09 20.30
CA ASP A 131 -3.16 20.72 20.76
C ASP A 131 -2.11 20.67 21.85
N LEU A 132 -2.53 20.31 23.05
CA LEU A 132 -1.64 20.17 24.20
C LEU A 132 -1.06 18.76 24.30
N GLY A 133 -1.32 17.92 23.31
CA GLY A 133 -0.95 16.52 23.32
C GLY A 133 -2.13 15.57 23.43
N GLU A 134 -3.30 16.07 23.79
CA GLU A 134 -4.52 15.28 23.86
C GLU A 134 -5.40 15.42 22.63
N GLY A 135 -4.96 16.14 21.61
CA GLY A 135 -5.74 16.41 20.43
C GLY A 135 -6.13 17.88 20.33
N GLN A 136 -6.41 18.29 19.10
CA GLN A 136 -6.62 19.71 18.78
C GLN A 136 -8.03 20.13 19.16
N GLN A 137 -8.13 21.15 20.01
CA GLN A 137 -9.41 21.69 20.43
C GLN A 137 -9.39 23.20 20.30
N LEU A 138 -10.58 23.79 20.35
CA LEU A 138 -10.71 25.25 20.29
C LEU A 138 -10.52 25.82 21.68
N TYR A 139 -9.54 26.72 21.81
CA TYR A 139 -9.18 27.31 23.10
C TYR A 139 -9.28 28.82 23.04
N ARG A 140 -9.56 29.41 24.20
CA ARG A 140 -9.68 30.86 24.36
C ARG A 140 -8.49 31.37 25.17
N ILE A 141 -7.94 32.51 24.76
CA ILE A 141 -6.78 33.11 25.41
C ILE A 141 -7.17 34.49 25.90
N ASP A 142 -7.15 34.69 27.21
CA ASP A 142 -7.56 35.96 27.78
C ASP A 142 -6.52 37.04 27.52
N THR A 143 -6.95 38.29 27.67
CA THR A 143 -6.09 39.44 27.40
C THR A 143 -4.85 39.47 28.29
N GLU A 144 -4.84 38.73 29.39
CA GLU A 144 -3.68 38.65 30.27
C GLU A 144 -2.71 37.54 29.86
N GLY A 145 -2.97 36.84 28.77
CA GLY A 145 -2.06 35.83 28.28
C GLY A 145 -2.13 34.49 28.98
N LYS A 146 -3.33 33.99 29.26
CA LYS A 146 -3.52 32.63 29.70
C LYS A 146 -4.69 32.02 28.93
N LEU A 147 -4.61 30.72 28.69
CA LEU A 147 -5.60 30.05 27.85
C LEU A 147 -6.45 29.10 28.68
N LEU A 148 -7.71 28.98 28.27
CA LEU A 148 -8.71 28.13 28.90
C LEU A 148 -9.55 27.50 27.80
N PRO A 149 -10.09 26.30 28.03
CA PRO A 149 -10.85 25.63 26.98
C PRO A 149 -12.10 26.41 26.59
N LEU A 150 -12.39 26.36 25.29
CA LEU A 150 -13.60 26.97 24.73
C LEU A 150 -14.60 25.91 24.32
N ILE A 151 -14.24 25.04 23.36
CA ILE A 151 -15.05 23.91 22.98
C ILE A 151 -14.15 22.68 22.86
N VAL A 152 -14.51 21.61 23.55
CA VAL A 152 -13.72 20.38 23.58
C VAL A 152 -14.57 19.24 23.06
N ASN A 153 -14.03 18.52 22.08
CA ASN A 153 -14.70 17.32 21.57
C ASN A 153 -14.19 16.11 22.35
N PRO A 154 -15.07 15.36 23.02
CA PRO A 154 -14.59 14.22 23.83
C PRO A 154 -13.95 13.11 23.02
N ASN A 155 -14.21 13.03 21.72
CA ASN A 155 -13.73 11.93 20.89
C ASN A 155 -13.03 12.48 19.66
N PRO A 156 -11.78 12.94 19.81
CA PRO A 156 -10.99 13.31 18.63
C PRO A 156 -10.67 12.08 17.80
N VAL A 157 -10.47 12.30 16.51
CA VAL A 157 -10.24 11.18 15.60
C VAL A 157 -8.81 11.24 15.09
N PRO A 158 -8.20 10.10 14.77
CA PRO A 158 -6.82 10.12 14.27
C PRO A 158 -6.75 10.65 12.85
N VAL A 159 -5.64 11.32 12.57
CA VAL A 159 -5.47 12.09 11.34
C VAL A 159 -4.01 11.96 10.89
N GLY A 160 -3.82 11.96 9.59
CA GLY A 160 -2.49 11.89 9.02
C GLY A 160 -2.11 10.49 8.58
N LYS A 161 -0.81 10.28 8.40
CA LYS A 161 -0.31 8.98 7.99
C LYS A 161 0.01 8.19 9.26
N ALA A 162 -0.84 7.24 9.58
CA ALA A 162 -0.71 6.40 10.76
C ALA A 162 -1.63 5.21 10.57
N ASP A 163 -1.39 4.17 11.35
CA ASP A 163 -2.29 3.03 11.36
C ASP A 163 -3.65 3.44 11.90
N MSE A 164 -4.71 3.03 11.20
CA MSE A 164 -6.09 3.28 11.61
C MSE A 164 -6.39 4.75 11.87
O MSE A 164 -7.06 5.10 12.84
CB MSE A 164 -6.44 2.45 12.85
CG MSE A 164 -6.32 0.96 12.64
SE MSE A 164 -7.64 0.25 11.41
CE MSE A 164 -9.24 0.68 12.42
N SER A 165 -5.89 5.61 10.98
CA SER A 165 -6.15 7.05 11.01
C SER A 165 -6.94 7.46 9.78
N PHE A 166 -7.25 8.76 9.70
CA PHE A 166 -7.93 9.33 8.56
C PHE A 166 -6.98 10.15 7.72
N PRO A 167 -6.87 9.90 6.42
CA PRO A 167 -5.99 10.70 5.57
C PRO A 167 -6.56 12.07 5.29
N LEU A 168 -6.36 13.00 6.23
CA LEU A 168 -7.04 14.28 6.19
C LEU A 168 -6.35 15.28 5.27
N GLY A 169 -5.21 15.80 5.69
CA GLY A 169 -4.57 16.90 5.00
C GLY A 169 -3.57 16.49 3.95
N GLY A 170 -3.70 15.27 3.43
CA GLY A 170 -2.75 14.78 2.47
C GLY A 170 -1.38 14.53 3.08
N GLY A 171 -1.33 13.70 4.11
CA GLY A 171 -0.07 13.37 4.76
C GLY A 171 0.53 14.45 5.64
N ILE A 172 -0.26 14.96 6.59
CA ILE A 172 0.27 15.85 7.61
C ILE A 172 0.68 15.00 8.82
N ARG A 173 1.11 15.66 9.90
CA ARG A 173 1.56 14.93 11.08
C ARG A 173 0.45 14.04 11.61
N PRO A 174 0.78 12.84 12.09
CA PRO A 174 -0.22 12.03 12.80
C PRO A 174 -0.60 12.69 14.11
N SER A 175 -1.91 12.82 14.34
CA SER A 175 -2.43 13.49 15.53
C SER A 175 -3.92 13.18 15.62
N HIS A 176 -4.57 13.82 16.60
CA HIS A 176 -6.00 13.70 16.80
C HIS A 176 -6.65 15.07 16.67
N ILE A 177 -7.78 15.12 15.99
CA ILE A 177 -8.48 16.38 15.72
C ILE A 177 -9.80 16.34 16.49
N GLY A 178 -9.87 17.12 17.56
CA GLY A 178 -11.13 17.34 18.25
C GLY A 178 -12.00 18.36 17.55
N ILE A 179 -11.40 19.49 17.19
CA ILE A 179 -12.09 20.57 16.48
C ILE A 179 -11.33 20.84 15.19
N LEU A 180 -12.05 20.84 14.07
CA LEU A 180 -11.43 21.01 12.76
C LEU A 180 -11.29 22.49 12.40
N ASP A 181 -12.41 23.20 12.27
CA ASP A 181 -12.40 24.60 11.92
C ASP A 181 -13.41 25.36 12.78
N TYR A 182 -13.25 26.67 12.83
CA TYR A 182 -14.16 27.52 13.59
C TYR A 182 -14.16 28.91 13.00
N ASP A 183 -15.24 29.65 13.25
CA ASP A 183 -15.27 31.07 12.96
C ASP A 183 -16.25 31.78 13.87
N TRP A 184 -15.88 33.00 14.28
CA TRP A 184 -16.77 33.87 15.05
C TRP A 184 -17.68 34.67 14.12
N SER A 185 -18.88 34.95 14.60
CA SER A 185 -19.71 35.97 13.98
C SER A 185 -19.07 37.34 14.20
N PRO A 186 -19.38 38.32 13.35
CA PRO A 186 -18.76 39.64 13.51
C PRO A 186 -19.03 40.27 14.87
N ASP A 187 -20.21 40.06 15.44
CA ASP A 187 -20.50 40.59 16.77
C ASP A 187 -19.88 39.76 17.89
N GLY A 188 -19.41 38.54 17.59
CA GLY A 188 -18.84 37.68 18.59
C GLY A 188 -19.84 36.86 19.38
N LYS A 189 -21.13 37.00 19.10
CA LYS A 189 -22.16 36.30 19.86
C LYS A 189 -22.30 34.85 19.42
N TRP A 190 -22.26 34.62 18.10
CA TRP A 190 -22.46 33.30 17.53
C TRP A 190 -21.12 32.64 17.23
N LEU A 191 -21.06 31.32 17.41
CA LEU A 191 -19.86 30.55 17.14
C LEU A 191 -20.19 29.40 16.21
N TRP A 192 -19.43 29.28 15.13
CA TRP A 192 -19.55 28.20 14.16
C TRP A 192 -18.30 27.34 14.27
N TYR A 193 -18.48 26.02 14.32
CA TYR A 193 -17.34 25.14 14.37
C TYR A 193 -17.72 23.78 13.78
N SER A 194 -16.71 23.09 13.27
CA SER A 194 -16.88 21.75 12.71
C SER A 194 -15.88 20.82 13.38
N GLN A 195 -16.28 19.57 13.53
CA GLN A 195 -15.42 18.57 14.15
C GLN A 195 -15.60 17.23 13.43
N LEU A 196 -14.51 16.47 13.40
CA LEU A 196 -14.52 15.17 12.75
C LEU A 196 -15.16 14.13 13.65
N ARG A 197 -15.98 13.28 13.05
CA ARG A 197 -16.63 12.18 13.75
C ARG A 197 -16.27 10.89 13.03
N ALA A 198 -15.56 10.01 13.72
CA ALA A 198 -15.25 8.70 13.16
C ALA A 198 -16.55 7.97 12.84
N LYS A 199 -16.53 7.23 11.73
CA LYS A 199 -17.73 6.57 11.25
C LYS A 199 -17.78 5.19 11.87
N SER A 200 -18.72 4.98 12.78
CA SER A 200 -18.86 3.70 13.48
C SER A 200 -19.79 2.84 12.65
N ASP A 201 -19.25 1.76 12.13
CA ASP A 201 -19.91 0.95 11.11
C ASP A 201 -19.00 -0.23 10.82
N GLY A 202 -19.58 -1.29 10.28
CA GLY A 202 -18.83 -2.50 10.04
C GLY A 202 -18.01 -2.40 8.78
N PRO A 203 -17.02 -3.27 8.65
CA PRO A 203 -16.32 -3.37 7.36
C PRO A 203 -17.30 -3.83 6.29
N ARG A 204 -17.34 -3.08 5.20
CA ARG A 204 -18.35 -3.28 4.17
C ARG A 204 -17.67 -3.59 2.83
N VAL A 205 -18.39 -4.34 2.00
CA VAL A 205 -17.87 -4.66 0.69
C VAL A 205 -17.85 -3.40 -0.16
N ARG A 206 -16.67 -3.05 -0.67
CA ARG A 206 -16.55 -1.89 -1.53
C ARG A 206 -16.67 -2.32 -2.98
N PHE A 207 -16.69 -1.35 -3.89
CA PHE A 207 -17.04 -1.61 -5.27
C PHE A 207 -16.25 -0.66 -6.17
N ASP A 208 -16.66 -0.58 -7.43
CA ASP A 208 -15.84 -0.16 -8.56
C ASP A 208 -14.92 1.02 -8.26
N GLU A 209 -15.48 2.22 -8.09
CA GLU A 209 -14.63 3.38 -7.85
C GLU A 209 -14.03 3.37 -6.45
N GLU A 210 -14.62 2.63 -5.52
CA GLU A 210 -14.11 2.63 -4.15
C GLU A 210 -12.86 1.77 -4.02
N VAL A 211 -12.69 0.79 -4.90
CA VAL A 211 -11.50 -0.05 -4.88
C VAL A 211 -10.31 0.69 -5.48
N THR A 212 -10.52 1.36 -6.61
CA THR A 212 -9.40 1.99 -7.31
C THR A 212 -8.77 3.11 -6.51
N ALA A 213 -9.50 3.71 -5.57
CA ALA A 213 -8.97 4.71 -4.66
C ALA A 213 -8.06 4.11 -3.61
N LEU A 214 -8.08 2.79 -3.44
CA LEU A 214 -7.24 2.08 -2.50
C LEU A 214 -5.95 1.57 -3.13
N LEU A 215 -5.68 1.95 -4.39
CA LEU A 215 -4.52 1.44 -5.12
C LEU A 215 -3.23 1.65 -4.35
N GLY A 216 -3.00 2.87 -3.89
CA GLY A 216 -1.71 3.21 -3.31
C GLY A 216 -1.64 3.20 -1.81
N ARG A 217 -2.54 2.46 -1.15
CA ARG A 217 -2.61 2.48 0.30
C ARG A 217 -1.40 1.78 0.90
N ARG A 218 -0.70 2.49 1.79
CA ARG A 218 0.40 1.91 2.55
C ARG A 218 0.02 1.53 3.98
N ARG A 219 -1.20 1.81 4.41
CA ARG A 219 -1.56 1.63 5.82
C ARG A 219 -3.08 1.52 5.94
N SER A 220 -3.54 1.35 7.18
CA SER A 220 -4.96 1.24 7.46
C SER A 220 -5.60 2.62 7.55
N THR A 221 -6.85 2.72 7.13
CA THR A 221 -7.59 3.97 7.10
C THR A 221 -8.95 3.78 7.75
N ILE A 222 -9.46 4.85 8.34
CA ILE A 222 -10.81 4.88 8.88
C ILE A 222 -11.61 5.91 8.10
N ASP A 223 -12.90 5.66 7.99
CA ASP A 223 -13.81 6.58 7.33
C ASP A 223 -14.47 7.47 8.38
N VAL A 224 -14.72 8.73 8.01
CA VAL A 224 -15.28 9.73 8.91
C VAL A 224 -16.38 10.50 8.18
N GLU A 225 -17.13 11.27 8.97
CA GLU A 225 -18.02 12.30 8.47
C GLU A 225 -17.70 13.61 9.17
N VAL A 226 -18.17 14.70 8.59
CA VAL A 226 -17.90 16.03 9.11
C VAL A 226 -19.21 16.63 9.62
N ASP A 227 -19.22 16.99 10.89
CA ASP A 227 -20.38 17.62 11.51
C ASP A 227 -20.13 19.12 11.65
N PHE A 228 -21.14 19.92 11.32
CA PHE A 228 -21.08 21.37 11.43
C PHE A 228 -22.07 21.83 12.48
N PHE A 229 -21.58 22.58 13.46
CA PHE A 229 -22.39 23.06 14.57
C PHE A 229 -22.43 24.58 14.58
N LEU A 230 -23.48 25.11 15.23
CA LEU A 230 -23.64 26.54 15.43
C LEU A 230 -24.02 26.78 16.89
N ARG A 231 -23.47 27.85 17.47
CA ARG A 231 -23.62 28.15 18.89
C ARG A 231 -24.25 29.52 19.05
N ASN A 232 -25.46 29.58 19.59
CA ASN A 232 -26.16 30.83 19.80
C ASN A 232 -25.59 31.56 21.00
N PRO A 233 -25.93 32.84 21.19
CA PRO A 233 -25.42 33.57 22.36
C PRO A 233 -25.81 32.96 23.68
N GLU A 234 -26.82 32.10 23.71
CA GLU A 234 -27.27 31.48 24.96
C GLU A 234 -26.46 30.26 25.35
N GLY A 235 -25.44 29.90 24.56
CA GLY A 235 -24.62 28.75 24.85
C GLY A 235 -25.14 27.44 24.32
N ASP A 236 -26.29 27.43 23.66
CA ASP A 236 -26.88 26.22 23.14
C ASP A 236 -26.40 25.98 21.71
N THR A 237 -25.98 24.76 21.42
CA THR A 237 -25.44 24.40 20.12
C THR A 237 -26.31 23.35 19.46
N THR A 238 -26.58 23.54 18.17
CA THR A 238 -27.28 22.56 17.36
C THR A 238 -26.43 22.22 16.14
N ARG A 239 -26.62 21.00 15.62
CA ARG A 239 -25.89 20.55 14.46
C ARG A 239 -26.60 21.02 13.21
N ILE A 240 -25.88 21.73 12.34
CA ILE A 240 -26.45 22.24 11.11
C ILE A 240 -26.62 21.09 10.12
N MSE A 241 -25.51 20.50 9.70
CA MSE A 241 -25.56 19.39 8.76
C MSE A 241 -24.37 18.46 8.93
O MSE A 241 -23.49 18.71 9.76
CB MSE A 241 -25.61 19.92 7.33
CG MSE A 241 -24.37 20.67 6.91
SE MSE A 241 -24.55 21.46 5.15
CE MSE A 241 -25.29 19.92 4.21
N ALA A 242 -24.36 17.40 8.13
CA ALA A 242 -23.29 16.41 8.16
C ALA A 242 -22.81 16.18 6.74
N ARG A 243 -21.49 16.18 6.56
CA ARG A 243 -20.91 16.05 5.23
C ARG A 243 -20.03 14.81 5.14
N PRO A 244 -20.01 14.14 3.99
CA PRO A 244 -19.18 12.93 3.87
C PRO A 244 -17.70 13.24 3.79
N SER A 245 -16.87 12.19 3.70
CA SER A 245 -15.44 12.37 3.58
C SER A 245 -15.03 12.77 2.16
N THR A 246 -15.90 12.55 1.18
CA THR A 246 -15.61 12.94 -0.19
C THR A 246 -15.68 14.44 -0.40
N ASP A 247 -16.08 15.20 0.61
CA ASP A 247 -16.15 16.65 0.52
C ASP A 247 -14.81 17.21 0.99
N ARG A 248 -14.03 17.73 0.04
CA ARG A 248 -12.64 18.08 0.33
C ARG A 248 -12.47 19.48 0.89
N VAL A 249 -13.47 20.35 0.75
CA VAL A 249 -13.39 21.63 1.44
C VAL A 249 -13.86 21.50 2.88
N ALA A 250 -14.73 20.52 3.15
CA ALA A 250 -15.22 20.32 4.51
C ALA A 250 -14.15 19.69 5.40
N THR A 251 -13.34 18.79 4.83
CA THR A 251 -12.28 18.14 5.60
C THR A 251 -11.02 18.97 5.70
N ARG A 252 -10.86 19.99 4.84
CA ARG A 252 -9.63 20.76 4.83
C ARG A 252 -9.58 21.77 5.96
N GLY A 253 -10.69 22.46 6.23
CA GLY A 253 -10.72 23.49 7.24
C GLY A 253 -10.12 24.79 6.71
N GLY A 254 -10.09 25.79 7.60
CA GLY A 254 -9.60 27.10 7.23
C GLY A 254 -10.40 27.76 6.12
N GLY A 255 -11.67 27.40 5.99
CA GLY A 255 -12.48 27.91 4.90
C GLY A 255 -13.26 29.16 5.27
N ARG A 256 -13.83 29.77 4.24
CA ARG A 256 -14.60 30.99 4.41
C ARG A 256 -16.02 30.67 4.87
N VAL A 257 -16.59 31.57 5.66
CA VAL A 257 -17.96 31.47 6.11
C VAL A 257 -18.56 32.87 6.13
N LEU A 258 -19.78 32.99 5.64
CA LEU A 258 -20.43 34.29 5.43
C LEU A 258 -21.54 34.47 6.44
N TRP A 259 -21.39 35.47 7.30
CA TRP A 259 -22.44 35.88 8.24
C TRP A 259 -23.19 37.05 7.61
N ARG A 260 -24.43 36.81 7.20
CA ARG A 260 -25.26 37.86 6.65
C ARG A 260 -26.72 37.61 7.02
N GLY A 261 -27.41 38.68 7.40
CA GLY A 261 -28.83 38.56 7.70
C GLY A 261 -29.11 37.53 8.77
N ASN A 262 -30.12 36.70 8.51
CA ASN A 262 -30.49 35.60 9.39
C ASN A 262 -29.78 34.31 9.05
N GLU A 263 -28.85 34.34 8.10
CA GLU A 263 -28.21 33.15 7.57
C GLU A 263 -26.73 33.12 7.90
N VAL A 264 -26.18 31.91 7.98
CA VAL A 264 -24.75 31.67 7.99
C VAL A 264 -24.44 30.74 6.83
N GLN A 265 -23.44 31.11 6.02
CA GLN A 265 -23.21 30.46 4.75
C GLN A 265 -21.76 29.97 4.67
N PHE A 266 -21.59 28.76 4.14
CA PHE A 266 -20.27 28.18 3.94
C PHE A 266 -20.32 27.27 2.71
N ARG A 267 -19.15 26.96 2.18
CA ARG A 267 -19.02 26.24 0.92
C ARG A 267 -18.79 24.76 1.17
N ILE A 268 -19.38 23.93 0.30
CA ILE A 268 -19.24 22.49 0.37
C ILE A 268 -18.97 21.96 -1.03
N GLU A 269 -18.53 20.71 -1.10
CA GLU A 269 -18.21 20.05 -2.36
C GLU A 269 -18.95 18.73 -2.43
N THR A 270 -19.56 18.45 -3.58
CA THR A 270 -20.28 17.21 -3.80
C THR A 270 -19.64 16.45 -4.96
N SER A 271 -19.95 15.16 -5.03
CA SER A 271 -19.29 14.26 -5.98
C SER A 271 -19.40 14.76 -7.41
N ASP A 272 -20.57 15.29 -7.79
CA ASP A 272 -20.81 15.74 -9.16
C ASP A 272 -19.82 16.80 -9.59
N GLY A 273 -19.91 17.99 -8.99
CA GLY A 273 -19.04 19.10 -9.36
C GLY A 273 -17.58 18.85 -9.09
N GLY A 276 -18.56 16.79 -13.67
CA GLY A 276 -18.75 18.16 -14.10
C GLY A 276 -18.06 19.15 -13.20
N GLY A 277 -18.61 20.36 -13.11
CA GLY A 277 -18.04 21.37 -12.23
C GLY A 277 -19.04 22.46 -11.92
N ALA A 278 -18.85 23.11 -10.78
CA ALA A 278 -19.71 24.16 -10.25
C ALA A 278 -19.20 24.62 -8.90
N PHE A 279 -19.81 25.66 -8.33
CA PHE A 279 -19.50 26.11 -6.98
C PHE A 279 -20.73 25.92 -6.12
N GLU A 280 -20.59 25.17 -5.03
CA GLU A 280 -21.70 24.76 -4.19
C GLU A 280 -21.55 25.31 -2.78
N PHE A 281 -22.65 25.81 -2.24
CA PHE A 281 -22.67 26.43 -0.92
C PHE A 281 -23.93 26.00 -0.19
N VAL A 282 -23.91 26.15 1.13
CA VAL A 282 -25.06 25.86 1.98
C VAL A 282 -25.23 27.02 2.95
N ALA A 283 -26.47 27.51 3.06
CA ALA A 283 -26.80 28.59 3.97
C ALA A 283 -27.77 28.08 5.03
N TRP A 284 -27.46 28.37 6.29
CA TRP A 284 -28.26 27.92 7.43
C TRP A 284 -29.00 29.11 8.02
N ASN A 285 -30.33 29.05 7.99
CA ASN A 285 -31.16 30.10 8.56
C ASN A 285 -31.16 29.97 10.08
N ARG A 286 -30.79 31.05 10.77
CA ARG A 286 -30.76 31.05 12.22
C ARG A 286 -32.16 31.22 12.84
N VAL A 287 -33.16 31.57 12.05
CA VAL A 287 -34.50 31.79 12.56
C VAL A 287 -35.34 30.54 12.32
N ASN A 288 -35.67 30.26 11.05
CA ASN A 288 -36.49 29.12 10.71
C ASN A 288 -35.77 27.80 10.92
N ARG A 289 -34.46 27.81 11.11
CA ARG A 289 -33.64 26.61 11.27
C ARG A 289 -33.84 25.66 10.10
N THR A 290 -33.44 26.13 8.91
CA THR A 290 -33.50 25.36 7.70
C THR A 290 -32.19 25.55 6.93
N VAL A 291 -32.08 24.88 5.79
CA VAL A 291 -30.88 24.94 4.97
C VAL A 291 -31.26 25.31 3.53
N ARG A 292 -30.27 25.85 2.83
CA ARG A 292 -30.39 26.13 1.41
C ARG A 292 -29.20 25.53 0.68
N THR A 293 -29.35 25.39 -0.65
CA THR A 293 -28.28 24.92 -1.51
C THR A 293 -28.12 25.91 -2.66
N LEU A 294 -26.89 26.39 -2.83
CA LEU A 294 -26.55 27.30 -3.92
C LEU A 294 -25.64 26.61 -4.91
N ALA A 295 -25.92 26.81 -6.19
CA ALA A 295 -25.09 26.30 -7.28
C ALA A 295 -24.83 27.42 -8.26
N LYS A 296 -23.56 27.77 -8.44
CA LYS A 296 -23.18 28.91 -9.27
C LYS A 296 -22.11 28.49 -10.27
N GLN A 297 -22.20 29.05 -11.49
CA GLN A 297 -21.16 28.84 -12.48
C GLN A 297 -19.88 29.56 -12.08
N ARG A 298 -20.00 30.83 -11.68
CA ARG A 298 -18.87 31.62 -11.25
C ARG A 298 -18.86 31.72 -9.72
N ASP A 299 -17.67 31.70 -9.14
CA ASP A 299 -17.54 31.70 -7.69
C ASP A 299 -17.99 33.03 -7.11
N LEU A 300 -18.39 32.98 -5.84
CA LEU A 300 -18.89 34.16 -5.15
C LEU A 300 -17.74 35.03 -4.67
N LEU A 301 -17.88 36.34 -4.86
CA LEU A 301 -16.85 37.28 -4.43
C LEU A 301 -16.88 37.52 -2.93
N SER A 302 -18.06 37.45 -2.31
CA SER A 302 -18.15 37.65 -0.88
C SER A 302 -17.40 36.57 -0.12
N MSE A 303 -17.35 35.37 -0.68
CA MSE A 303 -16.66 34.25 -0.06
C MSE A 303 -15.24 34.09 -0.61
O MSE A 303 -14.55 33.14 -0.27
CB MSE A 303 -17.46 32.97 -0.25
CG MSE A 303 -18.92 33.11 0.13
SE MSE A 303 -19.66 31.46 0.83
CE MSE A 303 -18.41 31.20 2.28
N SER A 304 -14.83 35.02 -1.46
CA SER A 304 -13.57 34.92 -2.17
C SER A 304 -12.47 35.69 -1.46
N ILE A 305 -11.26 35.14 -1.50
CA ILE A 305 -10.08 35.89 -1.10
C ILE A 305 -9.72 36.91 -2.18
N LEU A 306 -8.96 37.93 -1.79
CA LEU A 306 -8.45 38.96 -2.70
C LEU A 306 -9.60 39.69 -3.39
N VAL A 307 -10.32 40.47 -2.60
CA VAL A 307 -11.33 41.39 -3.11
C VAL A 307 -10.84 42.80 -2.81
N GLY A 308 -11.18 43.73 -3.69
CA GLY A 308 -10.69 45.08 -3.60
C GLY A 308 -11.74 46.06 -3.10
N PRO A 309 -11.35 47.34 -3.01
CA PRO A 309 -12.32 48.35 -2.55
C PRO A 309 -13.53 48.51 -3.46
N ARG A 310 -13.37 48.31 -4.77
CA ARG A 310 -14.51 48.36 -5.67
C ARG A 310 -15.48 47.21 -5.42
N GLY A 311 -15.03 46.15 -4.74
CA GLY A 311 -15.85 44.98 -4.51
C GLY A 311 -15.61 43.85 -5.47
N GLY A 312 -14.65 43.99 -6.40
CA GLY A 312 -14.37 42.97 -7.37
C GLY A 312 -13.09 42.19 -7.06
N GLN A 313 -12.90 41.12 -7.83
CA GLN A 313 -11.75 40.25 -7.63
C GLN A 313 -10.48 40.94 -8.12
N LEU A 314 -9.40 40.76 -7.36
CA LEU A 314 -8.09 41.32 -7.71
C LEU A 314 -7.25 40.27 -8.41
N SER A 315 -6.49 40.70 -9.41
CA SER A 315 -5.58 39.82 -10.12
C SER A 315 -4.46 40.65 -10.73
N THR A 316 -3.34 39.98 -11.00
CA THR A 316 -2.23 40.57 -11.74
C THR A 316 -2.11 39.82 -13.06
N SER A 317 -2.46 40.49 -14.15
CA SER A 317 -2.42 39.89 -15.47
C SER A 317 -1.15 40.34 -16.21
N GLY A 318 -1.00 39.84 -17.43
CA GLY A 318 0.16 40.18 -18.24
C GLY A 318 1.41 39.46 -17.77
N LEU A 319 2.50 39.73 -18.48
CA LEU A 319 3.79 39.10 -18.23
C LEU A 319 4.86 40.16 -18.38
N GLY A 320 6.12 39.73 -18.36
CA GLY A 320 7.22 40.62 -18.65
C GLY A 320 7.80 41.34 -17.45
N SER A 321 8.33 42.55 -17.69
CA SER A 321 9.05 43.28 -16.66
C SER A 321 8.16 43.61 -15.47
N ASP A 322 6.85 43.73 -15.69
CA ASP A 322 5.91 44.06 -14.63
C ASP A 322 4.54 43.50 -14.99
N ARG A 323 3.57 43.75 -14.10
CA ARG A 323 2.23 43.22 -14.26
C ARG A 323 1.22 44.37 -14.12
N GLU A 324 -0.01 44.09 -14.54
CA GLU A 324 -1.13 45.01 -14.37
C GLU A 324 -1.98 44.55 -13.20
N LEU A 325 -2.24 45.45 -12.25
CA LEU A 325 -3.13 45.17 -11.14
C LEU A 325 -4.53 45.64 -11.51
N ILE A 326 -5.44 44.70 -11.69
CA ILE A 326 -6.80 45.01 -12.13
C ILE A 326 -7.79 44.50 -11.09
N GLU A 327 -8.93 45.17 -11.03
CA GLU A 327 -10.04 44.77 -10.17
C GLU A 327 -11.23 44.49 -11.05
N THR A 328 -11.64 43.21 -11.12
CA THR A 328 -12.67 42.77 -12.05
C THR A 328 -13.99 42.64 -11.31
N SER A 329 -14.98 43.41 -11.74
CA SER A 329 -16.30 43.34 -11.14
C SER A 329 -16.96 42.01 -11.47
N ALA A 330 -17.98 41.66 -10.68
CA ALA A 330 -18.73 40.45 -10.93
C ALA A 330 -19.36 40.46 -12.32
N GLU A 331 -19.72 41.63 -12.83
CA GLU A 331 -20.25 41.74 -14.18
C GLU A 331 -19.15 41.61 -15.24
N GLY A 332 -17.88 41.70 -14.84
CA GLY A 332 -16.77 41.42 -15.72
C GLY A 332 -15.98 42.62 -16.17
N ARG A 333 -16.45 43.84 -15.93
CA ARG A 333 -15.74 45.01 -16.41
C ARG A 333 -14.53 45.29 -15.53
N PRO A 334 -13.32 45.26 -16.08
CA PRO A 334 -12.13 45.45 -15.25
C PRO A 334 -11.88 46.90 -14.90
N HIS A 335 -11.20 47.10 -13.77
CA HIS A 335 -10.69 48.39 -13.36
C HIS A 335 -9.21 48.21 -13.07
N SER A 336 -8.37 48.99 -13.75
CA SER A 336 -6.93 48.89 -13.62
C SER A 336 -6.42 49.93 -12.63
N TYR A 337 -5.55 49.50 -11.72
CA TYR A 337 -4.87 50.39 -10.80
C TYR A 337 -3.50 50.83 -11.29
N GLY A 338 -3.13 50.43 -12.49
CA GLY A 338 -1.84 50.80 -13.05
C GLY A 338 -0.83 49.67 -13.04
N ARG A 339 0.42 50.05 -13.30
CA ARG A 339 1.52 49.10 -13.39
C ARG A 339 2.10 48.82 -12.01
N VAL A 340 2.37 47.55 -11.73
CA VAL A 340 2.90 47.12 -10.44
C VAL A 340 4.10 46.20 -10.67
N ALA A 341 5.02 46.23 -9.73
CA ALA A 341 6.29 45.50 -9.81
C ALA A 341 6.25 44.15 -9.11
N PHE A 342 5.09 43.73 -8.61
CA PHE A 342 5.00 42.56 -7.76
C PHE A 342 3.96 41.58 -8.30
N ASP A 343 4.02 40.36 -7.78
CA ASP A 343 2.96 39.38 -7.95
C ASP A 343 1.97 39.52 -6.79
N ILE A 344 0.93 38.70 -6.78
CA ILE A 344 -0.16 38.87 -5.82
C ILE A 344 -0.62 37.51 -5.30
N GLY A 345 -1.19 37.54 -4.10
CA GLY A 345 -1.92 36.40 -3.56
C GLY A 345 -1.12 35.13 -3.33
N ASP A 346 0.11 35.24 -2.86
CA ASP A 346 0.92 34.07 -2.57
C ASP A 346 0.77 33.71 -1.09
N SER A 347 0.62 32.41 -0.82
CA SER A 347 0.50 31.94 0.56
C SER A 347 1.77 32.24 1.37
N ARG A 348 2.89 32.49 0.69
CA ARG A 348 4.12 32.86 1.37
C ARG A 348 4.16 34.33 1.74
N SER A 349 3.22 35.12 1.24
CA SER A 349 3.12 36.54 1.56
C SER A 349 2.30 36.73 2.82
N ALA A 350 1.92 37.97 3.11
CA ALA A 350 1.15 38.29 4.30
C ALA A 350 -0.33 38.04 4.13
N GLY A 351 -0.77 37.52 2.99
CA GLY A 351 -2.18 37.27 2.78
C GLY A 351 -2.92 38.52 2.31
N TRP A 352 -4.18 38.62 2.72
CA TRP A 352 -5.03 39.73 2.31
C TRP A 352 -6.03 40.01 3.41
N LYS A 353 -6.33 41.29 3.61
CA LYS A 353 -7.37 41.70 4.55
C LYS A 353 -8.03 42.97 4.04
N ARG A 354 -9.33 43.07 4.22
CA ARG A 354 -10.12 44.22 3.84
C ARG A 354 -10.70 44.88 5.09
N SER A 355 -10.88 46.19 5.03
CA SER A 355 -11.39 46.93 6.18
C SER A 355 -12.87 46.64 6.38
N ARG A 356 -13.44 47.23 7.42
CA ARG A 356 -14.86 47.02 7.69
C ARG A 356 -15.73 47.83 6.76
N ASP A 357 -15.32 49.07 6.43
CA ASP A 357 -16.07 49.86 5.46
C ASP A 357 -15.86 49.35 4.04
N GLY A 358 -14.81 48.59 3.79
CA GLY A 358 -14.54 48.06 2.48
C GLY A 358 -13.76 48.98 1.56
N LYS A 359 -13.28 50.11 2.06
CA LYS A 359 -12.58 51.09 1.24
C LYS A 359 -11.07 50.90 1.23
N ARG A 360 -10.52 50.00 2.06
CA ARG A 360 -9.09 49.77 2.13
C ARG A 360 -8.81 48.29 2.20
N VAL A 361 -7.81 47.83 1.44
CA VAL A 361 -7.33 46.46 1.51
C VAL A 361 -5.81 46.49 1.59
N VAL A 362 -5.26 45.41 2.15
CA VAL A 362 -3.82 45.22 2.26
C VAL A 362 -3.50 43.83 1.75
N ILE A 363 -2.65 43.75 0.73
CA ILE A 363 -2.31 42.48 0.08
C ILE A 363 -0.81 42.24 0.23
N GLY A 364 -0.45 40.97 0.40
CA GLY A 364 0.96 40.60 0.38
C GLY A 364 1.49 40.58 -1.04
N THR A 365 2.71 41.08 -1.20
CA THR A 365 3.32 41.26 -2.51
C THR A 365 4.70 40.64 -2.55
N ARG A 366 4.97 39.86 -3.59
CA ARG A 366 6.30 39.36 -3.90
C ARG A 366 6.77 40.05 -5.16
N GLY A 367 7.79 40.91 -5.04
CA GLY A 367 8.27 41.66 -6.18
C GLY A 367 9.00 40.78 -7.17
N LEU A 368 9.03 41.25 -8.42
CA LEU A 368 9.69 40.53 -9.50
C LEU A 368 11.19 40.81 -9.47
N GLY A 369 11.98 39.76 -9.33
CA GLY A 369 13.43 39.82 -9.45
C GLY A 369 14.17 40.11 -8.15
N ASP A 370 13.52 40.78 -7.20
CA ASP A 370 14.10 40.90 -5.86
C ASP A 370 13.62 39.80 -4.93
N ALA A 371 12.56 39.08 -5.31
CA ALA A 371 12.00 37.98 -4.53
C ALA A 371 11.83 38.37 -3.06
N ARG A 372 11.31 39.57 -2.83
CA ARG A 372 11.15 40.12 -1.50
C ARG A 372 9.67 40.36 -1.22
N TYR A 373 9.20 39.87 -0.08
CA TYR A 373 7.79 39.97 0.28
C TYR A 373 7.51 41.29 0.97
N GLY A 374 6.33 41.84 0.70
CA GLY A 374 5.98 43.13 1.24
C GLY A 374 4.48 43.36 1.20
N LEU A 375 4.10 44.59 1.50
CA LEU A 375 2.70 44.98 1.60
C LEU A 375 2.37 46.03 0.56
N ALA A 376 1.08 46.11 0.21
CA ALA A 376 0.57 47.10 -0.71
C ALA A 376 -0.80 47.55 -0.25
N LEU A 377 -1.04 48.86 -0.29
CA LEU A 377 -2.28 49.46 0.18
C LEU A 377 -3.10 49.92 -1.03
N ILE A 378 -4.40 49.64 -0.99
CA ILE A 378 -5.28 49.90 -2.12
C ILE A 378 -6.53 50.63 -1.62
N ASP A 379 -6.79 51.81 -2.15
CA ASP A 379 -8.07 52.48 -1.97
C ASP A 379 -8.56 52.96 -3.33
N LYS A 380 -9.64 53.75 -3.35
CA LYS A 380 -10.20 54.23 -4.61
C LYS A 380 -9.21 55.03 -5.44
N THR A 381 -8.18 55.61 -4.80
CA THR A 381 -7.23 56.42 -5.54
C THR A 381 -6.25 55.58 -6.33
N GLY A 382 -5.73 54.52 -5.74
CA GLY A 382 -4.80 53.65 -6.44
C GLY A 382 -3.94 52.87 -5.47
N VAL A 383 -3.06 52.06 -6.05
CA VAL A 383 -2.16 51.21 -5.29
C VAL A 383 -0.93 52.00 -4.88
N ARG A 384 -0.42 51.70 -3.69
CA ARG A 384 0.85 52.22 -3.22
C ARG A 384 1.55 51.13 -2.41
N GLU A 385 2.80 50.85 -2.76
CA GLU A 385 3.59 49.92 -1.96
C GLU A 385 4.16 50.65 -0.74
N LEU A 386 4.84 49.91 0.13
CA LEU A 386 5.57 50.53 1.23
C LEU A 386 6.92 49.87 1.33
N ARG A 387 7.96 50.70 1.41
CA ARG A 387 9.33 50.20 1.34
C ARG A 387 9.79 49.66 2.68
N ALA A 388 10.63 48.63 2.62
CA ALA A 388 11.24 48.06 3.81
C ALA A 388 12.58 47.47 3.42
N ASP A 389 13.54 47.51 4.35
CA ASP A 389 14.85 46.95 4.08
C ASP A 389 14.83 45.44 3.96
N ALA A 390 13.82 44.78 4.55
CA ALA A 390 13.71 43.34 4.52
C ALA A 390 12.31 42.95 4.07
N SER A 391 12.04 41.65 4.08
CA SER A 391 10.76 41.11 3.63
C SER A 391 9.84 40.88 4.81
N LEU A 392 8.56 41.17 4.62
CA LEU A 392 7.53 40.99 5.63
C LEU A 392 6.66 39.81 5.19
N THR A 393 6.77 38.69 5.88
CA THR A 393 6.14 37.45 5.48
C THR A 393 4.79 37.22 6.17
N ARG A 394 4.81 37.05 7.48
CA ARG A 394 3.59 36.86 8.26
C ARG A 394 3.25 38.17 8.98
N CYS A 395 2.01 38.61 8.84
CA CYS A 395 1.56 39.87 9.36
C CYS A 395 0.23 39.70 10.09
N GLY A 396 -0.15 40.74 10.81
CA GLY A 396 -1.47 40.80 11.42
C GLY A 396 -1.89 42.25 11.53
N PHE A 397 -3.21 42.47 11.55
CA PHE A 397 -3.76 43.79 11.37
C PHE A 397 -4.86 44.06 12.39
N ASP A 398 -5.07 45.34 12.67
CA ASP A 398 -6.10 45.77 13.61
C ASP A 398 -7.46 45.73 12.92
N GLY A 399 -8.49 46.24 13.60
CA GLY A 399 -9.82 46.21 13.06
C GLY A 399 -10.08 47.27 12.01
N MSE A 400 -9.47 48.44 12.19
CA MSE A 400 -9.68 49.55 11.28
C MSE A 400 -8.62 49.59 10.17
O MSE A 400 -8.59 50.51 9.37
CB MSE A 400 -9.69 50.87 12.04
CG MSE A 400 -10.96 51.10 12.84
SE MSE A 400 -12.55 51.04 11.71
CE MSE A 400 -13.90 51.19 13.10
N LEU A 401 -7.74 48.58 10.16
CA LEU A 401 -6.71 48.43 9.14
C LEU A 401 -5.78 49.64 9.12
N ARG A 402 -5.29 50.02 10.31
CA ARG A 402 -4.41 51.16 10.47
C ARG A 402 -3.02 50.73 10.96
N SER A 403 -2.92 50.13 12.13
CA SER A 403 -1.66 49.61 12.64
C SER A 403 -1.54 48.12 12.34
N ALA A 404 -0.32 47.68 12.04
CA ALA A 404 -0.07 46.27 11.74
C ALA A 404 1.24 45.83 12.37
N ILE A 405 1.31 44.52 12.65
CA ILE A 405 2.52 43.88 13.16
C ILE A 405 2.91 42.77 12.19
N CYS A 406 4.21 42.61 11.97
CA CYS A 406 4.70 41.68 10.97
C CYS A 406 5.98 41.02 11.45
N VAL A 407 6.34 39.94 10.77
CA VAL A 407 7.60 39.25 10.99
C VAL A 407 8.58 39.75 9.93
N GLU A 408 9.63 40.45 10.36
CA GLU A 408 10.63 40.97 9.44
C GLU A 408 11.67 39.88 9.19
N GLU A 409 11.80 39.48 7.93
CA GLU A 409 12.62 38.33 7.57
C GLU A 409 13.55 38.70 6.44
N GLY A 410 14.71 38.05 6.42
CA GLY A 410 15.70 38.27 5.38
C GLY A 410 16.50 37.01 5.15
N MSE A 411 17.19 36.98 4.01
CA MSE A 411 18.00 35.82 3.67
C MSE A 411 19.23 35.75 4.57
O MSE A 411 19.61 34.68 5.03
CB MSE A 411 18.42 35.87 2.20
CG MSE A 411 19.16 34.63 1.74
SE MSE A 411 18.08 33.02 1.88
CE MSE A 411 19.37 31.74 1.19
N SER A 412 19.83 36.90 4.82
CA SER A 412 21.00 37.00 5.67
C SER A 412 20.67 37.43 7.10
N ARG A 413 19.41 37.73 7.40
CA ARG A 413 19.09 38.18 8.75
C ARG A 413 17.97 37.33 9.34
N PRO A 414 18.06 37.03 10.64
CA PRO A 414 17.07 36.16 11.28
C PRO A 414 15.75 36.88 11.47
N PRO A 415 14.66 36.14 11.74
CA PRO A 415 13.35 36.78 11.88
C PRO A 415 13.32 37.74 13.06
N ARG A 416 12.62 38.84 12.87
CA ARG A 416 12.41 39.84 13.90
C ARG A 416 10.96 40.30 13.87
N LEU A 417 10.51 40.87 14.97
CA LEU A 417 9.15 41.38 15.09
C LEU A 417 9.17 42.89 14.88
N VAL A 418 8.24 43.39 14.07
CA VAL A 418 8.18 44.81 13.74
C VAL A 418 6.73 45.28 13.79
N ARG A 419 6.55 46.53 14.21
CA ARG A 419 5.27 47.22 14.16
C ARG A 419 5.27 48.18 12.99
N VAL A 420 4.18 48.17 12.22
CA VAL A 420 4.05 49.01 11.03
C VAL A 420 2.87 49.96 11.24
N ASP A 421 3.11 51.25 11.02
CA ASP A 421 2.05 52.23 10.94
C ASP A 421 1.72 52.43 9.47
N LEU A 422 0.54 51.96 9.06
CA LEU A 422 0.21 51.95 7.63
C LEU A 422 -0.14 53.32 7.09
N GLY A 423 -0.42 54.29 7.96
CA GLY A 423 -0.67 55.64 7.51
C GLY A 423 0.60 56.35 7.11
N THR A 424 1.62 56.27 7.95
CA THR A 424 2.89 56.95 7.73
C THR A 424 3.96 56.07 7.08
N ASP A 425 3.65 54.79 6.82
CA ASP A 425 4.62 53.85 6.28
C ASP A 425 5.88 53.75 7.14
N LYS A 426 5.71 53.95 8.44
CA LYS A 426 6.81 53.95 9.40
C LYS A 426 6.79 52.64 10.17
N ILE A 427 7.91 51.91 10.15
CA ILE A 427 8.04 50.66 10.89
C ILE A 427 9.07 50.88 12.01
N THR A 428 8.78 50.30 13.17
CA THR A 428 9.66 50.36 14.33
C THR A 428 10.03 48.94 14.75
N ASP A 429 11.29 48.76 15.11
CA ASP A 429 11.82 47.42 15.39
C ASP A 429 11.48 47.01 16.81
N LEU A 430 10.79 45.87 16.95
CA LEU A 430 10.59 45.25 18.24
C LEU A 430 11.74 44.26 18.49
N GLY A 431 11.63 43.46 19.54
CA GLY A 431 12.67 42.53 19.89
C GLY A 431 12.87 41.45 18.86
N PRO A 432 14.00 40.75 18.93
CA PRO A 432 14.23 39.63 18.03
C PRO A 432 13.37 38.43 18.41
N ILE A 433 13.22 37.52 17.46
CA ILE A 433 12.44 36.30 17.67
C ILE A 433 13.34 35.22 18.22
N SER A 434 14.33 34.79 17.44
CA SER A 434 15.28 33.78 17.89
C SER A 434 16.62 34.45 18.17
N PRO A 435 17.00 34.62 19.45
CA PRO A 435 18.30 35.24 19.74
C PRO A 435 19.49 34.36 19.39
N ARG A 436 19.32 33.04 19.39
CA ARG A 436 20.48 32.17 19.15
C ARG A 436 20.96 32.26 17.70
N HIS A 437 20.07 32.61 16.78
CA HIS A 437 20.50 32.88 15.42
C HIS A 437 21.02 34.30 15.25
N GLU A 438 20.68 35.21 16.16
CA GLU A 438 21.22 36.56 16.11
C GLU A 438 22.69 36.61 16.49
N GLU A 439 23.19 35.60 17.20
CA GLU A 439 24.59 35.55 17.58
C GLU A 439 25.46 34.87 16.53
N ILE A 440 24.85 34.28 15.51
CA ILE A 440 25.60 33.69 14.41
C ILE A 440 26.06 34.81 13.49
N GLU A 441 27.35 34.82 13.15
CA GLU A 441 27.85 35.79 12.19
C GLU A 441 27.20 35.51 10.84
N PRO A 442 26.60 36.52 10.19
CA PRO A 442 25.87 36.26 8.96
C PRO A 442 26.77 35.77 7.84
N LEU A 443 26.33 34.72 7.16
CA LEU A 443 27.00 34.28 5.96
C LEU A 443 26.82 35.32 4.85
N GLN A 444 27.69 35.25 3.85
CA GLN A 444 27.68 36.21 2.76
C GLN A 444 26.77 35.68 1.66
N THR A 445 25.63 36.34 1.47
CA THR A 445 24.61 35.91 0.54
C THR A 445 24.42 36.97 -0.54
N ILE A 446 24.50 36.56 -1.80
CA ILE A 446 24.40 37.46 -2.94
C ILE A 446 23.22 37.02 -3.79
N ALA A 447 22.34 37.97 -4.11
CA ALA A 447 21.19 37.70 -4.95
C ALA A 447 21.58 37.95 -6.41
N ARG A 448 21.37 36.94 -7.25
CA ARG A 448 21.74 37.02 -8.65
C ARG A 448 20.68 36.36 -9.52
N THR A 449 20.45 36.93 -10.69
CA THR A 449 19.59 36.35 -11.71
C THR A 449 20.44 35.93 -12.90
N PHE A 450 20.15 34.75 -13.45
CA PHE A 450 20.91 34.19 -14.54
C PHE A 450 20.02 34.03 -15.76
N VAL A 451 20.61 34.19 -16.94
CA VAL A 451 19.92 33.99 -18.21
C VAL A 451 20.56 32.80 -18.91
N SER A 452 19.72 31.95 -19.50
CA SER A 452 20.18 30.71 -20.09
C SER A 452 20.23 30.84 -21.62
N ARG A 453 20.63 29.73 -22.27
CA ARG A 453 20.74 29.70 -23.71
C ARG A 453 19.39 29.80 -24.40
N ASP A 454 18.31 29.49 -23.71
CA ASP A 454 16.97 29.55 -24.29
C ASP A 454 16.26 30.86 -24.00
N GLY A 455 16.91 31.79 -23.30
CA GLY A 455 16.41 33.13 -23.12
C GLY A 455 15.66 33.36 -21.83
N TYR A 456 15.35 32.32 -21.07
CA TYR A 456 14.58 32.44 -19.85
C TYR A 456 15.52 32.71 -18.67
N TRP A 457 15.08 33.56 -17.76
CA TRP A 457 15.90 33.98 -16.63
C TRP A 457 15.46 33.26 -15.37
N SER A 458 16.44 32.94 -14.52
CA SER A 458 16.23 32.20 -13.29
C SER A 458 16.83 32.98 -12.13
N SER A 459 16.00 33.35 -11.16
CA SER A 459 16.49 34.09 -10.01
C SER A 459 17.02 33.12 -8.96
N GLY A 460 17.55 33.67 -7.87
CA GLY A 460 18.07 32.86 -6.80
C GLY A 460 19.14 33.61 -6.03
N TYR A 461 19.86 32.88 -5.19
CA TYR A 461 20.88 33.43 -4.32
C TYR A 461 22.15 32.61 -4.46
N VAL A 462 23.25 33.20 -4.00
CA VAL A 462 24.57 32.56 -4.01
C VAL A 462 25.15 32.67 -2.61
N LEU A 463 25.52 31.53 -2.03
CA LEU A 463 26.08 31.48 -0.69
C LEU A 463 27.59 31.30 -0.78
N LEU A 464 28.31 32.26 -0.28
CA LEU A 464 29.76 32.22 -0.27
C LEU A 464 30.27 31.53 0.99
N PRO A 465 31.34 30.75 0.89
CA PRO A 465 31.87 30.06 2.06
C PRO A 465 32.48 31.03 3.07
N ARG A 466 32.66 30.53 4.28
CA ARG A 466 33.24 31.33 5.34
C ARG A 466 34.70 31.65 5.03
N GLY A 467 35.13 32.86 5.40
CA GLY A 467 36.49 33.28 5.13
C GLY A 467 36.80 33.38 3.65
N HIS A 468 35.78 33.58 2.81
CA HIS A 468 35.97 33.61 1.38
C HIS A 468 36.79 34.83 0.97
N ARG A 469 37.81 34.60 0.15
CA ARG A 469 38.63 35.65 -0.43
C ARG A 469 38.29 35.78 -1.90
N ALA A 470 38.44 37.00 -2.42
CA ALA A 470 38.21 37.23 -3.84
C ALA A 470 39.13 36.36 -4.68
N ALA A 471 38.63 35.93 -5.84
CA ALA A 471 39.37 35.08 -6.77
C ALA A 471 39.77 33.76 -6.12
N ASP A 472 38.80 33.09 -5.52
CA ASP A 472 38.99 31.77 -4.94
C ASP A 472 38.05 30.78 -5.62
N ARG A 473 38.58 29.63 -6.01
CA ARG A 473 37.77 28.57 -6.58
C ARG A 473 37.26 27.67 -5.45
N HIS A 474 36.01 27.25 -5.57
CA HIS A 474 35.38 26.42 -4.56
C HIS A 474 34.51 25.38 -5.23
N PRO A 475 34.32 24.22 -4.59
CA PRO A 475 33.29 23.29 -5.05
C PRO A 475 31.91 23.89 -4.86
N ALA A 476 30.93 23.34 -5.57
CA ALA A 476 29.61 23.92 -5.62
C ALA A 476 28.54 22.86 -5.37
N VAL A 477 27.45 23.31 -4.76
CA VAL A 477 26.25 22.51 -4.57
C VAL A 477 25.06 23.36 -4.97
N VAL A 478 24.23 22.85 -5.86
CA VAL A 478 23.06 23.56 -6.37
C VAL A 478 21.82 23.00 -5.68
N VAL A 479 21.13 23.85 -4.93
CA VAL A 479 19.90 23.48 -4.23
C VAL A 479 18.75 24.23 -4.88
N THR A 480 17.76 23.50 -5.39
CA THR A 480 16.65 24.10 -6.10
C THR A 480 15.34 23.44 -5.68
N HIS A 481 14.39 24.25 -5.22
CA HIS A 481 13.00 23.83 -5.11
C HIS A 481 12.12 24.96 -5.64
N GLY A 482 11.45 24.71 -6.76
CA GLY A 482 10.43 25.62 -7.26
C GLY A 482 10.89 27.06 -7.31
N THR A 483 9.99 27.95 -6.88
CA THR A 483 10.22 29.38 -6.78
C THR A 483 10.67 29.81 -5.39
N ASP A 484 10.97 28.86 -4.50
CA ASP A 484 11.09 29.13 -3.08
C ASP A 484 12.43 29.72 -2.68
N ALA A 485 13.35 29.96 -3.60
CA ALA A 485 14.54 30.73 -3.28
C ALA A 485 14.17 32.21 -3.42
N ASP A 486 14.22 32.92 -2.30
CA ASP A 486 13.65 34.26 -2.20
C ASP A 486 14.30 34.94 -1.02
N ASP A 487 13.77 36.09 -0.63
CA ASP A 487 14.29 36.74 0.57
C ASP A 487 13.43 36.26 1.74
N ARG A 488 13.99 35.29 2.47
CA ARG A 488 13.40 34.66 3.63
C ARG A 488 14.54 33.98 4.36
N PHE A 489 14.33 33.68 5.64
CA PHE A 489 15.40 33.16 6.47
C PHE A 489 15.32 31.64 6.56
N ALA A 490 16.29 30.97 5.93
CA ALA A 490 16.51 29.53 6.07
C ALA A 490 15.20 28.74 5.97
N GLU A 491 14.40 29.10 4.99
CA GLU A 491 13.07 28.51 4.86
C GLU A 491 13.18 27.02 4.57
N PRO A 492 12.61 26.15 5.40
CA PRO A 492 12.72 24.70 5.15
C PRO A 492 12.00 24.25 3.90
N ALA A 493 11.03 25.01 3.40
CA ALA A 493 10.37 24.66 2.16
C ALA A 493 11.28 24.81 0.95
N ASN A 494 12.46 25.42 1.13
CA ASN A 494 13.44 25.57 0.07
C ASN A 494 14.63 24.64 0.26
N GLN A 495 15.38 24.79 1.34
CA GLN A 495 16.60 24.01 1.55
C GLN A 495 16.35 22.64 2.15
N TRP A 496 15.15 22.39 2.68
CA TRP A 496 14.76 21.07 3.17
C TRP A 496 15.78 20.49 4.15
N ASN A 497 16.29 19.31 3.84
CA ASN A 497 17.29 18.63 4.65
C ASN A 497 18.71 18.91 4.20
N TYR A 498 18.90 19.80 3.24
CA TYR A 498 20.23 20.10 2.73
C TYR A 498 20.85 21.22 3.56
N PRO A 499 21.88 20.95 4.35
CA PRO A 499 22.43 21.98 5.22
C PRO A 499 23.18 23.06 4.47
N VAL A 500 22.43 23.97 3.85
CA VAL A 500 23.02 25.01 3.01
C VAL A 500 24.01 25.84 3.81
N GLN A 501 23.59 26.32 4.98
CA GLN A 501 24.47 27.19 5.76
C GLN A 501 25.69 26.45 6.29
N LEU A 502 25.58 25.15 6.51
CA LEU A 502 26.72 24.38 6.99
C LEU A 502 27.70 24.08 5.87
N LEU A 503 27.18 23.80 4.67
CA LEU A 503 28.05 23.56 3.52
C LEU A 503 28.95 24.75 3.26
N ALA A 504 28.43 25.98 3.42
CA ALA A 504 29.24 27.16 3.23
C ALA A 504 30.34 27.25 4.28
N GLU A 505 30.02 26.90 5.53
CA GLU A 505 31.03 26.93 6.59
C GLU A 505 32.17 25.98 6.29
N ARG A 506 31.91 24.92 5.55
CA ARG A 506 32.91 23.90 5.25
C ARG A 506 33.64 24.16 3.94
N GLY A 507 33.38 25.29 3.27
CA GLY A 507 34.10 25.67 2.07
C GLY A 507 33.33 25.57 0.77
N TYR A 508 32.07 25.16 0.80
CA TYR A 508 31.28 25.07 -0.42
C TYR A 508 30.74 26.43 -0.83
N VAL A 509 30.48 26.55 -2.12
CA VAL A 509 29.66 27.64 -2.67
C VAL A 509 28.30 27.03 -2.98
N VAL A 510 27.29 27.44 -2.23
CA VAL A 510 25.94 26.89 -2.39
C VAL A 510 25.15 27.84 -3.28
N LEU A 511 24.66 27.32 -4.40
CA LEU A 511 23.85 28.08 -5.34
C LEU A 511 22.40 27.67 -5.16
N LEU A 512 21.60 28.56 -4.58
CA LEU A 512 20.16 28.36 -4.45
C LEU A 512 19.49 29.03 -5.65
N LEU A 513 18.94 28.23 -6.54
CA LEU A 513 18.49 28.72 -7.84
C LEU A 513 17.08 28.25 -8.10
N ASN A 514 16.18 29.20 -8.34
CA ASN A 514 14.79 28.87 -8.63
C ASN A 514 14.65 28.34 -10.05
N ASP A 515 13.54 27.64 -10.27
CA ASP A 515 13.12 27.32 -11.62
C ASP A 515 12.90 28.61 -12.40
N PRO A 516 13.01 28.55 -13.73
CA PRO A 516 12.67 29.72 -14.54
C PRO A 516 11.22 30.12 -14.28
N SER A 517 11.02 31.40 -13.97
CA SER A 517 9.71 31.88 -13.57
C SER A 517 8.74 31.77 -14.73
N PRO A 518 7.66 31.01 -14.58
CA PRO A 518 6.71 30.85 -15.70
C PRO A 518 6.04 32.15 -16.12
N GLY A 519 6.08 33.19 -15.29
CA GLY A 519 5.45 34.44 -15.61
C GLY A 519 6.23 35.38 -16.49
N GLN A 520 7.45 35.01 -16.88
CA GLN A 520 8.25 35.85 -17.76
C GLN A 520 7.94 35.64 -19.24
N SER A 521 7.28 34.54 -19.59
CA SER A 521 6.99 34.24 -20.97
C SER A 521 5.73 33.40 -21.04
N LYS A 522 4.98 33.58 -22.14
CA LYS A 522 3.79 32.78 -22.36
C LYS A 522 4.11 31.37 -22.82
N ASP A 523 5.34 31.15 -23.30
CA ASP A 523 5.74 29.79 -23.68
C ASP A 523 5.77 28.87 -22.47
N LEU A 524 6.28 29.36 -21.35
CA LEU A 524 6.30 28.55 -20.13
C LEU A 524 4.90 28.43 -19.54
N MSE A 525 4.19 29.54 -19.40
CA MSE A 525 2.90 29.56 -18.73
C MSE A 525 1.85 28.75 -19.48
O MSE A 525 0.96 28.16 -18.86
CB MSE A 525 2.43 31.00 -18.53
CG MSE A 525 1.20 31.13 -17.64
SE MSE A 525 1.52 30.49 -15.83
CE MSE A 525 2.69 31.92 -15.22
N ASP A 526 1.94 28.73 -20.80
CA ASP A 526 1.03 27.88 -21.58
C ASP A 526 1.31 26.41 -21.36
N ALA A 527 2.57 26.05 -21.06
CA ALA A 527 2.88 24.66 -20.73
C ALA A 527 2.36 24.31 -19.35
N MSE A 528 2.44 25.24 -18.41
CA MSE A 528 1.88 25.05 -17.08
C MSE A 528 0.37 24.86 -17.16
O MSE A 528 -0.17 23.93 -16.56
CB MSE A 528 2.20 26.25 -16.18
CG MSE A 528 3.55 26.15 -15.48
SE MSE A 528 3.57 24.79 -14.09
CE MSE A 528 5.36 25.10 -13.41
N HIS A 529 -0.30 25.73 -17.90
CA HIS A 529 -1.74 25.62 -18.05
C HIS A 529 -2.13 24.29 -18.67
N ALA A 530 -1.27 23.71 -19.51
CA ALA A 530 -1.54 22.38 -20.04
C ALA A 530 -1.26 21.30 -19.00
N TRP A 531 -0.32 21.56 -18.09
CA TRP A 531 0.00 20.60 -17.05
C TRP A 531 -1.17 20.42 -16.08
N LEU A 532 -1.76 21.54 -15.64
CA LEU A 532 -2.88 21.44 -14.71
C LEU A 532 -4.15 20.94 -15.40
N ARG A 533 -4.32 21.26 -16.68
CA ARG A 533 -5.50 20.81 -17.40
C ARG A 533 -5.46 19.32 -17.71
N GLY A 534 -4.27 18.73 -17.77
CA GLY A 534 -4.14 17.34 -18.16
C GLY A 534 -4.26 17.09 -19.64
N LYS A 535 -4.39 18.13 -20.46
CA LYS A 535 -4.49 18.02 -21.90
C LYS A 535 -3.62 19.10 -22.54
N GLY A 536 -3.62 19.12 -23.87
CA GLY A 536 -2.96 20.19 -24.60
C GLY A 536 -3.96 21.22 -25.09
N PRO A 537 -3.49 22.23 -25.84
CA PRO A 537 -2.10 22.52 -26.22
C PRO A 537 -1.32 23.14 -25.06
N PRO A 538 0.02 23.11 -25.14
CA PRO A 538 0.84 22.55 -26.20
C PRO A 538 1.02 21.03 -26.10
N ASP A 539 1.75 20.47 -27.06
CA ASP A 539 1.96 19.03 -27.11
C ASP A 539 2.93 18.60 -26.03
N PRO A 540 2.92 17.30 -25.68
CA PRO A 540 3.81 16.82 -24.61
C PRO A 540 5.29 17.08 -24.84
N GLU A 541 5.77 16.98 -26.09
CA GLU A 541 7.19 17.19 -26.36
C GLU A 541 7.64 18.59 -25.95
N THR A 542 6.77 19.58 -26.08
CA THR A 542 7.10 20.93 -25.63
C THR A 542 6.97 21.07 -24.12
N VAL A 543 6.03 20.36 -23.51
CA VAL A 543 5.84 20.44 -22.06
C VAL A 543 7.11 19.98 -21.34
N GLN A 544 7.75 18.93 -21.85
CA GLN A 544 8.99 18.46 -21.26
C GLN A 544 10.11 19.48 -21.41
N GLN A 545 10.09 20.26 -22.49
CA GLN A 545 11.15 21.23 -22.74
C GLN A 545 11.03 22.44 -21.82
N LYS A 546 9.82 23.01 -21.74
CA LYS A 546 9.66 24.27 -21.02
C LYS A 546 9.59 24.08 -19.51
N LEU A 547 8.91 23.01 -19.06
CA LEU A 547 8.76 22.78 -17.63
C LEU A 547 9.96 22.10 -16.99
N TRP A 548 10.75 21.34 -17.76
CA TRP A 548 11.87 20.59 -17.19
C TRP A 548 13.19 20.85 -17.89
N LEU A 549 13.27 20.50 -19.18
CA LEU A 549 14.56 20.49 -19.87
C LEU A 549 15.23 21.86 -19.91
N THR A 550 14.46 22.94 -19.97
CA THR A 550 15.08 24.26 -19.98
C THR A 550 15.65 24.62 -18.62
N GLY A 551 15.22 23.95 -17.55
CA GLY A 551 15.83 24.17 -16.25
C GLY A 551 17.22 23.58 -16.16
N VAL A 552 17.47 22.48 -16.88
CA VAL A 552 18.81 21.91 -16.94
C VAL A 552 19.77 22.91 -17.57
N HIS A 553 19.33 23.57 -18.65
CA HIS A 553 20.15 24.60 -19.28
C HIS A 553 20.38 25.77 -18.34
N SER A 554 19.35 26.19 -17.60
CA SER A 554 19.52 27.28 -16.66
C SER A 554 20.48 26.90 -15.54
N PHE A 555 20.52 25.63 -15.15
CA PHE A 555 21.48 25.19 -14.15
C PHE A 555 22.88 25.15 -14.71
N GLU A 556 23.05 24.58 -15.90
CA GLU A 556 24.36 24.53 -16.55
C GLU A 556 24.89 25.94 -16.79
N ASP A 557 24.11 26.77 -17.47
CA ASP A 557 24.57 28.10 -17.84
C ASP A 557 24.78 29.01 -16.64
N ALA A 558 24.19 28.68 -15.49
CA ALA A 558 24.48 29.42 -14.26
C ALA A 558 25.79 29.00 -13.64
N VAL A 559 26.16 27.73 -13.78
CA VAL A 559 27.43 27.26 -13.24
C VAL A 559 28.59 27.67 -14.14
N THR A 560 28.40 27.60 -15.46
CA THR A 560 29.45 28.01 -16.39
C THR A 560 29.77 29.49 -16.25
N GLU A 561 28.75 30.32 -16.05
CA GLU A 561 28.99 31.74 -15.85
C GLU A 561 29.78 31.99 -14.58
N LEU A 562 29.40 31.34 -13.48
CA LEU A 562 30.14 31.50 -12.24
C LEU A 562 31.51 30.85 -12.30
N ALA A 563 31.68 29.82 -13.14
CA ALA A 563 32.99 29.27 -13.38
C ALA A 563 33.88 30.26 -14.12
N ALA A 564 33.29 31.07 -15.00
CA ALA A 564 34.05 32.11 -15.67
C ALA A 564 34.47 33.22 -14.72
N GLU A 565 33.65 33.49 -13.69
CA GLU A 565 34.06 34.43 -12.66
C GLU A 565 35.23 33.93 -11.83
N GLY A 566 35.51 32.63 -11.87
CA GLY A 566 36.53 32.04 -11.03
C GLY A 566 36.03 31.61 -9.67
N LEU A 567 34.71 31.60 -9.45
CA LEU A 567 34.13 31.27 -8.16
C LEU A 567 33.82 29.79 -7.99
N ILE A 568 33.85 29.01 -9.06
CA ILE A 568 33.41 27.61 -9.01
C ILE A 568 34.37 26.76 -9.81
N ASP A 569 34.73 25.61 -9.24
CA ASP A 569 35.49 24.58 -9.96
C ASP A 569 34.48 23.67 -10.66
N PRO A 570 34.42 23.69 -12.00
CA PRO A 570 33.40 22.87 -12.68
C PRO A 570 33.59 21.38 -12.50
N ALA A 571 34.78 20.93 -12.07
CA ALA A 571 35.00 19.50 -11.89
C ALA A 571 34.16 18.96 -10.75
N ARG A 572 34.12 19.66 -9.62
CA ARG A 572 33.34 19.25 -8.46
C ARG A 572 32.15 20.19 -8.32
N VAL A 573 30.96 19.69 -8.67
CA VAL A 573 29.72 20.43 -8.52
C VAL A 573 28.60 19.41 -8.39
N GLY A 574 27.58 19.76 -7.63
CA GLY A 574 26.47 18.84 -7.39
C GLY A 574 25.16 19.56 -7.27
N ILE A 575 24.07 18.81 -7.42
CA ILE A 575 22.73 19.34 -7.44
C ILE A 575 21.87 18.56 -6.46
N ALA A 576 20.94 19.26 -5.80
CA ALA A 576 20.10 18.64 -4.80
C ALA A 576 18.74 19.34 -4.76
N GLY A 577 17.70 18.56 -4.53
CA GLY A 577 16.36 19.13 -4.42
C GLY A 577 15.36 18.05 -4.09
N TYR A 578 14.21 18.50 -3.59
CA TYR A 578 13.12 17.62 -3.22
C TYR A 578 11.85 18.06 -3.92
N SER A 579 10.90 17.13 -4.03
CA SER A 579 9.62 17.40 -4.68
C SER A 579 9.85 17.91 -6.09
N ARG A 580 9.47 19.16 -6.34
CA ARG A 580 9.78 19.80 -7.61
C ARG A 580 11.27 19.72 -7.92
N GLY A 581 12.12 19.98 -6.92
CA GLY A 581 13.55 19.86 -7.13
C GLY A 581 14.00 18.45 -7.43
N SER A 582 13.27 17.45 -6.94
CA SER A 582 13.58 16.07 -7.28
C SER A 582 13.46 15.83 -8.77
N GLN A 583 12.37 16.34 -9.38
CA GLN A 583 12.21 16.21 -10.82
C GLN A 583 13.37 16.86 -11.56
N MSE A 584 13.79 18.03 -11.10
CA MSE A 584 14.88 18.75 -11.74
C MSE A 584 16.19 18.00 -11.59
O MSE A 584 16.95 17.87 -12.54
CB MSE A 584 15.00 20.16 -11.18
CG MSE A 584 13.96 21.11 -11.74
SE MSE A 584 13.58 20.73 -13.61
CE MSE A 584 12.87 22.46 -14.12
N VAL A 585 16.44 17.52 -10.37
CA VAL A 585 17.64 16.71 -10.13
C VAL A 585 17.64 15.48 -11.03
N ASN A 586 16.52 14.77 -11.09
CA ASN A 586 16.48 13.54 -11.88
C ASN A 586 16.56 13.82 -13.38
N VAL A 587 16.04 14.97 -13.81
CA VAL A 587 16.10 15.30 -15.24
C VAL A 587 17.48 15.81 -15.62
N THR A 588 18.11 16.61 -14.76
CA THR A 588 19.46 17.09 -15.03
C THR A 588 20.43 15.93 -15.17
N VAL A 589 20.50 15.07 -14.14
CA VAL A 589 21.49 13.99 -14.13
C VAL A 589 21.31 13.06 -15.31
N THR A 590 20.08 12.94 -15.83
CA THR A 590 19.87 12.16 -17.05
C THR A 590 20.30 12.94 -18.29
N ASN A 591 19.97 14.23 -18.36
CA ASN A 591 20.22 15.04 -19.54
C ASN A 591 21.47 15.91 -19.44
N SER A 592 22.24 15.82 -18.36
CA SER A 592 23.42 16.66 -18.21
C SER A 592 24.57 15.85 -17.61
N LYS A 593 25.77 16.08 -18.13
CA LYS A 593 26.99 15.46 -17.62
C LYS A 593 27.77 16.37 -16.67
N MSE A 594 27.25 17.55 -16.37
CA MSE A 594 28.02 18.54 -15.62
C MSE A 594 28.14 18.24 -14.13
O MSE A 594 29.13 18.60 -13.50
CB MSE A 594 27.38 19.93 -15.79
CG MSE A 594 28.17 21.06 -15.16
SE MSE A 594 27.51 22.81 -15.68
CE MSE A 594 27.78 22.65 -17.60
N PHE A 595 27.15 17.54 -13.57
CA PHE A 595 27.04 17.35 -12.14
C PHE A 595 27.65 16.02 -11.72
N ARG A 596 28.53 16.08 -10.73
CA ARG A 596 29.27 14.91 -10.27
C ARG A 596 28.44 14.04 -9.33
N ALA A 597 27.69 14.66 -8.42
CA ALA A 597 26.85 13.94 -7.47
C ALA A 597 25.50 14.65 -7.38
N ALA A 598 24.50 13.92 -6.87
CA ALA A 598 23.15 14.45 -6.77
C ALA A 598 22.42 13.79 -5.61
N SER A 599 21.44 14.53 -5.06
CA SER A 599 20.57 14.04 -4.00
C SER A 599 19.14 14.47 -4.32
N SER A 600 18.24 13.50 -4.46
CA SER A 600 16.84 13.76 -4.79
C SER A 600 15.97 13.37 -3.60
N GLY A 601 15.48 14.38 -2.88
CA GLY A 601 14.60 14.14 -1.74
C GLY A 601 13.18 13.77 -2.14
N ASP A 602 12.71 12.63 -1.63
CA ASP A 602 11.30 12.22 -1.64
C ASP A 602 10.61 12.55 -2.96
N GLY A 603 11.07 11.91 -4.01
CA GLY A 603 10.67 12.16 -5.38
C GLY A 603 9.68 11.14 -5.89
N GLY A 604 9.82 10.81 -7.18
CA GLY A 604 8.99 9.80 -7.83
C GLY A 604 8.04 10.32 -8.89
N PHE A 605 7.88 11.62 -9.04
CA PHE A 605 7.12 12.08 -10.20
C PHE A 605 7.96 11.91 -11.46
N LEU A 606 7.25 11.79 -12.59
CA LEU A 606 7.75 11.54 -13.94
C LEU A 606 8.07 10.06 -14.17
N GLU A 607 8.01 9.20 -13.13
CA GLU A 607 8.29 7.80 -13.35
C GLU A 607 7.01 7.04 -13.71
N PRO A 608 7.13 5.98 -14.52
CA PRO A 608 5.93 5.28 -14.99
C PRO A 608 5.17 4.54 -13.91
N ALA A 609 5.80 4.28 -12.75
CA ALA A 609 5.13 3.52 -11.70
C ALA A 609 3.93 4.28 -11.13
N GLY A 610 4.07 5.60 -10.98
CA GLY A 610 3.05 6.39 -10.33
C GLY A 610 2.02 6.95 -11.29
N TYR A 611 1.88 6.31 -12.46
CA TYR A 611 0.98 6.85 -13.47
C TYR A 611 -0.49 6.67 -13.08
N ALA A 612 -0.87 5.46 -12.68
CA ALA A 612 -2.27 5.17 -12.44
C ALA A 612 -2.88 6.04 -11.35
N THR A 613 -2.07 6.58 -10.44
CA THR A 613 -2.58 7.53 -9.46
C THR A 613 -2.68 8.94 -10.05
N GLY A 614 -1.68 9.36 -10.80
CA GLY A 614 -1.55 10.73 -11.28
C GLY A 614 -1.89 10.99 -12.73
N ARG A 615 -2.76 10.17 -13.32
CA ARG A 615 -2.91 10.12 -14.79
C ARG A 615 -2.98 11.52 -15.41
N SER A 616 -3.86 12.38 -14.88
CA SER A 616 -4.05 13.70 -15.49
C SER A 616 -2.77 14.53 -15.43
N SER A 617 -1.95 14.36 -14.39
CA SER A 617 -0.70 15.10 -14.32
C SER A 617 0.33 14.53 -15.28
N TYR A 618 0.30 13.23 -15.54
CA TYR A 618 1.25 12.61 -16.45
C TYR A 618 0.87 12.80 -17.91
N ASP A 619 -0.43 12.89 -18.21
CA ASP A 619 -0.87 12.90 -19.60
C ASP A 619 -0.41 14.13 -20.35
N ALA A 620 -0.31 15.28 -19.68
CA ALA A 620 0.22 16.47 -20.35
C ALA A 620 1.68 16.27 -20.73
N VAL A 621 2.44 15.57 -19.90
CA VAL A 621 3.87 15.40 -20.13
C VAL A 621 4.13 14.31 -21.15
N TYR A 622 3.52 13.14 -20.97
CA TYR A 622 3.77 11.99 -21.82
C TYR A 622 2.68 11.70 -22.86
N GLY A 623 1.58 12.44 -22.84
CA GLY A 623 0.56 12.22 -23.85
C GLY A 623 -0.20 10.91 -23.75
N GLY A 624 -0.04 10.15 -22.68
CA GLY A 624 -0.79 8.93 -22.52
C GLY A 624 -0.08 7.96 -21.60
N ALA A 625 -0.60 6.73 -21.58
CA ALA A 625 -0.11 5.70 -20.69
C ALA A 625 1.24 5.18 -21.15
N PRO A 626 2.02 4.59 -20.23
CA PRO A 626 3.34 4.07 -20.63
C PRO A 626 3.30 2.95 -21.65
N LEU A 627 2.30 2.08 -21.58
CA LEU A 627 2.20 0.97 -22.51
C LEU A 627 1.35 1.30 -23.74
N SER A 628 0.90 2.54 -23.87
CA SER A 628 0.13 2.95 -25.03
C SER A 628 1.08 3.26 -26.17
N ASP A 629 0.54 3.85 -27.26
CA ASP A 629 1.36 4.26 -28.38
C ASP A 629 2.33 5.38 -28.03
N ASN A 630 2.22 5.96 -26.84
CA ASN A 630 3.11 7.00 -26.37
C ASN A 630 4.35 6.45 -25.69
N ILE A 631 4.55 5.13 -25.73
CA ILE A 631 5.65 4.50 -25.00
C ILE A 631 6.99 5.15 -25.32
N GLU A 632 7.19 5.55 -26.58
CA GLU A 632 8.46 6.17 -26.94
C GLU A 632 8.63 7.54 -26.28
N ARG A 633 7.52 8.22 -25.97
CA ARG A 633 7.62 9.46 -25.23
C ARG A 633 8.12 9.23 -23.81
N TRP A 634 7.86 8.03 -23.25
CA TRP A 634 8.36 7.72 -21.92
C TRP A 634 9.84 7.34 -21.95
N ARG A 635 10.28 6.62 -22.97
CA ARG A 635 11.66 6.18 -23.05
C ARG A 635 12.63 7.36 -23.18
N ARG A 636 12.23 8.40 -23.91
CA ARG A 636 13.15 9.51 -24.19
C ARG A 636 13.30 10.45 -23.02
N PHE A 637 12.31 10.52 -22.13
CA PHE A 637 12.27 11.54 -21.09
C PHE A 637 12.39 10.96 -19.69
N ALA A 638 11.46 10.09 -19.30
CA ALA A 638 11.37 9.60 -17.92
C ALA A 638 12.73 9.10 -17.43
N PRO A 639 13.19 9.56 -16.27
CA PRO A 639 14.57 9.23 -15.85
C PRO A 639 14.79 7.76 -15.57
N SER A 640 13.76 7.02 -15.17
CA SER A 640 13.93 5.61 -14.83
C SER A 640 14.44 4.83 -16.03
N LEU A 641 13.84 5.05 -17.20
CA LEU A 641 14.22 4.32 -18.40
C LEU A 641 15.53 4.84 -19.01
N ASN A 642 15.93 6.05 -18.65
CA ASN A 642 17.10 6.72 -19.22
C ASN A 642 18.36 6.55 -18.38
N ALA A 643 18.33 5.69 -17.36
CA ALA A 643 19.47 5.53 -16.45
C ALA A 643 20.78 5.26 -17.17
N ASP A 644 20.73 4.77 -18.42
CA ASP A 644 21.95 4.56 -19.18
C ASP A 644 22.72 5.86 -19.40
N LYS A 645 22.01 6.99 -19.42
CA LYS A 645 22.63 8.30 -19.62
C LYS A 645 23.16 8.92 -18.33
N VAL A 646 23.05 8.20 -17.21
CA VAL A 646 23.34 8.77 -15.90
C VAL A 646 24.76 8.38 -15.52
N CYS A 647 25.65 9.37 -15.44
CA CYS A 647 26.93 9.22 -14.78
C CYS A 647 27.01 10.27 -13.68
N ALA A 648 26.88 9.82 -12.43
CA ALA A 648 26.85 10.68 -11.26
C ALA A 648 26.54 9.83 -10.02
N ALA A 649 26.57 10.44 -8.85
CA ALA A 649 26.14 9.79 -7.62
C ALA A 649 24.77 10.33 -7.25
N VAL A 650 23.76 9.47 -7.32
CA VAL A 650 22.37 9.85 -7.09
C VAL A 650 21.92 9.23 -5.77
N LEU A 651 21.63 10.08 -4.79
CA LEU A 651 21.16 9.66 -3.48
C LEU A 651 19.70 10.05 -3.32
N GLN A 652 18.88 9.12 -2.88
CA GLN A 652 17.47 9.37 -2.61
C GLN A 652 17.24 9.30 -1.10
N GLN A 653 16.68 10.37 -0.55
CA GLN A 653 16.20 10.42 0.82
C GLN A 653 14.67 10.44 0.77
N VAL A 654 14.05 9.35 1.19
CA VAL A 654 12.67 9.04 0.84
C VAL A 654 11.91 8.68 2.11
N ALA A 655 10.84 9.44 2.40
CA ALA A 655 9.94 9.09 3.49
C ALA A 655 8.75 8.23 3.09
N SER A 656 8.39 8.18 1.80
CA SER A 656 7.16 7.52 1.40
C SER A 656 7.34 6.13 0.82
N ALA A 657 8.57 5.69 0.56
CA ALA A 657 8.87 4.38 -0.01
C ALA A 657 7.93 4.03 -1.16
N SER A 658 7.75 4.99 -2.07
CA SER A 658 6.77 4.84 -3.14
C SER A 658 7.32 3.96 -4.26
N PRO A 659 6.44 3.33 -5.03
CA PRO A 659 6.90 2.48 -6.15
C PRO A 659 7.68 3.26 -7.20
N SER A 660 7.50 4.58 -7.27
CA SER A 660 8.21 5.39 -8.23
C SER A 660 9.63 5.68 -7.77
N GLN A 661 9.82 5.98 -6.48
CA GLN A 661 11.15 6.16 -5.94
C GLN A 661 11.96 4.87 -6.02
N ILE A 662 11.30 3.73 -5.84
CA ILE A 662 12.00 2.45 -5.89
C ILE A 662 12.38 2.11 -7.32
N GLU A 663 11.52 2.43 -8.28
CA GLU A 663 11.80 2.13 -9.68
C GLU A 663 13.01 2.90 -10.18
N LEU A 664 13.19 4.13 -9.69
CA LEU A 664 14.37 4.91 -10.08
C LEU A 664 15.64 4.30 -9.51
N PHE A 665 15.57 3.73 -8.31
CA PHE A 665 16.75 3.14 -7.70
C PHE A 665 17.15 1.85 -8.40
N GLU A 666 16.18 0.96 -8.62
CA GLU A 666 16.49 -0.31 -9.26
C GLU A 666 16.96 -0.13 -10.69
N ALA A 667 16.44 0.88 -11.39
CA ALA A 667 16.89 1.16 -12.74
C ALA A 667 18.28 1.78 -12.74
N LEU A 668 18.56 2.66 -11.77
CA LEU A 668 19.89 3.24 -11.66
C LEU A 668 20.91 2.20 -11.21
N ARG A 669 20.55 1.36 -10.23
CA ARG A 669 21.49 0.39 -9.71
C ARG A 669 21.79 -0.70 -10.74
N ALA A 670 20.78 -1.10 -11.52
CA ALA A 670 21.00 -2.11 -12.54
C ALA A 670 21.84 -1.60 -13.71
N ALA A 671 21.95 -0.28 -13.85
CA ALA A 671 22.74 0.32 -14.91
C ALA A 671 24.19 0.57 -14.51
N GLY A 672 24.58 0.15 -13.30
CA GLY A 672 25.91 0.40 -12.80
C GLY A 672 26.10 1.74 -12.14
N VAL A 673 25.08 2.59 -12.16
CA VAL A 673 25.20 3.90 -11.55
C VAL A 673 25.38 3.76 -10.05
N ALA A 674 26.22 4.63 -9.48
CA ALA A 674 26.39 4.65 -8.04
C ALA A 674 25.19 5.36 -7.42
N THR A 675 24.44 4.63 -6.59
CA THR A 675 23.21 5.17 -6.03
C THR A 675 22.92 4.50 -4.70
N GLN A 676 22.18 5.22 -3.87
CA GLN A 676 21.75 4.72 -2.57
C GLN A 676 20.41 5.36 -2.26
N ILE A 677 19.52 4.60 -1.63
CA ILE A 677 18.21 5.09 -1.22
C ILE A 677 18.11 4.96 0.30
N SER A 678 17.60 6.00 0.94
CA SER A 678 17.50 6.06 2.40
C SER A 678 16.03 6.28 2.77
N TYR A 679 15.45 5.28 3.44
CA TYR A 679 14.07 5.34 3.90
C TYR A 679 14.08 5.78 5.36
N TYR A 680 13.55 6.97 5.63
CA TYR A 680 13.49 7.45 6.99
C TYR A 680 12.13 7.16 7.59
N PRO A 681 12.06 6.55 8.76
CA PRO A 681 10.78 6.07 9.27
C PRO A 681 10.06 7.10 10.13
N GLY A 682 8.88 6.73 10.63
CA GLY A 682 8.13 7.59 11.52
C GLY A 682 8.58 7.42 12.96
N ALA A 683 7.79 8.01 13.86
CA ALA A 683 8.06 7.86 15.28
C ALA A 683 7.87 6.41 15.75
N THR A 684 7.10 5.63 15.02
CA THR A 684 6.87 4.23 15.33
C THR A 684 6.47 3.52 14.04
N ALA A 685 6.53 2.19 14.07
CA ALA A 685 6.16 1.42 12.89
C ALA A 685 4.71 1.64 12.49
N ALA A 686 3.89 2.20 13.37
CA ALA A 686 2.50 2.49 13.05
C ALA A 686 2.35 3.79 12.25
N SER A 687 3.27 4.73 12.44
CA SER A 687 3.20 6.02 11.78
C SER A 687 4.23 6.09 10.64
N ASP A 688 4.26 7.24 9.97
CA ASP A 688 5.18 7.51 8.87
C ASP A 688 5.84 8.86 9.10
N GLU A 689 6.70 9.23 8.16
CA GLU A 689 7.32 10.55 8.14
C GLU A 689 6.65 11.41 7.08
N THR A 690 6.53 12.70 7.37
CA THR A 690 5.88 13.62 6.46
C THR A 690 6.77 13.91 5.26
N HIS A 691 6.26 14.72 4.33
CA HIS A 691 7.05 15.16 3.20
C HIS A 691 8.22 16.01 3.67
N VAL A 692 7.94 17.06 4.43
CA VAL A 692 8.96 17.78 5.16
C VAL A 692 9.14 17.10 6.51
N PHE A 693 10.35 16.65 6.79
CA PHE A 693 10.59 15.81 7.95
C PHE A 693 10.31 16.59 9.23
N TYR A 694 9.42 16.06 10.07
CA TYR A 694 9.12 16.67 11.37
C TYR A 694 9.87 16.02 12.52
N LEU A 695 10.62 14.96 12.27
CA LEU A 695 11.33 14.25 13.32
C LEU A 695 12.77 14.73 13.35
N THR A 696 13.20 15.25 14.51
CA THR A 696 14.53 15.82 14.62
C THR A 696 15.61 14.79 14.28
N THR A 697 15.38 13.52 14.62
CA THR A 697 16.39 12.51 14.36
C THR A 697 16.52 12.23 12.87
N ASN A 698 15.40 12.29 12.14
CA ASN A 698 15.46 12.07 10.70
C ASN A 698 16.00 13.30 9.97
N ARG A 699 15.76 14.50 10.50
CA ARG A 699 16.29 15.70 9.90
C ARG A 699 17.80 15.78 10.05
N LEU A 700 18.29 15.63 11.27
CA LEU A 700 19.71 15.77 11.54
C LEU A 700 20.56 14.78 10.75
N ARG A 701 20.08 13.55 10.60
CA ARG A 701 20.87 12.55 9.90
C ARG A 701 20.83 12.76 8.40
N ALA A 702 19.66 13.14 7.86
CA ALA A 702 19.56 13.42 6.44
C ALA A 702 20.47 14.58 6.05
N MSE A 703 20.56 15.60 6.91
CA MSE A 703 21.50 16.69 6.72
C MSE A 703 22.93 16.16 6.68
O MSE A 703 23.71 16.49 5.79
CB MSE A 703 21.35 17.74 7.81
CG MSE A 703 20.02 18.46 7.82
SE MSE A 703 19.93 19.87 9.17
CE MSE A 703 18.12 20.47 8.81
N ARG A 704 23.25 15.33 7.68
CA ARG A 704 24.60 14.78 7.77
C ARG A 704 24.85 13.70 6.73
N GLU A 705 23.81 13.05 6.23
CA GLU A 705 24.01 12.12 5.13
C GLU A 705 24.32 12.85 3.83
N ASN A 706 23.76 14.06 3.66
CA ASN A 706 24.09 14.87 2.50
C ASN A 706 25.50 15.44 2.60
N ILE A 707 25.91 15.81 3.81
CA ILE A 707 27.28 16.28 4.02
C ILE A 707 28.28 15.21 3.59
N ALA A 708 28.05 13.97 4.02
CA ALA A 708 28.98 12.89 3.71
C ALA A 708 28.89 12.46 2.26
N TRP A 709 27.71 12.56 1.65
CA TRP A 709 27.55 12.12 0.27
C TRP A 709 28.30 13.06 -0.68
N PHE A 710 28.19 14.37 -0.46
CA PHE A 710 28.86 15.32 -1.34
C PHE A 710 30.34 15.45 -1.00
N ASP A 711 30.71 15.41 0.28
CA ASP A 711 32.13 15.43 0.63
C ASP A 711 32.87 14.23 0.05
N TYR A 712 32.16 13.12 -0.15
CA TYR A 712 32.79 11.92 -0.68
C TYR A 712 32.96 12.03 -2.20
N TRP A 713 31.85 12.13 -2.92
CA TRP A 713 31.93 12.07 -4.38
C TRP A 713 32.60 13.31 -4.97
N LEU A 714 32.25 14.50 -4.48
CA LEU A 714 32.87 15.71 -5.00
C LEU A 714 34.31 15.85 -4.51
N LEU A 715 34.53 15.86 -3.20
CA LEU A 715 35.80 16.24 -2.61
C LEU A 715 36.70 15.07 -2.22
N ASP A 716 36.24 13.83 -2.37
CA ASP A 716 36.96 12.66 -1.87
C ASP A 716 37.33 12.82 -0.39
N LYS A 717 36.35 13.22 0.41
CA LYS A 717 36.52 13.42 1.84
C LYS A 717 35.65 12.43 2.59
N ARG A 718 36.24 11.76 3.59
CA ARG A 718 35.57 10.73 4.35
C ARG A 718 35.59 11.08 5.83
N ASP A 719 34.47 10.84 6.52
CA ASP A 719 34.32 11.21 7.93
C ASP A 719 33.89 10.00 8.73
N ALA A 720 34.53 9.79 9.88
CA ALA A 720 34.23 8.63 10.72
C ALA A 720 32.99 8.84 11.57
N ASP A 721 32.65 10.09 11.90
CA ASP A 721 31.51 10.41 12.76
C ASP A 721 30.22 10.55 11.96
N ALA A 722 30.25 10.21 10.67
CA ALA A 722 29.10 10.20 9.77
C ALA A 722 27.95 9.37 10.32
N PRO A 723 26.70 9.65 9.93
CA PRO A 723 25.57 9.00 10.62
C PRO A 723 25.55 7.50 10.46
N PHE A 724 26.07 6.95 9.36
CA PHE A 724 26.03 5.52 9.09
C PHE A 724 27.40 5.06 8.62
N PRO A 725 28.26 4.62 9.56
CA PRO A 725 29.70 4.47 9.23
C PRO A 725 30.01 3.44 8.16
N ASP A 726 29.34 2.28 8.17
CA ASP A 726 29.71 1.19 7.26
C ASP A 726 29.45 1.52 5.79
N HIS A 727 28.82 2.66 5.49
CA HIS A 727 28.50 3.02 4.12
C HIS A 727 29.73 3.42 3.31
N VAL A 728 30.72 4.06 3.94
CA VAL A 728 31.84 4.60 3.17
C VAL A 728 32.59 3.49 2.46
N VAL A 729 32.56 2.26 2.99
CA VAL A 729 33.12 1.14 2.27
C VAL A 729 32.20 0.71 1.14
N LYS A 730 30.89 0.85 1.34
CA LYS A 730 29.94 0.51 0.28
C LYS A 730 30.08 1.45 -0.90
N TRP A 731 30.36 2.72 -0.63
CA TRP A 731 30.53 3.69 -1.71
C TRP A 731 31.84 3.47 -2.45
N ASP A 732 32.87 2.98 -1.76
CA ASP A 732 34.11 2.60 -2.44
C ASP A 732 33.86 1.48 -3.44
N ARG A 733 32.97 0.55 -3.09
CA ARG A 733 32.61 -0.50 -4.03
C ARG A 733 31.77 0.04 -5.17
N LEU A 734 30.92 1.04 -4.90
CA LEU A 734 30.16 1.68 -5.96
C LEU A 734 31.08 2.43 -6.93
N LYS A 735 32.19 2.97 -6.44
CA LYS A 735 33.11 3.70 -7.30
C LYS A 735 33.89 2.75 -8.20
N LYS A 736 34.36 1.63 -7.65
CA LYS A 736 35.12 0.67 -8.45
C LYS A 736 34.27 -0.01 -9.50
N ASN A 737 32.97 -0.19 -9.21
CA ASN A 737 32.07 -0.90 -10.11
C ASN A 737 31.40 0.03 -11.13
N LEU A 738 31.80 1.31 -11.15
CA LEU A 738 31.27 2.24 -12.14
C LEU A 738 31.52 1.71 -13.55
N PRO A 739 30.62 2.01 -14.49
CA PRO A 739 30.80 1.53 -15.87
C PRO A 739 31.89 2.28 -16.59
N ASP A 740 32.38 1.67 -17.68
CA ASP A 740 33.34 2.32 -18.55
C ASP A 740 32.72 3.51 -19.29
N ARG A 741 31.40 3.48 -19.48
CA ARG A 741 30.69 4.59 -20.10
C ARG A 741 30.89 5.89 -19.35
N CYS A 742 31.14 5.84 -18.05
CA CYS A 742 31.27 7.03 -17.21
C CYS A 742 32.70 7.55 -17.13
N ALA A 743 33.62 6.96 -17.87
CA ALA A 743 35.01 7.40 -17.84
C ALA A 743 35.12 8.88 -18.18
N ALA A 744 36.03 9.57 -17.50
CA ALA A 744 36.20 11.00 -17.69
C ALA A 744 36.72 11.30 -19.09
N ALA A 745 36.48 12.53 -19.54
CA ALA A 745 36.89 12.93 -20.87
C ALA A 745 38.40 12.85 -21.01
N PRO A 746 38.92 12.33 -22.13
CA PRO A 746 40.35 12.15 -22.36
C PRO A 746 41.09 13.48 -22.52
N SER B 49 -37.35 -41.65 1.75
CA SER B 49 -37.00 -40.25 1.64
C SER B 49 -35.85 -40.04 0.67
N LYS B 50 -36.10 -39.33 -0.42
CA LYS B 50 -35.04 -39.02 -1.37
C LYS B 50 -33.99 -38.11 -0.74
N GLY B 51 -34.42 -37.00 -0.17
CA GLY B 51 -33.53 -36.09 0.50
C GLY B 51 -34.04 -34.66 0.38
N ARG B 52 -33.16 -33.73 0.71
CA ARG B 52 -33.45 -32.31 0.65
C ARG B 52 -32.45 -31.60 -0.26
N PRO B 53 -32.85 -30.49 -0.88
CA PRO B 53 -31.93 -29.76 -1.76
C PRO B 53 -30.76 -29.15 -1.00
N TRP B 54 -29.87 -28.47 -1.73
CA TRP B 54 -28.71 -27.85 -1.11
C TRP B 54 -29.07 -26.48 -0.55
N THR B 55 -28.09 -25.86 0.10
CA THR B 55 -28.24 -24.54 0.68
C THR B 55 -26.87 -23.90 0.76
N LEU B 56 -26.82 -22.57 0.64
CA LEU B 56 -25.57 -21.86 0.79
C LEU B 56 -24.90 -22.17 2.12
N GLU B 57 -25.70 -22.31 3.18
CA GLU B 57 -25.13 -22.64 4.48
C GLU B 57 -24.63 -24.08 4.53
N ASP B 58 -25.18 -24.96 3.69
CA ASP B 58 -24.65 -26.30 3.58
C ASP B 58 -23.24 -26.28 2.97
N ILE B 59 -23.08 -25.58 1.85
CA ILE B 59 -21.77 -25.45 1.23
C ILE B 59 -20.80 -24.75 2.17
N LEU B 60 -21.30 -23.75 2.90
CA LEU B 60 -20.44 -22.97 3.80
C LEU B 60 -19.95 -23.82 4.97
N THR B 61 -20.80 -24.71 5.49
CA THR B 61 -20.52 -25.46 6.69
C THR B 61 -19.92 -26.84 6.43
N VAL B 62 -19.61 -27.16 5.17
CA VAL B 62 -18.97 -28.44 4.86
C VAL B 62 -17.71 -28.57 5.67
N PRO B 63 -17.57 -29.62 6.47
CA PRO B 63 -16.37 -29.78 7.31
C PRO B 63 -15.16 -30.22 6.51
N GLU B 64 -14.00 -29.81 6.98
CA GLU B 64 -12.73 -30.26 6.44
C GLU B 64 -11.82 -30.62 7.60
N VAL B 65 -11.14 -31.76 7.47
CA VAL B 65 -10.30 -32.31 8.54
C VAL B 65 -8.87 -32.36 8.04
N ASN B 66 -8.02 -31.50 8.59
CA ASN B 66 -6.59 -31.54 8.32
C ASN B 66 -5.79 -32.24 9.40
N GLU B 67 -6.41 -32.62 10.51
CA GLU B 67 -5.71 -33.22 11.64
C GLU B 67 -6.46 -34.46 12.06
N ILE B 68 -5.83 -35.63 11.91
CA ILE B 68 -6.36 -36.89 12.41
C ILE B 68 -5.19 -37.73 12.89
N ALA B 69 -5.32 -38.30 14.08
CA ALA B 69 -4.25 -39.09 14.68
C ALA B 69 -4.82 -40.40 15.21
N LEU B 70 -3.95 -41.40 15.31
CA LEU B 70 -4.29 -42.71 15.80
C LEU B 70 -3.31 -43.13 16.87
N SER B 71 -3.82 -43.78 17.92
CA SER B 71 -2.95 -44.28 18.97
C SER B 71 -2.14 -45.48 18.48
N ASP B 72 -0.95 -45.64 19.05
CA ASP B 72 -0.08 -46.75 18.66
C ASP B 72 -0.72 -48.10 18.94
N ASN B 73 -1.64 -48.18 19.89
CA ASN B 73 -2.38 -49.41 20.14
C ASN B 73 -3.58 -49.56 19.21
N GLY B 74 -3.92 -48.54 18.43
CA GLY B 74 -5.01 -48.61 17.49
C GLY B 74 -6.39 -48.59 18.09
N ARG B 75 -6.51 -48.49 19.42
CA ARG B 75 -7.83 -48.53 20.05
C ARG B 75 -8.53 -47.17 19.97
N LEU B 76 -7.78 -46.08 20.14
CA LEU B 76 -8.34 -44.75 20.18
C LEU B 76 -7.80 -43.90 19.04
N ALA B 77 -8.66 -43.04 18.50
CA ALA B 77 -8.28 -42.08 17.48
C ALA B 77 -8.92 -40.74 17.82
N ILE B 78 -8.25 -39.66 17.42
CA ILE B 78 -8.74 -38.31 17.67
C ILE B 78 -8.51 -37.48 16.41
N TYR B 79 -9.49 -36.64 16.08
CA TYR B 79 -9.41 -35.77 14.92
C TYR B 79 -10.15 -34.48 15.24
N ALA B 80 -10.12 -33.54 14.28
CA ALA B 80 -10.77 -32.25 14.45
C ALA B 80 -11.40 -31.83 13.15
N ALA B 81 -12.66 -31.41 13.20
CA ALA B 81 -13.41 -30.97 12.04
C ALA B 81 -13.55 -29.46 12.08
N GLU B 82 -13.14 -28.80 11.00
CA GLU B 82 -13.23 -27.35 10.90
C GLU B 82 -14.54 -26.99 10.21
N ILE B 83 -15.42 -26.30 10.95
CA ILE B 83 -16.73 -25.92 10.46
C ILE B 83 -16.93 -24.43 10.67
N ALA B 84 -17.65 -23.81 9.75
CA ALA B 84 -17.89 -22.37 9.80
C ALA B 84 -18.98 -22.06 10.82
N ASP B 85 -18.71 -21.07 11.68
CA ASP B 85 -19.62 -20.70 12.76
C ASP B 85 -20.31 -19.39 12.39
N LEU B 86 -21.63 -19.44 12.25
CA LEU B 86 -22.39 -18.23 11.95
C LEU B 86 -22.29 -17.21 13.08
N ASP B 87 -22.26 -17.68 14.32
CA ASP B 87 -22.22 -16.78 15.47
C ASP B 87 -20.87 -16.07 15.56
N ALA B 88 -19.78 -16.83 15.42
CA ALA B 88 -18.45 -16.24 15.52
C ALA B 88 -17.99 -15.60 14.21
N GLY B 89 -18.65 -15.90 13.10
CA GLY B 89 -18.27 -15.35 11.81
C GLY B 89 -17.03 -15.94 11.18
N LYS B 90 -16.34 -16.82 11.89
CA LYS B 90 -15.13 -17.47 11.39
C LYS B 90 -15.23 -18.95 11.71
N PRO B 91 -14.49 -19.80 11.00
CA PRO B 91 -14.59 -21.24 11.25
C PRO B 91 -13.96 -21.61 12.58
N ARG B 92 -14.46 -22.71 13.14
CA ARG B 92 -13.97 -23.23 14.41
C ARG B 92 -13.80 -24.74 14.28
N SER B 93 -12.78 -25.26 14.96
CA SER B 93 -12.44 -26.68 14.90
C SER B 93 -13.07 -27.42 16.08
N HIS B 94 -13.76 -28.52 15.78
CA HIS B 94 -14.39 -29.35 16.79
C HIS B 94 -13.53 -30.59 17.01
N ILE B 95 -12.91 -30.68 18.18
CA ILE B 95 -12.08 -31.84 18.52
C ILE B 95 -13.00 -32.99 18.93
N ARG B 96 -12.77 -34.16 18.35
CA ARG B 96 -13.60 -35.32 18.59
C ARG B 96 -12.72 -36.55 18.80
N ILE B 97 -13.07 -37.37 19.78
CA ILE B 97 -12.38 -38.62 20.04
C ILE B 97 -13.24 -39.76 19.53
N VAL B 98 -12.59 -40.79 19.01
CA VAL B 98 -13.27 -41.89 18.33
C VAL B 98 -12.84 -43.21 18.96
N ASP B 99 -13.78 -44.13 19.09
CA ASP B 99 -13.49 -45.52 19.43
C ASP B 99 -13.36 -46.28 18.12
N VAL B 100 -12.14 -46.72 17.81
CA VAL B 100 -11.84 -47.19 16.46
C VAL B 100 -12.60 -48.46 16.12
N GLU B 101 -12.85 -49.32 17.11
CA GLU B 101 -13.56 -50.56 16.83
C GLU B 101 -15.06 -50.33 16.63
N THR B 102 -15.68 -49.58 17.55
CA THR B 102 -17.12 -49.36 17.48
C THR B 102 -17.48 -48.26 16.50
N GLY B 103 -16.71 -47.17 16.50
CA GLY B 103 -17.07 -45.98 15.77
C GLY B 103 -17.71 -44.90 16.62
N ARG B 104 -17.85 -45.14 17.92
CA ARG B 104 -18.43 -44.16 18.83
C ARG B 104 -17.58 -42.90 18.87
N THR B 105 -18.23 -41.74 18.79
CA THR B 105 -17.55 -40.46 18.87
C THR B 105 -18.25 -39.57 19.88
N LYS B 106 -17.47 -38.84 20.66
CA LYS B 106 -18.01 -37.84 21.57
C LYS B 106 -17.24 -36.54 21.38
N GLU B 107 -17.95 -35.43 21.55
CA GLU B 107 -17.37 -34.11 21.34
C GLU B 107 -16.59 -33.70 22.58
N LEU B 108 -15.30 -33.44 22.39
CA LEU B 108 -14.46 -32.96 23.49
C LEU B 108 -14.72 -31.48 23.77
N LEU B 109 -14.32 -30.61 22.86
CA LEU B 109 -14.61 -29.19 22.93
C LEU B 109 -14.40 -28.58 21.56
N THR B 110 -14.65 -27.28 21.46
CA THR B 110 -14.49 -26.53 20.21
C THR B 110 -13.43 -25.47 20.41
N VAL B 111 -12.50 -25.39 19.46
CA VAL B 111 -11.38 -24.45 19.53
C VAL B 111 -11.30 -23.68 18.23
N ASP B 112 -10.56 -22.56 18.27
CA ASP B 112 -10.40 -21.73 17.08
C ASP B 112 -9.59 -22.45 16.02
N THR B 113 -8.37 -22.87 16.36
CA THR B 113 -7.48 -23.55 15.43
C THR B 113 -6.74 -24.65 16.16
N ILE B 114 -6.54 -25.78 15.47
CA ILE B 114 -5.75 -26.89 15.99
C ILE B 114 -4.88 -27.42 14.86
N LYS B 115 -3.58 -27.52 15.12
CA LYS B 115 -2.62 -27.96 14.12
C LYS B 115 -1.61 -28.91 14.76
N SER B 116 -0.97 -29.70 13.91
CA SER B 116 0.10 -30.62 14.34
C SER B 116 -0.39 -31.59 15.40
N LEU B 117 -1.49 -32.27 15.10
CA LEU B 117 -2.07 -33.26 15.99
C LEU B 117 -1.37 -34.60 15.78
N ARG B 118 -0.73 -35.11 16.83
CA ARG B 118 -0.05 -36.38 16.77
C ARG B 118 -0.11 -37.03 18.14
N SER B 119 0.44 -38.24 18.23
CA SER B 119 0.43 -39.01 19.47
C SER B 119 1.81 -38.98 20.11
N VAL B 120 1.84 -38.73 21.41
CA VAL B 120 3.12 -38.72 22.13
C VAL B 120 3.71 -40.13 22.13
N PRO B 121 5.02 -40.29 21.95
CA PRO B 121 5.58 -41.64 21.82
C PRO B 121 5.55 -42.44 23.11
N GLY B 122 5.57 -41.76 24.26
CA GLY B 122 5.76 -42.45 25.52
C GLY B 122 4.52 -43.01 26.17
N THR B 123 3.35 -42.49 25.83
CA THR B 123 2.12 -42.89 26.50
C THR B 123 0.96 -42.80 25.51
N GLN B 124 -0.25 -42.92 26.04
CA GLN B 124 -1.47 -42.89 25.25
C GLN B 124 -2.04 -41.50 25.08
N ASP B 125 -1.36 -40.48 25.57
CA ASP B 125 -1.83 -39.11 25.46
C ASP B 125 -1.68 -38.60 24.02
N TRP B 126 -2.04 -37.34 23.82
CA TRP B 126 -1.89 -36.67 22.53
C TRP B 126 -1.34 -35.27 22.76
N SER B 127 -0.77 -34.69 21.71
CA SER B 127 -0.26 -33.33 21.74
C SER B 127 -0.59 -32.64 20.44
N ALA B 128 -0.94 -31.35 20.52
CA ALA B 128 -1.30 -30.59 19.34
C ALA B 128 -1.08 -29.11 19.62
N LEU B 129 -1.03 -28.33 18.54
CA LEU B 129 -0.95 -26.87 18.61
C LEU B 129 -2.36 -26.31 18.52
N VAL B 130 -2.83 -25.71 19.60
CA VAL B 130 -4.22 -25.29 19.74
C VAL B 130 -4.26 -23.83 20.13
N ASP B 131 -5.20 -23.10 19.55
CA ASP B 131 -5.44 -21.71 19.91
C ASP B 131 -6.88 -21.59 20.42
N LEU B 132 -7.00 -21.21 21.69
CA LEU B 132 -8.30 -21.04 22.33
C LEU B 132 -8.84 -19.62 22.18
N GLY B 133 -8.14 -18.76 21.44
CA GLY B 133 -8.47 -17.36 21.33
C GLY B 133 -7.48 -16.46 22.05
N GLU B 134 -6.64 -17.01 22.91
CA GLU B 134 -5.58 -16.28 23.59
C GLU B 134 -4.25 -16.41 22.86
N GLY B 135 -4.23 -17.06 21.70
CA GLY B 135 -3.03 -17.35 20.96
C GLY B 135 -2.72 -18.84 20.97
N GLN B 136 -1.98 -19.27 19.95
CA GLN B 136 -1.68 -20.68 19.75
C GLN B 136 -0.55 -21.11 20.66
N GLN B 137 -0.81 -22.08 21.51
CA GLN B 137 0.18 -22.64 22.42
C GLN B 137 0.24 -24.15 22.22
N LEU B 138 1.11 -24.80 22.98
CA LEU B 138 1.28 -26.25 22.92
C LEU B 138 0.42 -26.90 23.99
N TYR B 139 -0.51 -27.74 23.57
CA TYR B 139 -1.46 -28.37 24.48
C TYR B 139 -1.35 -29.88 24.43
N ARG B 140 -1.52 -30.51 25.57
CA ARG B 140 -1.58 -31.96 25.68
C ARG B 140 -3.03 -32.40 25.86
N ILE B 141 -3.40 -33.47 25.16
CA ILE B 141 -4.75 -34.03 25.24
C ILE B 141 -4.71 -35.28 26.09
N ASP B 142 -5.49 -35.28 27.17
CA ASP B 142 -5.56 -36.43 28.06
C ASP B 142 -6.17 -37.62 27.36
N THR B 143 -5.87 -38.81 27.87
CA THR B 143 -6.41 -40.03 27.28
C THR B 143 -7.93 -40.04 27.33
N GLU B 144 -8.53 -39.35 28.31
CA GLU B 144 -9.97 -39.24 28.41
C GLU B 144 -10.53 -38.06 27.64
N GLY B 145 -9.67 -37.27 26.98
CA GLY B 145 -10.11 -36.16 26.16
C GLY B 145 -9.85 -34.79 26.73
N LYS B 146 -9.41 -34.68 27.98
CA LYS B 146 -9.17 -33.37 28.58
C LYS B 146 -7.93 -32.73 27.97
N LEU B 147 -7.93 -31.39 27.97
CA LEU B 147 -6.84 -30.60 27.41
C LEU B 147 -6.08 -29.92 28.53
N LEU B 148 -4.78 -30.18 28.60
CA LEU B 148 -3.89 -29.50 29.53
C LEU B 148 -2.70 -28.93 28.77
N PRO B 149 -2.25 -27.73 29.12
CA PRO B 149 -1.14 -27.12 28.40
C PRO B 149 0.21 -27.70 28.81
N LEU B 150 1.14 -27.67 27.86
CA LEU B 150 2.52 -28.05 28.10
C LEU B 150 3.42 -26.82 28.09
N ILE B 151 3.65 -26.23 26.92
CA ILE B 151 4.44 -25.02 26.77
C ILE B 151 3.49 -23.88 26.42
N VAL B 152 3.53 -22.81 27.21
CA VAL B 152 2.67 -21.66 27.01
C VAL B 152 3.55 -20.42 26.98
N ASN B 153 3.53 -19.71 25.85
CA ASN B 153 4.30 -18.48 25.71
C ASN B 153 3.48 -17.31 26.26
N PRO B 154 3.95 -16.63 27.31
CA PRO B 154 3.20 -15.47 27.81
C PRO B 154 3.20 -14.29 26.87
N ASN B 155 4.09 -14.26 25.87
CA ASN B 155 4.21 -13.15 24.93
C ASN B 155 4.06 -13.67 23.50
N PRO B 156 2.85 -14.06 23.10
CA PRO B 156 2.66 -14.45 21.71
C PRO B 156 2.70 -13.25 20.78
N VAL B 157 3.34 -13.44 19.63
CA VAL B 157 3.50 -12.38 18.65
C VAL B 157 2.36 -12.46 17.63
N PRO B 158 1.82 -11.32 17.19
CA PRO B 158 0.76 -11.36 16.18
C PRO B 158 1.33 -11.67 14.80
N VAL B 159 0.59 -12.45 14.03
CA VAL B 159 0.95 -12.83 12.68
C VAL B 159 -0.27 -12.65 11.78
N GLY B 160 -0.10 -13.00 10.52
CA GLY B 160 -1.18 -12.92 9.56
C GLY B 160 -1.16 -11.62 8.78
N LYS B 161 -2.23 -11.41 8.03
CA LYS B 161 -2.42 -10.16 7.30
C LYS B 161 -3.24 -9.24 8.19
N ALA B 162 -2.59 -8.22 8.74
CA ALA B 162 -3.20 -7.33 9.72
C ALA B 162 -2.16 -6.29 10.11
N ASP B 163 -2.61 -5.30 10.86
CA ASP B 163 -1.72 -4.23 11.28
C ASP B 163 -0.74 -4.70 12.34
N MSE B 164 0.52 -4.31 12.16
CA MSE B 164 1.59 -4.56 13.12
C MSE B 164 1.72 -6.02 13.51
O MSE B 164 1.92 -6.36 14.68
CB MSE B 164 1.38 -3.69 14.36
CG MSE B 164 1.21 -2.22 14.04
SE MSE B 164 2.01 -1.07 15.39
CE MSE B 164 3.85 -1.66 15.17
N SER B 165 1.60 -6.89 12.51
CA SER B 165 1.77 -8.33 12.64
C SER B 165 2.98 -8.76 11.80
N PHE B 166 3.26 -10.05 11.81
CA PHE B 166 4.35 -10.62 11.03
C PHE B 166 3.79 -11.46 9.90
N PRO B 167 4.14 -11.15 8.61
CA PRO B 167 3.56 -11.82 7.42
C PRO B 167 4.19 -13.18 7.09
N LEU B 168 3.67 -14.21 7.76
CA LEU B 168 4.18 -15.58 7.55
C LEU B 168 4.08 -16.01 6.09
N GLY B 169 2.88 -16.14 5.56
CA GLY B 169 2.67 -16.74 4.27
C GLY B 169 2.05 -18.14 4.37
N GLY B 170 2.09 -18.86 3.25
CA GLY B 170 1.25 -20.03 3.14
C GLY B 170 -0.17 -19.55 3.06
N GLY B 171 -0.99 -19.90 4.04
CA GLY B 171 -2.11 -19.04 4.30
C GLY B 171 -2.45 -19.01 5.77
N ILE B 172 -2.85 -17.83 6.22
CA ILE B 172 -3.00 -17.57 7.64
C ILE B 172 -4.02 -16.47 7.81
N ARG B 173 -4.89 -16.63 8.77
CA ARG B 173 -5.73 -15.53 9.21
C ARG B 173 -5.06 -14.82 10.37
N PRO B 174 -5.39 -13.56 10.61
CA PRO B 174 -4.73 -12.84 11.72
C PRO B 174 -4.92 -13.59 13.03
N SER B 175 -3.80 -13.87 13.69
CA SER B 175 -3.77 -14.68 14.88
C SER B 175 -2.49 -14.42 15.64
N HIS B 176 -2.46 -14.81 16.91
CA HIS B 176 -1.26 -14.78 17.71
C HIS B 176 -0.67 -16.17 17.82
N ILE B 177 0.66 -16.27 17.71
CA ILE B 177 1.37 -17.53 17.77
C ILE B 177 2.32 -17.47 18.96
N GLY B 178 2.00 -18.23 20.01
CA GLY B 178 2.91 -18.40 21.12
C GLY B 178 4.02 -19.39 20.84
N ILE B 179 3.65 -20.56 20.34
CA ILE B 179 4.59 -21.63 19.98
C ILE B 179 4.36 -21.97 18.52
N LEU B 180 5.45 -21.97 17.74
CA LEU B 180 5.34 -22.16 16.30
C LEU B 180 5.29 -23.63 15.92
N ASP B 181 6.35 -24.38 16.20
CA ASP B 181 6.44 -25.78 15.86
C ASP B 181 6.98 -26.57 17.04
N TYR B 182 6.78 -27.88 17.00
CA TYR B 182 7.26 -28.76 18.06
C TYR B 182 7.50 -30.15 17.49
N ASP B 183 8.34 -30.92 18.17
CA ASP B 183 8.53 -32.32 17.84
C ASP B 183 8.95 -33.07 19.09
N TRP B 184 8.53 -34.34 19.16
CA TRP B 184 8.83 -35.20 20.29
C TRP B 184 10.06 -36.05 20.00
N SER B 185 10.89 -36.25 21.02
CA SER B 185 11.93 -37.25 20.92
C SER B 185 11.29 -38.62 20.74
N PRO B 186 11.92 -39.52 19.98
CA PRO B 186 11.26 -40.79 19.64
C PRO B 186 10.90 -41.63 20.86
N ASP B 187 11.54 -41.41 22.00
CA ASP B 187 11.16 -42.09 23.24
C ASP B 187 10.09 -41.35 24.02
N GLY B 188 9.80 -40.10 23.67
CA GLY B 188 8.75 -39.34 24.32
C GLY B 188 9.18 -38.53 25.52
N LYS B 189 10.48 -38.37 25.75
CA LYS B 189 10.97 -37.65 26.92
C LYS B 189 11.34 -36.22 26.56
N TRP B 190 12.37 -36.07 25.72
CA TRP B 190 12.84 -34.75 25.34
C TRP B 190 11.84 -34.06 24.42
N LEU B 191 11.70 -32.74 24.60
CA LEU B 191 10.78 -31.94 23.82
C LEU B 191 11.54 -30.83 23.11
N TRP B 192 11.34 -30.73 21.80
CA TRP B 192 11.91 -29.68 20.98
C TRP B 192 10.77 -28.86 20.40
N TYR B 193 10.73 -27.57 20.73
CA TYR B 193 9.69 -26.68 20.24
C TYR B 193 10.30 -25.37 19.76
N SER B 194 9.58 -24.72 18.85
CA SER B 194 9.99 -23.46 18.25
C SER B 194 8.97 -22.40 18.59
N GLN B 195 9.44 -21.25 19.07
CA GLN B 195 8.54 -20.13 19.37
C GLN B 195 9.05 -18.87 18.69
N LEU B 196 8.16 -17.89 18.62
CA LEU B 196 8.34 -16.69 17.81
C LEU B 196 8.47 -15.48 18.72
N ARG B 197 9.59 -14.77 18.61
CA ARG B 197 9.90 -13.65 19.49
C ARG B 197 9.94 -12.36 18.69
N ALA B 198 9.22 -11.35 19.17
CA ALA B 198 9.15 -10.06 18.50
C ALA B 198 10.41 -9.25 18.79
N LYS B 199 11.03 -8.73 17.73
CA LYS B 199 12.22 -7.91 17.85
C LYS B 199 11.81 -6.51 18.29
N SER B 200 12.38 -6.06 19.41
CA SER B 200 11.90 -4.85 20.07
C SER B 200 12.66 -3.59 19.67
N ASP B 201 13.60 -3.68 18.74
CA ASP B 201 14.34 -2.50 18.34
C ASP B 201 13.40 -1.49 17.68
N GLY B 202 13.70 -0.20 17.88
CA GLY B 202 12.88 0.85 17.37
C GLY B 202 12.94 0.94 15.87
N PRO B 203 12.18 1.87 15.30
CA PRO B 203 12.20 2.06 13.84
C PRO B 203 13.56 2.55 13.38
N ARG B 204 14.10 1.92 12.35
CA ARG B 204 15.42 2.23 11.83
C ARG B 204 15.30 2.69 10.38
N VAL B 205 16.23 3.55 9.98
CA VAL B 205 16.31 3.93 8.58
C VAL B 205 16.77 2.73 7.76
N ARG B 206 16.02 2.41 6.73
CA ARG B 206 16.39 1.29 5.87
C ARG B 206 17.18 1.81 4.69
N PHE B 207 17.65 0.88 3.86
CA PHE B 207 18.59 1.19 2.79
C PHE B 207 18.29 0.29 1.61
N ASP B 208 19.24 0.26 0.66
CA ASP B 208 18.97 -0.11 -0.73
C ASP B 208 18.07 -1.32 -0.91
N GLU B 209 18.59 -2.52 -0.61
CA GLU B 209 17.79 -3.71 -0.81
C GLU B 209 16.67 -3.85 0.21
N GLU B 210 16.74 -3.11 1.32
CA GLU B 210 15.67 -3.14 2.30
C GLU B 210 14.46 -2.35 1.80
N VAL B 211 14.70 -1.21 1.16
CA VAL B 211 13.59 -0.35 0.75
C VAL B 211 12.80 -0.99 -0.38
N THR B 212 13.49 -1.56 -1.37
CA THR B 212 12.79 -2.15 -2.51
C THR B 212 11.97 -3.36 -2.12
N ALA B 213 12.22 -3.95 -0.95
CA ALA B 213 11.41 -5.05 -0.44
C ALA B 213 10.11 -4.57 0.18
N LEU B 214 10.02 -3.29 0.51
CA LEU B 214 8.82 -2.68 1.06
C LEU B 214 7.86 -2.21 -0.02
N LEU B 215 8.17 -2.52 -1.28
CA LEU B 215 7.39 -2.03 -2.42
C LEU B 215 5.90 -2.31 -2.26
N GLY B 216 5.54 -3.57 -2.01
CA GLY B 216 4.16 -3.98 -2.06
C GLY B 216 3.42 -3.96 -0.73
N ARG B 217 3.89 -3.18 0.23
CA ARG B 217 3.31 -3.20 1.57
C ARG B 217 1.97 -2.45 1.57
N ARG B 218 0.92 -3.15 2.00
CA ARG B 218 -0.38 -2.51 2.21
C ARG B 218 -0.67 -2.19 3.66
N ARG B 219 0.19 -2.59 4.60
CA ARG B 219 -0.06 -2.39 6.02
C ARG B 219 1.27 -2.27 6.76
N SER B 220 1.18 -2.01 8.05
CA SER B 220 2.35 -2.01 8.93
C SER B 220 2.69 -3.44 9.36
N THR B 221 3.97 -3.67 9.62
CA THR B 221 4.45 -4.96 10.06
C THR B 221 5.50 -4.79 11.14
N ILE B 222 5.81 -5.90 11.81
CA ILE B 222 6.91 -5.97 12.76
C ILE B 222 7.87 -7.05 12.29
N ASP B 223 9.10 -6.97 12.78
CA ASP B 223 10.11 -7.97 12.49
C ASP B 223 10.33 -8.84 13.72
N VAL B 224 10.53 -10.14 13.50
CA VAL B 224 10.61 -11.10 14.57
C VAL B 224 11.85 -11.98 14.37
N GLU B 225 12.26 -12.63 15.45
CA GLU B 225 13.26 -13.68 15.43
C GLU B 225 12.65 -14.95 16.00
N VAL B 226 13.19 -16.10 15.59
CA VAL B 226 12.74 -17.39 16.09
C VAL B 226 13.74 -17.89 17.12
N ASP B 227 13.23 -18.39 18.24
CA ASP B 227 14.05 -18.99 19.28
C ASP B 227 13.72 -20.46 19.37
N PHE B 228 14.74 -21.31 19.26
CA PHE B 228 14.59 -22.75 19.35
C PHE B 228 14.95 -23.20 20.77
N PHE B 229 14.08 -24.00 21.37
CA PHE B 229 14.25 -24.44 22.74
C PHE B 229 14.31 -25.97 22.80
N LEU B 230 14.86 -26.46 23.90
CA LEU B 230 15.01 -27.89 24.13
C LEU B 230 14.61 -28.18 25.57
N ARG B 231 13.64 -29.06 25.75
CA ARG B 231 13.11 -29.39 27.08
C ARG B 231 13.55 -30.78 27.47
N ASN B 232 14.30 -30.87 28.56
CA ASN B 232 14.81 -32.15 29.04
C ASN B 232 13.67 -32.98 29.66
N PRO B 233 13.89 -34.28 29.85
CA PRO B 233 12.86 -35.08 30.53
C PRO B 233 12.59 -34.64 31.95
N GLU B 234 13.50 -33.87 32.55
CA GLU B 234 13.38 -33.41 33.91
C GLU B 234 12.56 -32.12 34.05
N GLY B 235 12.04 -31.60 32.95
CA GLY B 235 11.17 -30.44 33.02
C GLY B 235 11.86 -29.10 33.00
N ASP B 236 13.03 -28.99 32.38
CA ASP B 236 13.75 -27.73 32.25
C ASP B 236 13.97 -27.42 30.79
N THR B 237 13.69 -26.17 30.40
CA THR B 237 13.83 -25.73 29.01
C THR B 237 15.05 -24.82 28.90
N THR B 238 15.87 -25.06 27.89
CA THR B 238 17.04 -24.26 27.61
C THR B 238 17.00 -23.79 26.15
N ARG B 239 17.46 -22.58 25.91
CA ARG B 239 17.43 -22.02 24.56
C ARG B 239 18.64 -22.46 23.77
N ILE B 240 18.40 -22.80 22.50
CA ILE B 240 19.47 -23.30 21.63
C ILE B 240 19.99 -22.18 20.75
N MSE B 241 19.16 -21.74 19.80
CA MSE B 241 19.59 -20.75 18.82
C MSE B 241 18.66 -19.55 18.73
O MSE B 241 17.64 -19.48 19.41
CB MSE B 241 19.70 -21.39 17.43
CG MSE B 241 20.62 -22.60 17.37
SE MSE B 241 20.38 -23.61 15.73
CE MSE B 241 20.89 -22.23 14.46
N ALA B 242 19.05 -18.60 17.88
CA ALA B 242 18.20 -17.50 17.48
C ALA B 242 18.45 -17.23 16.00
N ARG B 243 17.39 -17.14 15.22
CA ARG B 243 17.54 -17.01 13.78
C ARG B 243 16.70 -15.85 13.25
N PRO B 244 17.17 -15.19 12.20
CA PRO B 244 16.43 -14.05 11.65
C PRO B 244 15.19 -14.50 10.87
N SER B 245 14.32 -13.52 10.61
CA SER B 245 13.11 -13.78 9.83
C SER B 245 13.43 -14.24 8.41
N THR B 246 14.65 -13.97 7.93
CA THR B 246 15.03 -14.35 6.58
C THR B 246 15.05 -15.85 6.39
N ASP B 247 15.17 -16.61 7.47
CA ASP B 247 15.17 -18.07 7.38
C ASP B 247 13.73 -18.55 7.23
N ARG B 248 13.43 -19.21 6.10
CA ARG B 248 12.07 -19.61 5.83
C ARG B 248 11.68 -20.89 6.57
N VAL B 249 12.60 -21.87 6.63
CA VAL B 249 12.27 -23.12 7.31
C VAL B 249 12.08 -22.90 8.81
N ALA B 250 12.55 -21.77 9.33
CA ALA B 250 12.34 -21.43 10.74
C ALA B 250 11.10 -20.57 10.97
N THR B 251 10.47 -20.06 9.91
CA THR B 251 9.28 -19.23 10.04
C THR B 251 8.03 -20.02 9.68
N ARG B 252 7.84 -20.31 8.41
CA ARG B 252 6.73 -21.13 7.95
C ARG B 252 7.11 -22.60 7.82
N GLY B 253 8.33 -22.95 8.19
CA GLY B 253 8.83 -24.29 7.90
C GLY B 253 8.03 -25.37 8.59
N GLY B 254 8.24 -26.59 8.12
CA GLY B 254 7.51 -27.75 8.60
C GLY B 254 8.11 -28.37 9.84
N GLY B 255 7.85 -29.65 10.02
CA GLY B 255 8.22 -30.35 11.24
C GLY B 255 9.45 -31.23 11.14
N ARG B 256 10.35 -30.94 10.20
CA ARG B 256 11.47 -31.84 9.95
C ARG B 256 12.59 -31.57 10.94
N VAL B 257 12.87 -32.56 11.79
CA VAL B 257 13.99 -32.54 12.72
C VAL B 257 14.36 -33.98 13.02
N LEU B 258 15.65 -34.23 13.24
CA LEU B 258 16.16 -35.58 13.40
C LEU B 258 16.92 -35.71 14.72
N TRP B 259 16.71 -36.83 15.40
CA TRP B 259 17.40 -37.16 16.64
C TRP B 259 18.42 -38.26 16.34
N ARG B 260 19.69 -37.98 16.55
CA ARG B 260 20.76 -38.95 16.34
C ARG B 260 21.66 -38.93 17.57
N GLY B 261 21.70 -40.05 18.29
CA GLY B 261 22.49 -40.12 19.50
C GLY B 261 22.05 -39.06 20.48
N ASN B 262 23.01 -38.24 20.91
CA ASN B 262 22.73 -37.11 21.78
C ASN B 262 22.52 -35.80 21.02
N GLU B 263 22.51 -35.85 19.69
CA GLU B 263 22.40 -34.66 18.87
C GLU B 263 20.98 -34.49 18.34
N VAL B 264 20.49 -33.26 18.38
CA VAL B 264 19.24 -32.87 17.73
C VAL B 264 19.60 -32.15 16.44
N GLN B 265 19.18 -32.70 15.31
CA GLN B 265 19.56 -32.20 13.99
C GLN B 265 18.33 -31.72 13.26
N PHE B 266 18.29 -30.43 12.95
CA PHE B 266 17.22 -29.81 12.17
C PHE B 266 17.83 -28.93 11.09
N ARG B 267 16.99 -28.56 10.12
CA ARG B 267 17.46 -27.80 8.96
C ARG B 267 17.27 -26.31 9.18
N ILE B 268 18.22 -25.52 8.68
CA ILE B 268 18.14 -24.07 8.70
C ILE B 268 18.43 -23.55 7.30
N GLU B 269 18.09 -22.28 7.09
CA GLU B 269 18.34 -21.64 5.80
C GLU B 269 19.18 -20.37 5.98
N PHE B 281 21.31 -27.46 7.30
CA PHE B 281 21.55 -28.56 8.23
C PHE B 281 22.50 -28.15 9.35
N VAL B 282 22.08 -28.39 10.59
CA VAL B 282 22.85 -28.01 11.76
C VAL B 282 22.57 -29.02 12.87
N ALA B 283 23.58 -29.25 13.71
CA ALA B 283 23.49 -30.22 14.79
C ALA B 283 23.81 -29.55 16.13
N TRP B 284 23.15 -30.04 17.18
CA TRP B 284 23.30 -29.48 18.51
C TRP B 284 23.36 -30.62 19.52
N ASN B 285 24.41 -30.64 20.35
CA ASN B 285 24.60 -31.68 21.34
C ASN B 285 23.90 -31.28 22.63
N ARG B 286 23.04 -32.18 23.13
CA ARG B 286 22.31 -31.88 24.36
C ARG B 286 23.24 -31.87 25.57
N VAL B 287 24.33 -32.65 25.52
CA VAL B 287 25.23 -32.76 26.66
C VAL B 287 26.21 -31.59 26.69
N ASN B 288 27.07 -31.52 25.66
CA ASN B 288 28.12 -30.51 25.61
C ASN B 288 27.57 -29.09 25.49
N ARG B 289 26.29 -28.93 25.16
CA ARG B 289 25.68 -27.61 25.00
C ARG B 289 26.41 -26.79 23.93
N THR B 290 26.78 -27.46 22.83
CA THR B 290 27.56 -26.85 21.76
C THR B 290 26.83 -27.01 20.44
N VAL B 291 26.84 -25.94 19.64
CA VAL B 291 26.29 -25.99 18.29
C VAL B 291 27.33 -26.55 17.34
N ARG B 292 26.85 -27.25 16.30
CA ARG B 292 27.73 -27.75 15.26
C ARG B 292 27.00 -27.70 13.93
N THR B 293 27.69 -27.24 12.89
CA THR B 293 27.15 -27.29 11.54
C THR B 293 27.62 -28.60 10.92
N LEU B 294 26.69 -29.52 10.70
CA LEU B 294 27.03 -30.88 10.32
C LEU B 294 27.51 -30.93 8.87
N ALA B 295 28.22 -32.00 8.54
CA ALA B 295 28.82 -32.15 7.23
C ALA B 295 27.74 -32.40 6.18
N LYS B 296 28.17 -32.58 4.94
CA LYS B 296 27.24 -32.77 3.84
C LYS B 296 26.74 -34.21 3.76
N SER B 304 15.36 -35.35 4.88
CA SER B 304 14.79 -36.35 4.01
C SER B 304 13.28 -36.42 4.09
N ILE B 305 12.68 -37.04 3.08
CA ILE B 305 11.22 -37.15 2.96
C ILE B 305 10.92 -37.97 1.71
N LEU B 306 9.72 -38.55 1.64
CA LEU B 306 9.33 -39.46 0.55
C LEU B 306 10.37 -40.55 0.36
N VAL B 307 10.74 -41.19 1.47
CA VAL B 307 11.77 -42.22 1.49
C VAL B 307 11.10 -43.58 1.53
N GLY B 308 11.50 -44.46 0.62
CA GLY B 308 10.95 -45.79 0.57
C GLY B 308 11.58 -46.71 1.59
N PRO B 309 11.23 -47.99 1.55
CA PRO B 309 11.77 -48.94 2.53
C PRO B 309 13.26 -49.20 2.37
N ARG B 310 13.84 -48.89 1.21
CA ARG B 310 15.26 -49.12 0.97
C ARG B 310 16.13 -47.93 1.34
N GLY B 311 15.54 -46.87 1.91
CA GLY B 311 16.30 -45.72 2.34
C GLY B 311 16.55 -44.66 1.29
N GLY B 312 16.06 -44.87 0.07
CA GLY B 312 16.26 -43.94 -1.01
C GLY B 312 15.03 -43.12 -1.34
N GLN B 313 15.20 -42.22 -2.31
CA GLN B 313 14.13 -41.33 -2.71
C GLN B 313 13.11 -42.08 -3.57
N LEU B 314 11.83 -41.78 -3.36
CA LEU B 314 10.77 -42.34 -4.17
C LEU B 314 10.41 -41.37 -5.29
N SER B 315 10.22 -41.90 -6.50
CA SER B 315 9.96 -41.07 -7.65
C SER B 315 9.01 -41.79 -8.59
N THR B 316 8.30 -41.01 -9.40
CA THR B 316 7.45 -41.52 -10.46
C THR B 316 7.97 -40.97 -11.78
N SER B 317 8.51 -41.85 -12.61
CA SER B 317 9.04 -41.45 -13.91
C SER B 317 8.06 -41.84 -15.01
N GLY B 318 8.43 -41.52 -16.24
CA GLY B 318 7.56 -41.77 -17.37
C GLY B 318 6.39 -40.81 -17.41
N LEU B 319 5.53 -41.00 -18.40
CA LEU B 319 4.35 -40.16 -18.58
C LEU B 319 3.31 -40.96 -19.35
N GLY B 320 2.24 -40.29 -19.76
CA GLY B 320 1.12 -40.95 -20.40
C GLY B 320 0.07 -41.37 -19.39
N SER B 321 -0.68 -42.42 -19.72
CA SER B 321 -1.70 -42.95 -18.81
C SER B 321 -1.14 -43.99 -17.84
N ASP B 322 0.16 -44.23 -17.87
CA ASP B 322 0.77 -45.24 -17.02
C ASP B 322 2.16 -44.76 -16.61
N ARG B 323 2.58 -45.17 -15.42
CA ARG B 323 3.87 -44.76 -14.88
C ARG B 323 4.52 -45.93 -14.17
N GLU B 324 5.72 -45.68 -13.63
CA GLU B 324 6.54 -46.72 -13.02
C GLU B 324 7.14 -46.18 -11.73
N LEU B 325 6.91 -46.88 -10.62
CA LEU B 325 7.48 -46.47 -9.35
C LEU B 325 8.98 -46.73 -9.33
N ILE B 326 9.73 -45.80 -8.75
CA ILE B 326 11.18 -45.87 -8.73
C ILE B 326 11.67 -45.44 -7.36
N GLU B 327 12.53 -46.26 -6.75
CA GLU B 327 13.24 -45.89 -5.53
C GLU B 327 14.72 -45.77 -5.88
N THR B 328 15.22 -44.54 -5.88
CA THR B 328 16.60 -44.27 -6.24
C THR B 328 17.51 -44.56 -5.05
N SER B 329 18.57 -45.33 -5.29
CA SER B 329 19.52 -45.62 -4.22
C SER B 329 20.22 -44.33 -3.80
N ALA B 330 20.80 -44.38 -2.59
CA ALA B 330 21.43 -43.19 -2.02
C ALA B 330 22.38 -42.53 -3.00
N GLU B 331 23.17 -43.33 -3.72
CA GLU B 331 24.06 -42.82 -4.75
C GLU B 331 23.48 -42.91 -6.16
N GLY B 332 22.21 -43.31 -6.29
CA GLY B 332 21.51 -43.21 -7.57
C GLY B 332 21.24 -44.48 -8.35
N ARG B 333 21.43 -45.67 -7.78
CA ARG B 333 21.06 -46.90 -8.47
C ARG B 333 19.55 -47.09 -8.40
N PRO B 334 18.83 -47.06 -9.52
CA PRO B 334 17.37 -47.10 -9.46
C PRO B 334 16.82 -48.50 -9.21
N HIS B 335 15.61 -48.53 -8.65
CA HIS B 335 14.87 -49.77 -8.44
C HIS B 335 13.40 -49.53 -8.80
N SER B 336 12.87 -50.39 -9.66
CA SER B 336 11.49 -50.28 -10.12
C SER B 336 10.59 -51.20 -9.31
N TYR B 337 9.48 -50.66 -8.83
CA TYR B 337 8.44 -51.47 -8.20
C TYR B 337 7.38 -51.94 -9.17
N GLY B 338 7.55 -51.65 -10.46
CA GLY B 338 6.66 -52.16 -11.49
C GLY B 338 5.74 -51.07 -12.03
N ARG B 339 4.95 -51.49 -13.02
CA ARG B 339 3.99 -50.59 -13.65
C ARG B 339 2.88 -50.26 -12.66
N VAL B 340 2.56 -48.97 -12.55
CA VAL B 340 1.66 -48.50 -11.50
C VAL B 340 0.65 -47.52 -12.11
N ALA B 341 -0.54 -47.50 -11.51
CA ALA B 341 -1.71 -46.83 -12.08
C ALA B 341 -1.97 -45.43 -11.53
N PHE B 342 -1.12 -44.92 -10.63
CA PHE B 342 -1.38 -43.64 -9.99
C PHE B 342 -0.19 -42.71 -10.14
N ASP B 343 -0.33 -41.50 -9.61
CA ASP B 343 0.75 -40.55 -9.49
C ASP B 343 1.19 -40.47 -8.04
N ILE B 344 2.24 -39.68 -7.79
CA ILE B 344 2.80 -39.61 -6.45
C ILE B 344 1.90 -38.79 -5.55
N GLY B 345 2.07 -38.97 -4.24
CA GLY B 345 1.26 -38.29 -3.26
C GLY B 345 1.40 -36.78 -3.27
N ASP B 346 0.28 -36.08 -3.39
CA ASP B 346 0.25 -34.64 -3.34
C ASP B 346 0.07 -34.18 -1.89
N SER B 347 0.05 -32.87 -1.67
CA SER B 347 -0.20 -32.35 -0.34
C SER B 347 -1.63 -32.60 0.12
N ARG B 348 -2.54 -32.86 -0.81
CA ARG B 348 -3.94 -33.13 -0.50
C ARG B 348 -4.24 -34.61 -0.39
N SER B 349 -3.25 -35.48 -0.52
CA SER B 349 -3.42 -36.91 -0.33
C SER B 349 -3.13 -37.26 1.13
N ALA B 350 -3.06 -38.55 1.43
CA ALA B 350 -2.79 -39.00 2.79
C ALA B 350 -1.36 -38.68 3.24
N GLY B 351 -0.51 -38.26 2.33
CA GLY B 351 0.87 -37.95 2.67
C GLY B 351 1.76 -39.15 2.59
N TRP B 352 2.84 -39.14 3.37
CA TRP B 352 3.82 -40.21 3.40
C TRP B 352 4.20 -40.52 4.83
N LYS B 353 4.32 -41.80 5.15
CA LYS B 353 4.74 -42.22 6.48
C LYS B 353 5.53 -43.51 6.36
N ARG B 354 6.59 -43.61 7.16
CA ARG B 354 7.46 -44.78 7.17
C ARG B 354 7.50 -45.33 8.59
N SER B 355 7.34 -46.65 8.71
CA SER B 355 7.40 -47.28 10.03
C SER B 355 8.81 -47.20 10.60
N ARG B 356 8.90 -47.14 11.92
CA ARG B 356 10.20 -47.17 12.57
C ARG B 356 10.94 -48.47 12.30
N ASP B 357 10.21 -49.52 11.92
CA ASP B 357 10.83 -50.73 11.41
C ASP B 357 11.68 -50.44 10.18
N GLY B 358 11.31 -49.42 9.40
CA GLY B 358 11.95 -49.11 8.15
C GLY B 358 11.54 -49.99 6.99
N LYS B 359 10.80 -51.07 7.24
CA LYS B 359 10.44 -52.04 6.22
C LYS B 359 9.05 -51.82 5.65
N ARG B 360 8.31 -50.82 6.12
CA ARG B 360 6.97 -50.54 5.62
C ARG B 360 6.81 -49.04 5.40
N VAL B 361 6.33 -48.67 4.22
CA VAL B 361 6.08 -47.28 3.86
C VAL B 361 4.70 -47.20 3.22
N VAL B 362 3.93 -46.20 3.63
CA VAL B 362 2.63 -45.92 3.03
C VAL B 362 2.66 -44.51 2.44
N ILE B 363 2.06 -44.35 1.27
CA ILE B 363 2.01 -43.08 0.58
C ILE B 363 0.59 -42.84 0.08
N GLY B 364 0.21 -41.57 0.03
CA GLY B 364 -1.02 -41.21 -0.67
C GLY B 364 -0.84 -41.30 -2.16
N THR B 365 -1.95 -41.55 -2.86
CA THR B 365 -1.92 -41.71 -4.31
C THR B 365 -3.02 -40.87 -4.95
N ARG B 366 -2.83 -40.58 -6.22
CA ARG B 366 -3.86 -39.97 -7.06
C ARG B 366 -3.90 -40.72 -8.37
N GLY B 367 -5.04 -41.34 -8.66
CA GLY B 367 -5.20 -42.03 -9.92
C GLY B 367 -5.29 -41.07 -11.08
N LEU B 368 -5.02 -41.60 -12.28
CA LEU B 368 -5.11 -40.80 -13.49
C LEU B 368 -6.55 -40.79 -14.03
N GLY B 369 -7.05 -41.97 -14.42
CA GLY B 369 -8.42 -42.05 -14.89
C GLY B 369 -9.44 -41.89 -13.78
N ASP B 370 -9.09 -42.32 -12.56
CA ASP B 370 -10.02 -42.23 -11.44
C ASP B 370 -10.07 -40.84 -10.85
N ALA B 371 -8.95 -40.11 -10.87
CA ALA B 371 -8.80 -38.85 -10.13
C ALA B 371 -9.16 -39.02 -8.67
N ARG B 372 -8.86 -40.20 -8.11
CA ARG B 372 -9.24 -40.57 -6.76
C ARG B 372 -7.98 -40.70 -5.90
N TYR B 373 -8.14 -40.37 -4.63
CA TYR B 373 -7.04 -40.45 -3.66
C TYR B 373 -7.10 -41.75 -2.89
N GLY B 374 -5.94 -42.30 -2.58
CA GLY B 374 -5.87 -43.60 -1.96
C GLY B 374 -4.51 -43.85 -1.35
N LEU B 375 -4.29 -45.10 -0.96
CA LEU B 375 -3.08 -45.51 -0.26
C LEU B 375 -2.37 -46.59 -1.06
N ALA B 376 -1.04 -46.48 -1.12
CA ALA B 376 -0.18 -47.49 -1.72
C ALA B 376 0.81 -47.96 -0.66
N LEU B 377 0.81 -49.25 -0.39
CA LEU B 377 1.66 -49.84 0.63
C LEU B 377 2.81 -50.58 -0.04
N ILE B 378 4.04 -50.16 0.26
CA ILE B 378 5.22 -50.74 -0.36
C ILE B 378 6.14 -51.29 0.74
N ASP B 379 6.83 -52.36 0.40
CA ASP B 379 7.76 -53.02 1.30
C ASP B 379 8.76 -53.81 0.46
N LYS B 380 9.56 -54.66 1.11
CA LYS B 380 10.48 -55.51 0.38
C LYS B 380 9.75 -56.41 -0.61
N THR B 381 8.52 -56.84 -0.28
CA THR B 381 7.76 -57.69 -1.18
C THR B 381 7.46 -56.97 -2.49
N GLY B 382 6.96 -55.74 -2.40
CA GLY B 382 6.59 -55.00 -3.58
C GLY B 382 5.69 -53.83 -3.21
N VAL B 383 4.90 -53.40 -4.19
CA VAL B 383 3.93 -52.32 -4.02
C VAL B 383 2.53 -52.93 -4.10
N ARG B 384 1.68 -52.55 -3.14
CA ARG B 384 0.30 -52.98 -3.13
C ARG B 384 -0.60 -51.76 -3.20
N GLU B 385 -1.64 -51.86 -4.01
CA GLU B 385 -2.58 -50.76 -4.25
C GLU B 385 -3.90 -51.10 -3.58
N LEU B 386 -4.30 -50.27 -2.61
CA LEU B 386 -5.48 -50.54 -1.81
C LEU B 386 -6.75 -50.14 -2.56
N ARG B 387 -7.69 -51.07 -2.65
CA ARG B 387 -8.95 -50.83 -3.34
C ARG B 387 -9.90 -50.06 -2.42
N ALA B 388 -10.37 -48.91 -2.89
CA ALA B 388 -11.31 -48.10 -2.13
C ALA B 388 -12.37 -47.55 -3.07
N ASP B 389 -13.63 -47.60 -2.64
CA ASP B 389 -14.72 -47.12 -3.47
C ASP B 389 -14.77 -45.60 -3.57
N ALA B 390 -14.10 -44.90 -2.65
CA ALA B 390 -14.03 -43.45 -2.68
C ALA B 390 -12.64 -43.02 -2.26
N SER B 391 -12.42 -41.71 -2.23
CA SER B 391 -11.09 -41.18 -1.97
C SER B 391 -10.81 -41.11 -0.48
N LEU B 392 -9.59 -41.47 -0.10
CA LEU B 392 -9.12 -41.37 1.28
C LEU B 392 -8.14 -40.21 1.32
N THR B 393 -8.54 -39.12 1.98
CA THR B 393 -7.80 -37.87 1.93
C THR B 393 -6.80 -37.76 3.07
N ARG B 394 -7.28 -37.70 4.31
CA ARG B 394 -6.43 -37.58 5.48
C ARG B 394 -6.53 -38.86 6.30
N CYS B 395 -5.37 -39.42 6.66
CA CYS B 395 -5.30 -40.71 7.33
C CYS B 395 -4.35 -40.61 8.51
N GLY B 396 -4.82 -41.03 9.68
CA GLY B 396 -3.93 -41.26 10.80
C GLY B 396 -3.43 -42.69 10.82
N PHE B 397 -2.22 -42.88 11.34
CA PHE B 397 -1.56 -44.17 11.33
C PHE B 397 -0.98 -44.49 12.70
N ASP B 398 -0.71 -45.77 12.92
CA ASP B 398 0.09 -46.18 14.05
C ASP B 398 1.56 -46.00 13.73
N GLY B 399 2.43 -46.33 14.68
CA GLY B 399 3.86 -46.15 14.46
C GLY B 399 4.45 -47.17 13.51
N MSE B 400 3.92 -48.40 13.53
CA MSE B 400 4.49 -49.49 12.74
C MSE B 400 3.76 -49.69 11.41
O MSE B 400 4.06 -50.62 10.67
CB MSE B 400 4.46 -50.78 13.55
CG MSE B 400 5.59 -50.87 14.55
SE MSE B 400 7.30 -51.18 13.68
CE MSE B 400 6.81 -52.77 12.67
N LEU B 401 2.80 -48.81 11.13
CA LEU B 401 2.00 -48.88 9.90
C LEU B 401 1.26 -50.22 9.81
N ARG B 402 0.33 -50.38 10.74
CA ARG B 402 -0.51 -51.57 10.81
C ARG B 402 -1.97 -51.24 10.61
N SER B 403 -2.56 -50.41 11.47
CA SER B 403 -3.93 -49.95 11.30
C SER B 403 -3.93 -48.47 10.99
N ALA B 404 -4.95 -48.03 10.27
CA ALA B 404 -5.08 -46.62 9.92
C ALA B 404 -6.55 -46.23 9.91
N ILE B 405 -6.83 -45.02 10.41
CA ILE B 405 -8.17 -44.43 10.35
C ILE B 405 -8.14 -43.28 9.36
N CYS B 406 -9.05 -43.30 8.40
CA CYS B 406 -9.01 -42.40 7.26
C CYS B 406 -10.34 -41.68 7.11
N VAL B 407 -10.31 -40.64 6.29
CA VAL B 407 -11.50 -39.87 5.93
C VAL B 407 -11.86 -40.21 4.49
N GLU B 408 -13.04 -40.79 4.31
CA GLU B 408 -13.50 -41.23 3.00
C GLU B 408 -14.51 -40.23 2.46
N GLU B 409 -14.27 -39.74 1.24
CA GLU B 409 -15.17 -38.78 0.62
C GLU B 409 -15.09 -38.93 -0.89
N GLY B 410 -16.09 -38.35 -1.56
CA GLY B 410 -16.17 -38.32 -3.00
C GLY B 410 -16.93 -37.08 -3.41
N MSE B 411 -17.13 -36.93 -4.72
CA MSE B 411 -17.82 -35.76 -5.25
C MSE B 411 -19.25 -35.69 -4.71
O MSE B 411 -19.70 -34.63 -4.26
CB MSE B 411 -17.83 -35.77 -6.77
CG MSE B 411 -18.31 -34.47 -7.39
SE MSE B 411 -17.37 -32.91 -6.69
CE MSE B 411 -16.30 -32.46 -8.25
N SER B 412 -19.95 -36.81 -4.77
CA SER B 412 -21.30 -36.92 -4.24
C SER B 412 -21.35 -37.55 -2.86
N ARG B 413 -20.20 -37.89 -2.27
CA ARG B 413 -20.17 -38.66 -1.04
C ARG B 413 -19.67 -37.78 0.11
N PRO B 414 -20.51 -37.52 1.12
CA PRO B 414 -20.08 -36.68 2.24
C PRO B 414 -18.96 -37.35 3.03
N PRO B 415 -18.24 -36.60 3.85
CA PRO B 415 -17.10 -37.17 4.57
C PRO B 415 -17.54 -38.26 5.56
N ARG B 416 -16.79 -39.35 5.55
CA ARG B 416 -17.00 -40.46 6.47
C ARG B 416 -15.69 -40.83 7.13
N LEU B 417 -15.78 -41.54 8.24
CA LEU B 417 -14.63 -42.12 8.91
C LEU B 417 -14.59 -43.62 8.64
N VAL B 418 -13.44 -44.10 8.20
CA VAL B 418 -13.22 -45.52 7.98
C VAL B 418 -11.86 -45.88 8.57
N ARG B 419 -11.77 -47.10 9.10
CA ARG B 419 -10.51 -47.65 9.58
C ARG B 419 -10.02 -48.72 8.63
N VAL B 420 -8.70 -48.79 8.46
CA VAL B 420 -8.09 -49.66 7.47
C VAL B 420 -7.09 -50.56 8.17
N ASP B 421 -7.20 -51.86 7.94
CA ASP B 421 -6.17 -52.81 8.36
C ASP B 421 -5.23 -53.01 7.18
N LEU B 422 -4.00 -52.53 7.32
CA LEU B 422 -3.05 -52.59 6.21
C LEU B 422 -2.61 -54.01 5.90
N GLY B 423 -2.80 -54.95 6.83
CA GLY B 423 -2.47 -56.33 6.55
C GLY B 423 -3.45 -56.98 5.59
N THR B 424 -4.74 -56.91 5.90
CA THR B 424 -5.77 -57.56 5.10
C THR B 424 -6.44 -56.62 4.11
N ASP B 425 -6.09 -55.34 4.12
CA ASP B 425 -6.65 -54.35 3.19
C ASP B 425 -8.17 -54.24 3.28
N LYS B 426 -8.72 -54.48 4.47
CA LYS B 426 -10.16 -54.38 4.66
C LYS B 426 -10.54 -52.98 5.15
N ILE B 427 -11.62 -52.46 4.59
CA ILE B 427 -12.14 -51.14 4.96
C ILE B 427 -13.39 -51.35 5.81
N THR B 428 -13.49 -50.58 6.90
CA THR B 428 -14.61 -50.68 7.82
C THR B 428 -15.17 -49.29 8.07
N ASP B 429 -16.47 -49.13 7.82
CA ASP B 429 -17.12 -47.83 7.98
C ASP B 429 -17.34 -47.54 9.46
N LEU B 430 -16.80 -46.42 9.94
CA LEU B 430 -17.00 -45.97 11.31
C LEU B 430 -18.13 -44.96 11.45
N GLY B 431 -18.83 -44.66 10.37
CA GLY B 431 -19.92 -43.72 10.42
C GLY B 431 -19.59 -42.39 9.76
N PRO B 432 -20.61 -41.57 9.53
CA PRO B 432 -20.38 -40.28 8.86
C PRO B 432 -19.71 -39.26 9.77
N ILE B 433 -19.45 -38.08 9.23
CA ILE B 433 -18.85 -36.97 9.97
C ILE B 433 -19.89 -35.90 10.28
N SER B 434 -20.46 -35.28 9.25
CA SER B 434 -21.51 -34.31 9.46
C SER B 434 -22.84 -34.94 9.04
N PRO B 435 -23.77 -35.17 9.97
CA PRO B 435 -25.09 -35.69 9.57
C PRO B 435 -25.90 -34.70 8.76
N ARG B 436 -25.54 -33.41 8.80
CA ARG B 436 -26.28 -32.41 8.06
C ARG B 436 -26.22 -32.68 6.55
N HIS B 437 -25.04 -33.05 6.06
CA HIS B 437 -24.87 -33.31 4.64
C HIS B 437 -25.30 -34.70 4.22
N GLU B 438 -25.57 -35.59 5.18
CA GLU B 438 -26.20 -36.86 4.86
C GLU B 438 -27.68 -36.68 4.53
N GLU B 439 -28.30 -35.59 5.03
CA GLU B 439 -29.69 -35.32 4.70
C GLU B 439 -29.85 -34.90 3.24
N ILE B 440 -28.85 -34.21 2.70
CA ILE B 440 -28.95 -33.69 1.33
C ILE B 440 -29.02 -34.85 0.35
N GLU B 441 -30.01 -34.81 -0.53
CA GLU B 441 -30.05 -35.79 -1.60
C GLU B 441 -28.89 -35.54 -2.56
N PRO B 442 -28.13 -36.57 -2.93
CA PRO B 442 -26.97 -36.35 -3.79
C PRO B 442 -27.37 -35.79 -5.15
N LEU B 443 -26.42 -35.09 -5.76
CA LEU B 443 -26.58 -34.54 -7.10
C LEU B 443 -25.86 -35.43 -8.10
N GLN B 444 -26.41 -35.52 -9.31
CA GLN B 444 -25.81 -36.35 -10.33
C GLN B 444 -24.49 -35.72 -10.77
N THR B 445 -23.40 -36.48 -10.62
CA THR B 445 -22.07 -36.02 -11.01
C THR B 445 -21.44 -37.08 -11.88
N ILE B 446 -21.08 -36.70 -13.11
CA ILE B 446 -20.52 -37.62 -14.09
C ILE B 446 -19.06 -37.29 -14.26
N ALA B 447 -18.20 -38.29 -14.06
CA ALA B 447 -16.78 -38.13 -14.31
C ALA B 447 -16.54 -38.19 -15.81
N ARG B 448 -15.88 -37.16 -16.36
CA ARG B 448 -15.70 -37.05 -17.79
C ARG B 448 -14.34 -36.44 -18.10
N THR B 449 -13.75 -36.90 -19.19
CA THR B 449 -12.46 -36.42 -19.67
C THR B 449 -12.62 -35.86 -21.07
N PHE B 450 -12.17 -34.63 -21.27
CA PHE B 450 -12.28 -33.94 -22.54
C PHE B 450 -10.89 -33.81 -23.17
N VAL B 451 -10.79 -34.22 -24.43
CA VAL B 451 -9.55 -34.06 -25.20
C VAL B 451 -9.73 -32.88 -26.13
N SER B 452 -8.70 -32.04 -26.22
CA SER B 452 -8.79 -30.79 -26.97
C SER B 452 -8.43 -31.02 -28.43
N ARG B 453 -8.40 -29.91 -29.18
CA ARG B 453 -7.99 -29.96 -30.58
C ARG B 453 -6.50 -30.25 -30.73
N ASP B 454 -5.71 -29.96 -29.70
CA ASP B 454 -4.27 -30.19 -29.75
C ASP B 454 -3.86 -31.56 -29.24
N GLY B 455 -4.82 -32.41 -28.90
CA GLY B 455 -4.54 -33.74 -28.39
C GLY B 455 -4.42 -33.83 -26.88
N TYR B 456 -4.25 -32.71 -26.20
CA TYR B 456 -4.21 -32.71 -24.75
C TYR B 456 -5.58 -33.01 -24.17
N TRP B 457 -5.61 -33.78 -23.10
CA TRP B 457 -6.86 -34.11 -22.42
C TRP B 457 -6.92 -33.43 -21.06
N SER B 458 -8.12 -33.09 -20.65
CA SER B 458 -8.39 -32.53 -19.34
C SER B 458 -9.55 -33.29 -18.71
N SER B 459 -9.47 -33.51 -17.41
CA SER B 459 -10.45 -34.31 -16.70
C SER B 459 -11.23 -33.47 -15.71
N GLY B 460 -12.45 -33.90 -15.42
CA GLY B 460 -13.28 -33.20 -14.47
C GLY B 460 -14.59 -33.91 -14.26
N TYR B 461 -15.56 -33.19 -13.72
CA TYR B 461 -16.88 -33.73 -13.42
C TYR B 461 -17.95 -32.84 -14.05
N VAL B 462 -18.94 -33.49 -14.65
CA VAL B 462 -20.12 -32.82 -15.19
C VAL B 462 -21.22 -32.92 -14.15
N LEU B 463 -21.61 -31.78 -13.58
CA LEU B 463 -22.63 -31.72 -12.55
C LEU B 463 -23.97 -31.37 -13.20
N LEU B 464 -24.92 -32.31 -13.14
CA LEU B 464 -26.23 -32.12 -13.72
C LEU B 464 -27.15 -31.38 -12.77
N PRO B 465 -28.11 -30.63 -13.30
CA PRO B 465 -29.06 -29.91 -12.45
C PRO B 465 -30.10 -30.85 -11.85
N ARG B 466 -30.76 -30.35 -10.81
CA ARG B 466 -31.81 -31.11 -10.15
C ARG B 466 -32.99 -31.32 -11.08
N GLY B 467 -33.49 -32.54 -11.12
CA GLY B 467 -34.61 -32.87 -11.98
C GLY B 467 -34.25 -32.91 -13.45
N HIS B 468 -33.06 -33.38 -13.78
CA HIS B 468 -32.62 -33.44 -15.17
C HIS B 468 -33.14 -34.70 -15.84
N ARG B 469 -33.79 -34.52 -16.98
CA ARG B 469 -34.26 -35.62 -17.81
C ARG B 469 -33.51 -35.61 -19.14
N ALA B 470 -33.85 -36.58 -19.99
CA ALA B 470 -33.21 -36.69 -21.28
C ALA B 470 -33.64 -35.55 -22.21
N ALA B 471 -32.78 -35.24 -23.17
CA ALA B 471 -33.04 -34.24 -24.20
C ALA B 471 -33.15 -32.83 -23.66
N ASP B 472 -33.11 -32.67 -22.34
CA ASP B 472 -33.18 -31.35 -21.72
C ASP B 472 -31.84 -30.66 -21.82
N ARG B 473 -31.87 -29.38 -22.16
CA ARG B 473 -30.66 -28.57 -22.25
C ARG B 473 -30.78 -27.36 -21.32
N HIS B 474 -29.64 -26.96 -20.76
CA HIS B 474 -29.60 -25.93 -19.72
C HIS B 474 -28.45 -24.97 -19.96
N PRO B 475 -28.43 -23.81 -19.30
CA PRO B 475 -27.21 -22.98 -19.31
C PRO B 475 -26.05 -23.69 -18.64
N ALA B 476 -24.89 -23.05 -18.59
CA ALA B 476 -23.71 -23.72 -18.07
C ALA B 476 -22.78 -22.71 -17.40
N VAL B 477 -22.03 -23.20 -16.42
CA VAL B 477 -20.98 -22.43 -15.75
C VAL B 477 -19.79 -23.35 -15.58
N VAL B 478 -18.61 -22.85 -15.97
CA VAL B 478 -17.37 -23.62 -15.89
C VAL B 478 -16.54 -23.10 -14.73
N VAL B 479 -16.20 -23.99 -13.80
CA VAL B 479 -15.36 -23.66 -12.65
C VAL B 479 -14.06 -24.43 -12.77
N THR B 480 -12.94 -23.72 -12.65
CA THR B 480 -11.63 -24.30 -12.85
C THR B 480 -10.63 -23.75 -11.84
N HIS B 481 -9.95 -24.64 -11.13
CA HIS B 481 -8.74 -24.28 -10.40
C HIS B 481 -7.72 -25.38 -10.56
N GLY B 482 -6.58 -25.07 -11.19
CA GLY B 482 -5.49 -26.02 -11.32
C GLY B 482 -5.97 -27.35 -11.82
N THR B 483 -5.48 -28.42 -11.21
CA THR B 483 -6.26 -29.65 -11.13
C THR B 483 -6.63 -29.79 -9.66
N ASP B 484 -7.78 -29.23 -9.29
CA ASP B 484 -8.43 -29.51 -8.03
C ASP B 484 -9.72 -30.29 -8.18
N ALA B 485 -10.13 -30.61 -9.41
CA ALA B 485 -11.38 -31.32 -9.64
C ALA B 485 -11.07 -32.81 -9.65
N ASP B 486 -11.53 -33.48 -8.61
CA ASP B 486 -11.19 -34.86 -8.31
C ASP B 486 -12.33 -35.42 -7.48
N ASP B 487 -12.13 -36.57 -6.87
CA ASP B 487 -13.18 -37.14 -6.04
C ASP B 487 -12.93 -36.61 -4.63
N ARG B 488 -13.74 -35.62 -4.25
CA ARG B 488 -13.70 -34.96 -2.95
C ARG B 488 -15.05 -34.27 -2.79
N PHE B 489 -15.40 -33.98 -1.54
CA PHE B 489 -16.72 -33.43 -1.24
C PHE B 489 -16.62 -31.92 -1.03
N ALA B 490 -17.16 -31.16 -1.98
CA ALA B 490 -17.31 -29.71 -1.88
C ALA B 490 -16.01 -29.03 -1.42
N GLU B 491 -14.92 -29.39 -2.08
CA GLU B 491 -13.61 -28.90 -1.66
C GLU B 491 -13.52 -27.39 -1.86
N PRO B 492 -13.28 -26.61 -0.81
CA PRO B 492 -13.21 -25.15 -0.98
C PRO B 492 -12.02 -24.68 -1.80
N ALA B 493 -10.99 -25.50 -1.97
CA ALA B 493 -9.84 -25.10 -2.78
C ALA B 493 -10.11 -25.23 -4.27
N ASN B 494 -11.24 -25.82 -4.65
CA ASN B 494 -11.62 -25.98 -6.06
C ASN B 494 -12.74 -25.02 -6.44
N GLN B 495 -13.91 -25.15 -5.83
CA GLN B 495 -15.06 -24.32 -6.19
C GLN B 495 -15.06 -22.98 -5.49
N TRP B 496 -14.22 -22.77 -4.48
CA TRP B 496 -14.05 -21.48 -3.84
C TRP B 496 -15.36 -20.87 -3.40
N ASN B 497 -15.66 -19.67 -3.88
CA ASN B 497 -16.88 -18.94 -3.54
C ASN B 497 -18.01 -19.17 -4.54
N TYR B 498 -17.83 -20.08 -5.49
CA TYR B 498 -18.86 -20.33 -6.49
C TYR B 498 -19.76 -21.46 -6.02
N PRO B 499 -21.02 -21.18 -5.66
CA PRO B 499 -21.90 -22.23 -5.14
C PRO B 499 -22.27 -23.24 -6.21
N VAL B 500 -21.31 -24.12 -6.51
CA VAL B 500 -21.46 -25.07 -7.61
C VAL B 500 -22.71 -25.93 -7.44
N GLN B 501 -23.05 -26.27 -6.20
CA GLN B 501 -24.20 -27.12 -5.96
C GLN B 501 -25.51 -26.35 -6.05
N LEU B 502 -25.51 -25.08 -5.66
CA LEU B 502 -26.71 -24.26 -5.75
C LEU B 502 -27.12 -24.04 -7.20
N LEU B 503 -26.15 -23.78 -8.07
CA LEU B 503 -26.44 -23.52 -9.48
C LEU B 503 -27.16 -24.71 -10.11
N ALA B 504 -26.77 -25.93 -9.73
CA ALA B 504 -27.46 -27.12 -10.23
C ALA B 504 -28.90 -27.15 -9.73
N GLU B 505 -29.12 -26.79 -8.47
CA GLU B 505 -30.48 -26.73 -7.95
C GLU B 505 -31.31 -25.67 -8.66
N ARG B 506 -30.65 -24.62 -9.16
CA ARG B 506 -31.34 -23.53 -9.84
C ARG B 506 -31.46 -23.74 -11.33
N GLY B 507 -31.02 -24.89 -11.86
CA GLY B 507 -31.18 -25.22 -13.26
C GLY B 507 -29.92 -25.18 -14.09
N TYR B 508 -28.80 -24.70 -13.55
CA TYR B 508 -27.57 -24.66 -14.31
C TYR B 508 -26.95 -26.04 -14.45
N VAL B 509 -26.14 -26.19 -15.49
CA VAL B 509 -25.28 -27.35 -15.68
C VAL B 509 -23.85 -26.89 -15.41
N VAL B 510 -23.28 -27.34 -14.29
CA VAL B 510 -21.95 -26.90 -13.90
C VAL B 510 -20.94 -27.91 -14.41
N LEU B 511 -19.90 -27.41 -15.09
CA LEU B 511 -18.81 -28.23 -15.58
C LEU B 511 -17.56 -27.83 -14.80
N LEU B 512 -17.10 -28.72 -13.92
CA LEU B 512 -15.85 -28.51 -13.20
C LEU B 512 -14.76 -29.19 -14.00
N LEU B 513 -13.88 -28.39 -14.60
CA LEU B 513 -12.88 -28.90 -15.53
C LEU B 513 -11.53 -28.34 -15.14
N ASN B 514 -10.52 -29.20 -15.09
CA ASN B 514 -9.19 -28.80 -14.72
C ASN B 514 -8.42 -28.30 -15.93
N ASP B 515 -7.20 -27.83 -15.68
CA ASP B 515 -6.26 -27.63 -16.75
C ASP B 515 -5.85 -28.98 -17.30
N PRO B 516 -5.39 -29.03 -18.55
CA PRO B 516 -4.87 -30.30 -19.09
C PRO B 516 -3.80 -30.86 -18.19
N SER B 517 -3.92 -32.14 -17.88
CA SER B 517 -3.03 -32.79 -16.93
C SER B 517 -1.59 -32.64 -17.41
N PRO B 518 -0.71 -31.98 -16.65
CA PRO B 518 0.62 -31.64 -17.19
C PRO B 518 1.49 -32.86 -17.45
N GLY B 519 1.28 -33.95 -16.73
CA GLY B 519 2.11 -35.12 -16.91
C GLY B 519 1.82 -35.97 -18.13
N GLN B 520 0.98 -35.49 -19.04
CA GLN B 520 0.63 -36.24 -20.23
C GLN B 520 1.55 -35.98 -21.41
N SER B 521 2.37 -34.93 -21.37
CA SER B 521 3.18 -34.58 -22.51
C SER B 521 4.44 -33.85 -22.05
N LYS B 522 5.51 -34.01 -22.83
CA LYS B 522 6.76 -33.31 -22.54
C LYS B 522 6.67 -31.83 -22.91
N ASP B 523 5.74 -31.45 -23.78
CA ASP B 523 5.57 -30.05 -24.15
C ASP B 523 5.16 -29.21 -22.95
N LEU B 524 4.17 -29.69 -22.18
CA LEU B 524 3.65 -28.91 -21.07
C LEU B 524 4.65 -28.86 -19.92
N MSE B 525 5.23 -30.00 -19.57
CA MSE B 525 6.14 -30.07 -18.43
C MSE B 525 7.36 -29.19 -18.62
O MSE B 525 7.88 -28.62 -17.66
CB MSE B 525 6.56 -31.51 -18.16
CG MSE B 525 5.45 -32.41 -17.62
SE MSE B 525 6.02 -34.24 -17.32
CE MSE B 525 7.42 -33.90 -16.00
N ASP B 526 7.83 -29.07 -19.86
CA ASP B 526 8.95 -28.19 -20.14
C ASP B 526 8.57 -26.74 -19.92
N ALA B 527 7.34 -26.36 -20.33
CA ALA B 527 6.89 -24.99 -20.14
C ALA B 527 6.69 -24.68 -18.67
N MSE B 528 6.12 -25.62 -17.92
CA MSE B 528 5.91 -25.45 -16.49
C MSE B 528 7.24 -25.36 -15.77
O MSE B 528 7.38 -24.63 -14.80
CB MSE B 528 5.06 -26.59 -15.92
CG MSE B 528 4.73 -26.43 -14.45
SE MSE B 528 3.51 -24.95 -14.11
CE MSE B 528 1.98 -25.59 -15.12
N HIS B 529 8.22 -26.12 -16.26
CA HIS B 529 9.56 -26.03 -15.70
C HIS B 529 10.18 -24.67 -15.98
N ALA B 530 9.95 -24.13 -17.18
CA ALA B 530 10.51 -22.82 -17.51
C ALA B 530 9.82 -21.72 -16.74
N TRP B 531 8.50 -21.81 -16.56
CA TRP B 531 7.79 -20.84 -15.75
C TRP B 531 8.29 -20.84 -14.31
N LEU B 532 8.59 -22.02 -13.78
CA LEU B 532 9.09 -22.12 -12.42
C LEU B 532 10.57 -21.74 -12.34
N ARG B 533 11.36 -22.13 -13.35
CA ARG B 533 12.78 -21.79 -13.37
C ARG B 533 12.99 -20.29 -13.51
N GLY B 534 12.14 -19.60 -14.26
CA GLY B 534 12.23 -18.17 -14.43
C GLY B 534 12.77 -17.72 -15.76
N LYS B 535 13.21 -18.64 -16.62
CA LYS B 535 13.72 -18.27 -17.93
C LYS B 535 13.60 -19.47 -18.86
N GLY B 536 13.68 -19.19 -20.16
CA GLY B 536 13.58 -20.23 -21.16
C GLY B 536 14.81 -21.12 -21.18
N PRO B 537 14.79 -22.16 -22.02
CA PRO B 537 13.72 -22.56 -22.95
C PRO B 537 12.53 -23.18 -22.23
N PRO B 538 11.36 -23.28 -22.88
CA PRO B 538 11.03 -22.88 -24.25
C PRO B 538 10.80 -21.38 -24.46
N ASP B 539 10.34 -21.03 -25.65
CA ASP B 539 10.10 -19.64 -26.00
C ASP B 539 8.97 -19.07 -25.14
N PRO B 540 9.00 -17.77 -24.88
CA PRO B 540 7.88 -17.13 -24.18
C PRO B 540 6.55 -17.31 -24.90
N GLU B 541 6.56 -17.38 -26.23
CA GLU B 541 5.33 -17.59 -26.96
C GLU B 541 4.82 -19.02 -26.78
N THR B 542 5.72 -19.97 -26.53
CA THR B 542 5.29 -21.34 -26.26
C THR B 542 4.83 -21.51 -24.82
N VAL B 543 5.40 -20.75 -23.89
CA VAL B 543 4.93 -20.78 -22.51
C VAL B 543 3.52 -20.22 -22.42
N GLN B 544 3.22 -19.19 -23.21
CA GLN B 544 1.87 -18.65 -23.23
C GLN B 544 0.88 -19.66 -23.80
N GLN B 545 1.30 -20.41 -24.81
CA GLN B 545 0.38 -21.33 -25.48
C GLN B 545 0.18 -22.59 -24.66
N LYS B 546 1.24 -23.11 -24.07
CA LYS B 546 1.18 -24.41 -23.40
C LYS B 546 0.55 -24.30 -22.01
N LEU B 547 0.87 -23.25 -21.26
CA LEU B 547 0.32 -23.11 -19.92
C LEU B 547 -1.07 -22.49 -19.91
N TRP B 548 -1.39 -21.62 -20.86
CA TRP B 548 -2.63 -20.86 -20.82
C TRP B 548 -3.51 -21.09 -22.05
N LEU B 549 -3.04 -20.73 -23.24
CA LEU B 549 -3.93 -20.68 -24.41
C LEU B 549 -4.48 -22.05 -24.78
N THR B 550 -3.73 -23.13 -24.51
CA THR B 550 -4.25 -24.44 -24.85
C THR B 550 -5.34 -24.90 -23.91
N GLY B 551 -5.45 -24.28 -22.72
CA GLY B 551 -6.57 -24.57 -21.85
C GLY B 551 -7.84 -23.89 -22.30
N VAL B 552 -7.72 -22.70 -22.91
CA VAL B 552 -8.88 -22.05 -23.50
C VAL B 552 -9.45 -22.91 -24.63
N HIS B 553 -8.57 -23.52 -25.41
CA HIS B 553 -9.03 -24.46 -26.43
C HIS B 553 -9.69 -25.67 -25.80
N SER B 554 -9.16 -26.12 -24.66
CA SER B 554 -9.76 -27.25 -23.96
C SER B 554 -11.13 -26.88 -23.39
N PHE B 555 -11.28 -25.65 -22.90
CA PHE B 555 -12.59 -25.19 -22.47
C PHE B 555 -13.55 -25.08 -23.64
N GLU B 556 -13.08 -24.54 -24.77
CA GLU B 556 -13.94 -24.36 -25.93
C GLU B 556 -14.42 -25.69 -26.48
N ASP B 557 -13.49 -26.63 -26.72
CA ASP B 557 -13.87 -27.91 -27.29
C ASP B 557 -14.77 -28.70 -26.35
N ALA B 558 -14.59 -28.53 -25.03
CA ALA B 558 -15.45 -29.21 -24.07
C ALA B 558 -16.87 -28.68 -24.13
N VAL B 559 -17.03 -27.36 -24.29
CA VAL B 559 -18.36 -26.78 -24.37
C VAL B 559 -19.06 -27.21 -25.65
N THR B 560 -18.34 -27.24 -26.77
CA THR B 560 -18.93 -27.69 -28.01
C THR B 560 -19.32 -29.17 -27.96
N GLU B 561 -18.54 -29.97 -27.22
CA GLU B 561 -18.85 -31.39 -27.11
C GLU B 561 -20.19 -31.59 -26.41
N LEU B 562 -20.43 -30.86 -25.33
CA LEU B 562 -21.68 -31.00 -24.59
C LEU B 562 -22.84 -30.36 -25.34
N ALA B 563 -22.59 -29.24 -26.01
CA ALA B 563 -23.66 -28.55 -26.72
C ALA B 563 -24.15 -29.38 -27.90
N ALA B 564 -23.25 -30.09 -28.58
CA ALA B 564 -23.65 -30.93 -29.69
C ALA B 564 -24.38 -32.17 -29.20
N GLU B 565 -24.08 -32.64 -27.99
CA GLU B 565 -24.75 -33.80 -27.43
C GLU B 565 -26.14 -33.49 -26.91
N GLY B 566 -26.55 -32.23 -26.89
CA GLY B 566 -27.85 -31.87 -26.37
C GLY B 566 -27.90 -31.62 -24.89
N LEU B 567 -26.79 -31.19 -24.29
CA LEU B 567 -26.71 -30.97 -22.86
C LEU B 567 -26.81 -29.50 -22.48
N ILE B 568 -25.90 -28.67 -22.97
CA ILE B 568 -25.85 -27.26 -22.59
C ILE B 568 -26.19 -26.40 -23.79
N ASP B 569 -26.68 -25.19 -23.51
CA ASP B 569 -26.97 -24.20 -24.54
C ASP B 569 -25.74 -23.32 -24.74
N PRO B 570 -25.23 -23.19 -25.97
CA PRO B 570 -24.06 -22.35 -26.19
C PRO B 570 -24.34 -20.87 -25.99
N ALA B 571 -25.60 -20.44 -26.07
CA ALA B 571 -25.91 -19.03 -25.94
C ALA B 571 -25.72 -18.54 -24.52
N ARG B 572 -26.10 -19.35 -23.54
CA ARG B 572 -25.95 -19.01 -22.13
C ARG B 572 -24.92 -19.95 -21.52
N VAL B 573 -23.72 -19.43 -21.27
CA VAL B 573 -22.65 -20.20 -20.64
C VAL B 573 -21.68 -19.20 -20.03
N GLY B 574 -20.99 -19.62 -18.97
CA GLY B 574 -20.06 -18.75 -18.28
C GLY B 574 -18.90 -19.52 -17.71
N ILE B 575 -17.91 -18.78 -17.24
CA ILE B 575 -16.69 -19.36 -16.69
C ILE B 575 -16.38 -18.65 -15.37
N ALA B 576 -15.83 -19.41 -14.42
CA ALA B 576 -15.50 -18.87 -13.11
C ALA B 576 -14.26 -19.57 -12.59
N GLY B 577 -13.45 -18.84 -11.84
CA GLY B 577 -12.26 -19.39 -11.26
C GLY B 577 -11.55 -18.37 -10.41
N TYR B 578 -10.67 -18.87 -9.55
CA TYR B 578 -9.88 -18.03 -8.67
C TYR B 578 -8.42 -18.44 -8.75
N SER B 579 -7.54 -17.45 -8.57
CA SER B 579 -6.08 -17.63 -8.58
C SER B 579 -5.71 -18.26 -9.92
N ARG B 580 -5.15 -19.48 -9.95
CA ARG B 580 -4.85 -20.15 -11.20
C ARG B 580 -6.05 -20.19 -12.14
N GLY B 581 -7.26 -20.28 -11.58
CA GLY B 581 -8.45 -20.23 -12.42
C GLY B 581 -8.76 -18.83 -12.92
N SER B 582 -8.35 -17.81 -12.17
CA SER B 582 -8.56 -16.43 -12.61
C SER B 582 -7.73 -16.13 -13.85
N GLN B 583 -6.46 -16.55 -13.86
CA GLN B 583 -5.65 -16.43 -15.05
C GLN B 583 -6.30 -17.11 -16.25
N MSE B 584 -6.91 -18.26 -16.03
CA MSE B 584 -7.53 -19.00 -17.11
C MSE B 584 -8.87 -18.38 -17.49
O MSE B 584 -9.38 -18.61 -18.57
CB MSE B 584 -7.70 -20.48 -16.74
CG MSE B 584 -6.39 -21.17 -16.46
SE MSE B 584 -5.24 -21.21 -18.02
CE MSE B 584 -6.46 -22.09 -19.24
N VAL B 585 -9.44 -17.62 -16.55
CA VAL B 585 -10.65 -16.87 -16.88
C VAL B 585 -10.31 -15.60 -17.62
N ASN B 586 -9.26 -14.89 -17.17
CA ASN B 586 -8.86 -13.66 -17.85
C ASN B 586 -8.36 -13.92 -19.27
N VAL B 587 -7.64 -15.02 -19.47
CA VAL B 587 -7.14 -15.32 -20.80
C VAL B 587 -8.26 -15.80 -21.71
N THR B 588 -9.22 -16.54 -21.15
CA THR B 588 -10.30 -17.09 -21.95
C THR B 588 -11.20 -16.00 -22.51
N VAL B 589 -11.57 -15.03 -21.68
CA VAL B 589 -12.48 -13.99 -22.15
C VAL B 589 -11.82 -13.09 -23.19
N THR B 590 -10.49 -12.97 -23.15
CA THR B 590 -9.79 -12.19 -24.17
C THR B 590 -9.63 -12.98 -25.47
N ASN B 591 -9.27 -14.25 -25.38
CA ASN B 591 -8.96 -15.06 -26.55
C ASN B 591 -10.12 -15.94 -27.02
N SER B 592 -11.28 -15.85 -26.39
CA SER B 592 -12.42 -16.66 -26.79
C SER B 592 -13.70 -15.87 -26.63
N LYS B 593 -14.59 -16.01 -27.62
CA LYS B 593 -15.90 -15.37 -27.61
C LYS B 593 -17.03 -16.26 -27.13
N MSE B 594 -16.72 -17.48 -26.68
CA MSE B 594 -17.76 -18.46 -26.40
C MSE B 594 -18.47 -18.32 -25.06
O MSE B 594 -19.45 -19.00 -24.80
CB MSE B 594 -17.16 -19.88 -26.50
CG MSE B 594 -16.64 -20.25 -27.86
SE MSE B 594 -16.38 -22.17 -28.06
CE MSE B 594 -18.21 -22.74 -27.75
N PHE B 595 -17.97 -17.43 -24.19
CA PHE B 595 -18.49 -17.28 -22.84
C PHE B 595 -19.10 -15.91 -22.65
N ARG B 596 -20.36 -15.88 -22.19
CA ARG B 596 -21.09 -14.63 -22.06
C ARG B 596 -20.74 -13.89 -20.77
N ALA B 597 -20.57 -14.62 -19.66
CA ALA B 597 -20.27 -14.01 -18.37
C ALA B 597 -19.07 -14.70 -17.74
N ALA B 598 -18.43 -14.00 -16.80
CA ALA B 598 -17.24 -14.53 -16.17
C ALA B 598 -17.05 -13.91 -14.79
N SER B 599 -16.30 -14.62 -13.95
CA SER B 599 -15.89 -14.12 -12.65
C SER B 599 -14.50 -14.66 -12.35
N SER B 600 -13.63 -13.79 -11.84
CA SER B 600 -12.25 -14.18 -11.52
C SER B 600 -11.95 -13.79 -10.07
N GLY B 601 -11.80 -14.79 -9.21
CA GLY B 601 -11.46 -14.53 -7.82
C GLY B 601 -9.99 -14.20 -7.60
N ASP B 602 -9.75 -13.11 -6.89
CA ASP B 602 -8.45 -12.78 -6.30
C ASP B 602 -7.29 -13.02 -7.27
N GLY B 603 -7.42 -12.45 -8.47
CA GLY B 603 -6.47 -12.66 -9.54
C GLY B 603 -5.37 -11.61 -9.58
N GLY B 604 -4.94 -11.25 -10.78
CA GLY B 604 -3.92 -10.25 -10.98
C GLY B 604 -2.61 -10.75 -11.54
N PHE B 605 -2.42 -12.06 -11.69
CA PHE B 605 -1.25 -12.50 -12.42
C PHE B 605 -1.43 -12.23 -13.91
N LEU B 606 -0.30 -12.11 -14.61
CA LEU B 606 -0.15 -11.79 -16.02
C LEU B 606 -0.33 -10.30 -16.29
N GLU B 607 -0.68 -9.50 -15.30
CA GLU B 607 -0.85 -8.07 -15.54
C GLU B 607 0.46 -7.33 -15.32
N PRO B 608 0.67 -6.22 -16.03
CA PRO B 608 1.96 -5.52 -15.96
C PRO B 608 2.24 -4.89 -14.60
N ALA B 609 1.23 -4.66 -13.77
CA ALA B 609 1.46 -3.97 -12.51
C ALA B 609 2.28 -4.80 -11.55
N GLY B 610 2.13 -6.12 -11.58
CA GLY B 610 2.82 -7.00 -10.67
C GLY B 610 4.19 -7.44 -11.10
N TYR B 611 4.78 -6.82 -12.12
CA TYR B 611 6.10 -7.24 -12.57
C TYR B 611 7.16 -6.90 -11.53
N ALA B 612 7.14 -5.65 -11.03
CA ALA B 612 8.18 -5.19 -10.12
C ALA B 612 8.28 -6.02 -8.85
N THR B 613 7.28 -6.85 -8.56
CA THR B 613 7.32 -7.82 -7.48
C THR B 613 7.71 -9.20 -7.98
N GLY B 614 6.92 -9.75 -8.90
CA GLY B 614 7.04 -11.12 -9.38
C GLY B 614 7.98 -11.32 -10.56
N ARG B 615 9.01 -10.49 -10.69
CA ARG B 615 9.88 -10.46 -11.87
C ARG B 615 10.27 -11.86 -12.33
N SER B 616 10.65 -12.73 -11.39
CA SER B 616 11.07 -14.08 -11.76
C SER B 616 9.95 -14.85 -12.45
N SER B 617 8.70 -14.64 -12.01
CA SER B 617 7.60 -15.37 -12.61
C SER B 617 7.24 -14.83 -13.99
N TYR B 618 7.39 -13.53 -14.20
CA TYR B 618 6.99 -12.92 -15.46
C TYR B 618 8.00 -13.12 -16.57
N ASP B 619 9.30 -13.15 -16.25
CA ASP B 619 10.33 -13.15 -17.26
C ASP B 619 10.25 -14.35 -18.19
N ALA B 620 9.65 -15.45 -17.76
CA ALA B 620 9.49 -16.59 -18.65
C ALA B 620 8.33 -16.42 -19.60
N VAL B 621 7.25 -15.77 -19.15
CA VAL B 621 6.06 -15.64 -19.98
C VAL B 621 6.24 -14.56 -21.04
N TYR B 622 6.64 -13.36 -20.62
CA TYR B 622 6.76 -12.22 -21.53
C TYR B 622 8.17 -11.93 -21.99
N GLY B 623 9.17 -12.64 -21.47
CA GLY B 623 10.55 -12.42 -21.85
C GLY B 623 11.26 -11.30 -21.13
N GLY B 624 10.54 -10.38 -20.50
CA GLY B 624 11.18 -9.29 -19.79
C GLY B 624 10.16 -8.27 -19.34
N ALA B 625 10.67 -7.09 -18.98
CA ALA B 625 9.84 -6.01 -18.45
C ALA B 625 8.86 -5.51 -19.50
N PRO B 626 7.75 -4.92 -19.07
CA PRO B 626 6.78 -4.39 -20.04
C PRO B 626 7.32 -3.23 -20.87
N LEU B 627 8.23 -2.44 -20.31
CA LEU B 627 8.80 -1.29 -21.01
C LEU B 627 10.06 -1.64 -21.80
N SER B 628 10.46 -2.91 -21.81
CA SER B 628 11.64 -3.35 -22.55
C SER B 628 11.24 -3.64 -23.99
N ASP B 629 12.17 -4.26 -24.74
CA ASP B 629 11.91 -4.65 -26.12
C ASP B 629 10.83 -5.72 -26.23
N ASN B 630 10.37 -6.27 -25.11
CA ASN B 630 9.33 -7.28 -25.07
C ASN B 630 7.94 -6.67 -24.98
N ILE B 631 7.84 -5.35 -25.08
CA ILE B 631 6.55 -4.65 -24.94
C ILE B 631 5.50 -5.28 -25.85
N GLU B 632 5.92 -5.74 -27.03
CA GLU B 632 4.96 -6.34 -27.95
C GLU B 632 4.48 -7.69 -27.48
N ARG B 633 5.24 -8.38 -26.63
CA ARG B 633 4.80 -9.66 -26.09
C ARG B 633 3.70 -9.48 -25.06
N TRP B 634 3.79 -8.44 -24.25
CA TRP B 634 2.74 -8.15 -23.27
C TRP B 634 1.43 -7.78 -23.97
N ARG B 635 1.52 -7.00 -25.04
CA ARG B 635 0.32 -6.45 -25.66
C ARG B 635 -0.54 -7.53 -26.32
N ARG B 636 0.07 -8.64 -26.73
CA ARG B 636 -0.71 -9.71 -27.35
C ARG B 636 -1.42 -10.58 -26.32
N PHE B 637 -0.86 -10.67 -25.11
CA PHE B 637 -1.26 -11.67 -24.13
C PHE B 637 -1.94 -11.06 -22.91
N ALA B 638 -1.24 -10.17 -22.19
CA ALA B 638 -1.70 -9.66 -20.91
C ALA B 638 -3.15 -9.18 -21.00
N PRO B 639 -4.05 -9.69 -20.16
CA PRO B 639 -5.47 -9.41 -20.36
C PRO B 639 -5.85 -7.96 -20.18
N SER B 640 -5.11 -7.20 -19.38
CA SER B 640 -5.46 -5.79 -19.19
C SER B 640 -5.19 -4.97 -20.44
N LEU B 641 -4.23 -5.39 -21.26
CA LEU B 641 -3.94 -4.69 -22.51
C LEU B 641 -4.85 -5.13 -23.66
N ASN B 642 -5.53 -6.27 -23.52
CA ASN B 642 -6.45 -6.80 -24.51
C ASN B 642 -7.89 -6.41 -24.25
N ALA B 643 -8.14 -5.50 -23.30
CA ALA B 643 -9.48 -5.26 -22.78
C ALA B 643 -10.54 -5.06 -23.87
N ASP B 644 -10.14 -4.60 -25.05
CA ASP B 644 -11.09 -4.38 -26.12
C ASP B 644 -11.45 -5.66 -26.88
N LYS B 645 -10.87 -6.79 -26.50
CA LYS B 645 -11.24 -8.09 -27.05
C LYS B 645 -12.30 -8.81 -26.22
N VAL B 646 -12.73 -8.24 -25.10
CA VAL B 646 -13.60 -8.92 -24.14
C VAL B 646 -15.02 -8.40 -24.34
N CYS B 647 -15.88 -9.26 -24.86
CA CYS B 647 -17.30 -8.95 -24.95
C CYS B 647 -18.14 -9.58 -23.85
N ALA B 648 -17.52 -10.28 -22.90
CA ALA B 648 -18.23 -10.90 -21.81
C ALA B 648 -18.38 -9.94 -20.64
N ALA B 649 -19.06 -10.41 -19.58
CA ALA B 649 -19.23 -9.65 -18.35
C ALA B 649 -18.29 -10.21 -17.31
N VAL B 650 -17.39 -9.37 -16.79
CA VAL B 650 -16.30 -9.81 -15.94
C VAL B 650 -16.50 -9.24 -14.54
N LEU B 651 -16.76 -10.12 -13.59
CA LEU B 651 -16.82 -9.76 -12.18
C LEU B 651 -15.54 -10.19 -11.48
N GLN B 652 -15.01 -9.32 -10.64
CA GLN B 652 -13.80 -9.62 -9.86
C GLN B 652 -14.14 -9.56 -8.38
N GLN B 653 -14.00 -10.69 -7.71
CA GLN B 653 -14.15 -10.78 -6.26
C GLN B 653 -12.75 -10.84 -5.64
N VAL B 654 -12.40 -9.81 -4.89
CA VAL B 654 -11.01 -9.49 -4.57
C VAL B 654 -10.88 -9.22 -3.09
N ALA B 655 -10.01 -9.98 -2.41
CA ALA B 655 -9.65 -9.65 -1.04
C ALA B 655 -8.34 -8.88 -0.89
N SER B 656 -7.50 -8.82 -1.93
CA SER B 656 -6.19 -8.18 -1.79
C SER B 656 -6.13 -6.74 -2.29
N ALA B 657 -7.10 -6.29 -3.07
CA ALA B 657 -7.11 -4.95 -3.67
C ALA B 657 -5.75 -4.58 -4.26
N SER B 658 -5.18 -5.50 -5.03
CA SER B 658 -3.84 -5.31 -5.55
C SER B 658 -3.85 -4.48 -6.82
N PRO B 659 -2.74 -3.80 -7.12
CA PRO B 659 -2.71 -2.95 -8.32
C PRO B 659 -2.90 -3.71 -9.62
N SER B 660 -2.63 -5.01 -9.65
CA SER B 660 -2.85 -5.78 -10.86
C SER B 660 -4.32 -6.06 -11.10
N GLN B 661 -5.11 -6.17 -10.03
CA GLN B 661 -6.54 -6.42 -10.18
C GLN B 661 -7.30 -5.15 -10.50
N ILE B 662 -6.85 -4.02 -9.96
CA ILE B 662 -7.48 -2.74 -10.29
C ILE B 662 -7.19 -2.37 -11.74
N GLU B 663 -5.97 -2.64 -12.21
CA GLU B 663 -5.60 -2.33 -13.58
C GLU B 663 -6.48 -3.07 -14.58
N LEU B 664 -6.74 -4.35 -14.33
CA LEU B 664 -7.61 -5.12 -15.21
C LEU B 664 -9.03 -4.56 -15.20
N PHE B 665 -9.48 -4.05 -14.06
CA PHE B 665 -10.82 -3.47 -13.98
C PHE B 665 -10.90 -2.16 -14.74
N GLU B 666 -9.97 -1.24 -14.46
CA GLU B 666 -9.98 0.05 -15.13
C GLU B 666 -9.80 -0.10 -16.63
N ALA B 667 -9.03 -1.08 -17.06
CA ALA B 667 -8.85 -1.32 -18.49
C ALA B 667 -10.11 -1.86 -19.14
N LEU B 668 -10.78 -2.80 -18.46
CA LEU B 668 -12.03 -3.33 -18.99
C LEU B 668 -13.13 -2.28 -19.00
N ARG B 669 -13.11 -1.36 -18.03
CA ARG B 669 -14.13 -0.32 -17.99
C ARG B 669 -13.88 0.75 -19.05
N ALA B 670 -12.61 1.07 -19.29
CA ALA B 670 -12.27 2.02 -20.34
C ALA B 670 -12.62 1.50 -21.73
N ALA B 671 -12.73 0.19 -21.89
CA ALA B 671 -13.09 -0.43 -23.16
C ALA B 671 -14.58 -0.61 -23.32
N GLY B 672 -15.38 -0.12 -22.38
CA GLY B 672 -16.81 -0.27 -22.45
C GLY B 672 -17.34 -1.61 -22.00
N VAL B 673 -16.44 -2.54 -21.64
CA VAL B 673 -16.88 -3.84 -21.16
C VAL B 673 -17.62 -3.69 -19.85
N ALA B 674 -18.64 -4.53 -19.65
CA ALA B 674 -19.36 -4.54 -18.39
C ALA B 674 -18.55 -5.30 -17.36
N THR B 675 -18.16 -4.62 -16.29
CA THR B 675 -17.28 -5.22 -15.30
C THR B 675 -17.55 -4.60 -13.94
N GLN B 676 -17.24 -5.36 -12.91
CA GLN B 676 -17.39 -4.93 -11.53
C GLN B 676 -16.32 -5.61 -10.69
N ILE B 677 -15.77 -4.89 -9.73
CA ILE B 677 -14.78 -5.42 -8.80
C ILE B 677 -15.33 -5.29 -7.39
N SER B 678 -15.54 -6.43 -6.72
CA SER B 678 -16.05 -6.48 -5.36
C SER B 678 -14.90 -6.75 -4.40
N TYR B 679 -14.70 -5.84 -3.45
CA TYR B 679 -13.59 -5.92 -2.50
C TYR B 679 -14.15 -6.24 -1.13
N TYR B 680 -13.87 -7.45 -0.65
CA TYR B 680 -14.38 -7.97 0.62
C TYR B 680 -13.36 -7.75 1.71
N PRO B 681 -13.75 -7.15 2.83
CA PRO B 681 -12.77 -6.78 3.85
C PRO B 681 -12.56 -7.85 4.90
N GLY B 682 -11.71 -7.55 5.87
CA GLY B 682 -11.49 -8.41 7.01
C GLY B 682 -12.50 -8.15 8.11
N ALA B 683 -12.26 -8.80 9.26
CA ALA B 683 -13.11 -8.60 10.41
C ALA B 683 -13.04 -7.18 10.93
N THR B 684 -11.95 -6.49 10.68
CA THR B 684 -11.77 -5.11 11.08
C THR B 684 -10.99 -4.39 9.98
N ALA B 685 -11.02 -3.06 10.04
CA ALA B 685 -10.18 -2.27 9.14
C ALA B 685 -8.71 -2.51 9.36
N ALA B 686 -8.33 -3.19 10.45
CA ALA B 686 -6.94 -3.46 10.76
C ALA B 686 -6.48 -4.83 10.26
N SER B 687 -7.37 -5.61 9.66
CA SER B 687 -7.02 -6.94 9.17
C SER B 687 -7.67 -7.17 7.83
N ASP B 688 -7.06 -8.03 7.04
CA ASP B 688 -7.52 -8.31 5.69
C ASP B 688 -8.26 -9.66 5.66
N GLU B 689 -8.72 -10.00 4.47
CA GLU B 689 -9.33 -11.30 4.22
C GLU B 689 -8.35 -12.17 3.45
N THR B 690 -8.30 -13.45 3.81
CA THR B 690 -7.34 -14.35 3.22
C THR B 690 -7.72 -14.66 1.77
N HIS B 691 -6.71 -15.14 1.02
CA HIS B 691 -6.94 -15.55 -0.36
C HIS B 691 -8.10 -16.53 -0.46
N VAL B 692 -8.19 -17.47 0.46
CA VAL B 692 -9.38 -18.30 0.64
C VAL B 692 -10.18 -17.70 1.79
N PHE B 693 -11.45 -17.40 1.53
CA PHE B 693 -12.21 -16.59 2.47
C PHE B 693 -12.49 -17.36 3.75
N TYR B 694 -12.01 -16.82 4.88
CA TYR B 694 -12.30 -17.39 6.19
C TYR B 694 -13.42 -16.70 6.92
N LEU B 695 -13.98 -15.63 6.37
CA LEU B 695 -15.04 -14.88 7.03
C LEU B 695 -16.39 -15.33 6.50
N THR B 696 -17.32 -15.59 7.43
CA THR B 696 -18.58 -16.20 7.07
C THR B 696 -19.43 -15.28 6.21
N THR B 697 -19.50 -13.99 6.58
CA THR B 697 -20.34 -13.06 5.83
C THR B 697 -19.80 -12.83 4.44
N ASN B 698 -18.47 -12.73 4.30
CA ASN B 698 -17.86 -12.43 3.02
C ASN B 698 -18.17 -13.52 2.00
N ARG B 699 -17.81 -14.77 2.31
CA ARG B 699 -18.02 -15.85 1.35
C ARG B 699 -19.48 -16.27 1.24
N LEU B 700 -20.35 -15.79 2.13
CA LEU B 700 -21.76 -16.14 2.03
C LEU B 700 -22.44 -15.32 0.95
N ARG B 701 -22.22 -14.00 0.95
CA ARG B 701 -22.81 -13.16 -0.08
C ARG B 701 -22.00 -13.15 -1.37
N ALA B 702 -20.71 -13.53 -1.31
CA ALA B 702 -19.94 -13.72 -2.52
C ALA B 702 -20.52 -14.84 -3.37
N MSE B 703 -21.03 -15.89 -2.73
CA MSE B 703 -21.75 -16.94 -3.43
C MSE B 703 -23.03 -16.37 -4.02
O MSE B 703 -23.44 -16.72 -5.12
CB MSE B 703 -22.07 -18.11 -2.51
CG MSE B 703 -20.85 -18.84 -1.97
SE MSE B 703 -21.30 -20.31 -0.79
CE MSE B 703 -19.49 -20.84 -0.31
N ARG B 704 -23.66 -15.47 -3.25
CA ARG B 704 -24.89 -14.84 -3.72
C ARG B 704 -24.62 -13.88 -4.86
N GLU B 705 -23.45 -13.23 -4.84
CA GLU B 705 -23.11 -12.29 -5.91
C GLU B 705 -22.92 -13.00 -7.23
N ASN B 706 -22.24 -14.16 -7.21
CA ASN B 706 -22.05 -14.93 -8.43
C ASN B 706 -23.37 -15.44 -8.98
N ILE B 707 -24.26 -15.91 -8.09
CA ILE B 707 -25.60 -16.31 -8.52
C ILE B 707 -26.33 -15.14 -9.15
N ALA B 708 -26.26 -13.97 -8.51
CA ALA B 708 -26.89 -12.79 -9.06
C ALA B 708 -26.21 -12.32 -10.34
N TRP B 709 -24.89 -12.54 -10.44
CA TRP B 709 -24.16 -12.09 -11.61
C TRP B 709 -24.49 -12.93 -12.83
N PHE B 710 -24.43 -14.26 -12.70
CA PHE B 710 -24.69 -15.12 -13.83
C PHE B 710 -26.17 -15.14 -14.20
N ASP B 711 -27.06 -15.10 -13.21
CA ASP B 711 -28.49 -15.09 -13.51
C ASP B 711 -28.88 -13.85 -14.29
N TYR B 712 -28.23 -12.71 -14.03
CA TYR B 712 -28.56 -11.49 -14.74
C TYR B 712 -28.05 -11.53 -16.16
N TRP B 713 -26.77 -11.87 -16.34
CA TRP B 713 -26.17 -11.82 -17.67
C TRP B 713 -26.56 -13.04 -18.50
N LEU B 714 -26.43 -14.24 -17.95
CA LEU B 714 -26.79 -15.44 -18.71
C LEU B 714 -28.30 -15.60 -18.84
N LEU B 715 -29.01 -15.61 -17.70
CA LEU B 715 -30.43 -15.95 -17.69
C LEU B 715 -31.35 -14.74 -17.78
N ASP B 716 -30.82 -13.52 -17.64
CA ASP B 716 -31.65 -12.30 -17.57
C ASP B 716 -32.70 -12.43 -16.48
N LYS B 717 -32.26 -12.78 -15.27
CA LYS B 717 -33.12 -12.94 -14.12
C LYS B 717 -32.70 -11.99 -13.02
N ARG B 718 -33.69 -11.41 -12.33
CA ARG B 718 -33.46 -10.48 -11.25
C ARG B 718 -34.03 -11.03 -9.96
N ASP B 719 -33.50 -10.55 -8.84
CA ASP B 719 -33.96 -11.01 -7.54
C ASP B 719 -33.72 -9.92 -6.50
N ALA B 720 -34.55 -9.94 -5.45
CA ALA B 720 -34.32 -9.13 -4.27
C ALA B 720 -33.40 -9.82 -3.27
N ASP B 721 -33.12 -11.11 -3.47
CA ASP B 721 -32.16 -11.83 -2.64
C ASP B 721 -30.73 -11.41 -2.91
N ALA B 722 -30.50 -10.58 -3.92
CA ALA B 722 -29.16 -10.09 -4.19
C ALA B 722 -28.65 -9.30 -2.98
N PRO B 723 -27.42 -9.55 -2.52
CA PRO B 723 -26.94 -8.87 -1.31
C PRO B 723 -26.80 -7.38 -1.47
N PHE B 724 -26.71 -6.87 -2.70
CA PHE B 724 -26.53 -5.45 -2.96
C PHE B 724 -27.58 -5.01 -3.98
N PRO B 725 -28.72 -4.50 -3.52
CA PRO B 725 -29.82 -4.17 -4.44
C PRO B 725 -29.47 -3.05 -5.41
N ASP B 726 -28.49 -2.20 -5.09
CA ASP B 726 -28.12 -1.11 -5.98
C ASP B 726 -27.49 -1.59 -7.28
N HIS B 727 -27.10 -2.87 -7.36
CA HIS B 727 -26.31 -3.33 -8.49
C HIS B 727 -27.16 -3.63 -9.71
N VAL B 728 -28.34 -4.22 -9.52
CA VAL B 728 -29.16 -4.64 -10.65
C VAL B 728 -29.51 -3.45 -11.54
N VAL B 729 -29.62 -2.25 -10.96
CA VAL B 729 -29.81 -1.06 -11.77
C VAL B 729 -28.51 -0.64 -12.43
N LYS B 730 -27.40 -0.72 -11.69
CA LYS B 730 -26.09 -0.39 -12.25
C LYS B 730 -25.74 -1.33 -13.38
N TRP B 731 -26.13 -2.60 -13.28
CA TRP B 731 -25.85 -3.56 -14.34
C TRP B 731 -26.65 -3.24 -15.60
N ASP B 732 -27.83 -2.63 -15.45
CA ASP B 732 -28.59 -2.21 -16.63
C ASP B 732 -27.86 -1.10 -17.37
N ARG B 733 -27.29 -0.14 -16.63
CA ARG B 733 -26.51 0.91 -17.26
C ARG B 733 -25.28 0.34 -17.96
N LEU B 734 -24.61 -0.63 -17.33
CA LEU B 734 -23.43 -1.24 -17.94
C LEU B 734 -23.82 -2.04 -19.18
N LYS B 735 -24.96 -2.73 -19.13
CA LYS B 735 -25.44 -3.49 -20.28
C LYS B 735 -25.83 -2.56 -21.43
N LYS B 736 -26.38 -1.39 -21.11
CA LYS B 736 -26.83 -0.47 -22.14
C LYS B 736 -25.68 0.27 -22.80
N ASN B 737 -24.60 0.51 -22.07
CA ASN B 737 -23.43 1.20 -22.60
C ASN B 737 -22.44 0.28 -23.28
N LEU B 738 -22.77 -1.00 -23.42
CA LEU B 738 -21.91 -1.94 -24.10
C LEU B 738 -21.59 -1.43 -25.51
N PRO B 739 -20.34 -1.55 -25.96
CA PRO B 739 -19.99 -1.08 -27.30
C PRO B 739 -20.67 -1.92 -28.38
N ASP B 740 -20.68 -1.36 -29.59
CA ASP B 740 -21.30 -2.04 -30.72
C ASP B 740 -20.57 -3.32 -31.10
N ARG B 741 -19.35 -3.51 -30.61
CA ARG B 741 -18.55 -4.67 -30.99
C ARG B 741 -19.23 -5.98 -30.60
N CYS B 742 -19.93 -5.99 -29.47
CA CYS B 742 -20.35 -7.24 -28.85
C CYS B 742 -21.61 -7.83 -29.47
N ALA B 743 -22.60 -7.00 -29.79
CA ALA B 743 -23.90 -7.47 -30.26
C ALA B 743 -23.80 -8.40 -31.47
C2 BGC C . -6.28 39.83 13.70
C3 BGC C . -7.34 38.74 13.77
C4 BGC C . -8.16 38.68 12.49
C5 BGC C . -7.26 38.68 11.26
C6 BGC C . -8.09 38.75 9.98
C1 BGC C . -5.49 39.72 12.40
O1 BGC C . -4.57 40.78 12.32
O2 BGC C . -5.41 39.73 14.79
O3 BGC C . -8.21 38.99 14.85
O4 BGC C . -8.95 37.52 12.48
O5 BGC C . -6.36 39.77 11.30
O6 BGC C . -8.92 37.61 9.92
C2 BGC D . -17.81 -49.81 3.93
C3 BGC D . -17.65 -48.57 3.05
C4 BGC D . -16.34 -48.59 2.30
C5 BGC D . -16.13 -49.94 1.61
C6 BGC D . -14.77 -50.00 0.93
C1 BGC D . -17.49 -51.08 3.14
O1 BGC D . -17.53 -52.18 4.01
O2 BGC D . -19.13 -49.88 4.42
O3 BGC D . -17.72 -47.41 3.86
O4 BGC D . -16.33 -47.56 1.32
O5 BGC D . -16.21 -50.97 2.56
O6 BGC D . -14.72 -49.03 -0.10
#